data_4CS1
# 
_entry.id   4CS1 
# 
_audit_conform.dict_name       mmcif_pdbx.dic 
_audit_conform.dict_version    5.383 
_audit_conform.dict_location   http://mmcif.pdb.org/dictionaries/ascii/mmcif_pdbx.dic 
# 
loop_
_database_2.database_id 
_database_2.database_code 
_database_2.pdbx_database_accession 
_database_2.pdbx_DOI 
PDB   4CS1         pdb_00004cs1 10.2210/pdb4cs1/pdb 
PDBE  EBI-59872    ?            ?                   
WWPDB D_1290059872 ?            ?                   
# 
_pdbx_database_status.status_code                     REL 
_pdbx_database_status.entry_id                        4CS1 
_pdbx_database_status.deposit_site                    PDBE 
_pdbx_database_status.process_site                    PDBE 
_pdbx_database_status.SG_entry                        . 
_pdbx_database_status.recvd_initial_deposition_date   2014-03-03 
_pdbx_database_status.pdb_format_compatible           Y 
_pdbx_database_status.status_code_sf                  REL 
_pdbx_database_status.status_code_mr                  ? 
_pdbx_database_status.status_code_cs                  ? 
_pdbx_database_status.methods_development_category    ? 
_pdbx_database_status.status_code_nmr_data            ? 
# 
loop_
_audit_author.name 
_audit_author.pdbx_ordinal 
'Huang, L.'      1 
'Lilley, D.M.J.' 2 
# 
_citation.id                        primary 
_citation.title                     
'A Critical Base Pair in K-Turns that Confers Folding Characteristics and Correlates with Biological Function.' 
_citation.journal_abbrev            Nat.Commun. 
_citation.journal_volume            5 
_citation.page_first                5127 
_citation.page_last                 ? 
_citation.year                      2014 
_citation.journal_id_ASTM           ? 
_citation.country                   UK 
_citation.journal_id_ISSN           2041-1723 
_citation.journal_id_CSD            ? 
_citation.book_publisher            ? 
_citation.pdbx_database_id_PubMed   25351101 
_citation.pdbx_database_id_DOI      10.1038/NCOMMS6127 
# 
loop_
_citation_author.citation_id 
_citation_author.name 
_citation_author.ordinal 
_citation_author.identifier_ORCID 
primary 'Mcphee, S.A.'   1 ? 
primary 'Huang, L.'      2 ? 
primary 'Lilley, D.M.J.' 3 ? 
# 
_cell.entry_id           4CS1 
_cell.length_a           70.081 
_cell.length_b           70.081 
_cell.length_c           47.518 
_cell.angle_alpha        90.00 
_cell.angle_beta         90.00 
_cell.angle_gamma        120.00 
_cell.Z_PDB              12 
_cell.pdbx_unique_axis   ? 
# 
_symmetry.entry_id                         4CS1 
_symmetry.space_group_name_H-M             'P 63 2 2' 
_symmetry.pdbx_full_space_group_name_H-M   ? 
_symmetry.cell_setting                     ? 
_symmetry.Int_Tables_number                182 
# 
loop_
_entity.id 
_entity.type 
_entity.src_method 
_entity.pdbx_description 
_entity.formula_weight 
_entity.pdbx_number_of_molecules 
_entity.pdbx_ec 
_entity.pdbx_mutation 
_entity.pdbx_fragment 
_entity.details 
1 polymer     syn 
;5'-(*GP*GP*CP*GP*AP*AP*GP*AP*AP*CP*CP*GP*GP*GP *GP*AP*GP*CP*CP)-3'
;
6233.833 1  ? ? ? ? 
2 non-polymer syn 'MAGNESIUM ION'                                                      24.305   2  ? ? ? ? 
3 water       nat water                                                                18.015   23 ? ? ? ? 
# 
_entity_poly.entity_id                      1 
_entity_poly.type                           polyribonucleotide 
_entity_poly.nstd_linkage                   no 
_entity_poly.nstd_monomer                   no 
_entity_poly.pdbx_seq_one_letter_code       GGCGAAGAACCGGGGAGCC 
_entity_poly.pdbx_seq_one_letter_code_can   GGCGAAGAACCGGGGAGCC 
_entity_poly.pdbx_strand_id                 A 
_entity_poly.pdbx_target_identifier         ? 
# 
loop_
_entity_poly_seq.entity_id 
_entity_poly_seq.num 
_entity_poly_seq.mon_id 
_entity_poly_seq.hetero 
1 1  G n 
1 2  G n 
1 3  C n 
1 4  G n 
1 5  A n 
1 6  A n 
1 7  G n 
1 8  A n 
1 9  A n 
1 10 C n 
1 11 C n 
1 12 G n 
1 13 G n 
1 14 G n 
1 15 G n 
1 16 A n 
1 17 G n 
1 18 C n 
1 19 C n 
# 
_pdbx_entity_src_syn.entity_id              1 
_pdbx_entity_src_syn.pdbx_src_id            1 
_pdbx_entity_src_syn.pdbx_alt_source_flag   sample 
_pdbx_entity_src_syn.pdbx_beg_seq_num       ? 
_pdbx_entity_src_syn.pdbx_end_seq_num       ? 
_pdbx_entity_src_syn.organism_scientific    'HALOARCULA MARISMORTUI' 
_pdbx_entity_src_syn.organism_common_name   ? 
_pdbx_entity_src_syn.ncbi_taxonomy_id       2238 
_pdbx_entity_src_syn.details                ? 
# 
_struct_ref.id                         1 
_struct_ref.db_name                    PDB 
_struct_ref.db_code                    4CS1 
_struct_ref.entity_id                  1 
_struct_ref.pdbx_seq_one_letter_code   ? 
_struct_ref.pdbx_align_begin           ? 
_struct_ref.pdbx_db_accession          4CS1 
_struct_ref.pdbx_db_isoform            ? 
# 
_struct_ref_seq.align_id                      1 
_struct_ref_seq.ref_id                        1 
_struct_ref_seq.pdbx_PDB_id_code              4CS1 
_struct_ref_seq.pdbx_strand_id                A 
_struct_ref_seq.seq_align_beg                 1 
_struct_ref_seq.pdbx_seq_align_beg_ins_code   ? 
_struct_ref_seq.seq_align_end                 19 
_struct_ref_seq.pdbx_seq_align_end_ins_code   ? 
_struct_ref_seq.pdbx_db_accession             4CS1 
_struct_ref_seq.db_align_beg                  1 
_struct_ref_seq.pdbx_db_align_beg_ins_code    ? 
_struct_ref_seq.db_align_end                  19 
_struct_ref_seq.pdbx_db_align_end_ins_code    ? 
_struct_ref_seq.pdbx_auth_seq_align_beg       1 
_struct_ref_seq.pdbx_auth_seq_align_end       19 
# 
loop_
_chem_comp.id 
_chem_comp.type 
_chem_comp.mon_nstd_flag 
_chem_comp.name 
_chem_comp.pdbx_synonyms 
_chem_comp.formula 
_chem_comp.formula_weight 
A   'RNA linking' y "ADENOSINE-5'-MONOPHOSPHATE" ? 'C10 H14 N5 O7 P' 347.221 
C   'RNA linking' y "CYTIDINE-5'-MONOPHOSPHATE"  ? 'C9 H14 N3 O8 P'  323.197 
G   'RNA linking' y "GUANOSINE-5'-MONOPHOSPHATE" ? 'C10 H14 N5 O8 P' 363.221 
HOH non-polymer   . WATER                        ? 'H2 O'            18.015  
MG  non-polymer   . 'MAGNESIUM ION'              ? 'Mg 2'            24.305  
# 
_exptl.entry_id          4CS1 
_exptl.method            'X-RAY DIFFRACTION' 
_exptl.crystals_number   1 
# 
_exptl_crystal.id                    1 
_exptl_crystal.density_meas          ? 
_exptl_crystal.density_Matthews      2.53 
_exptl_crystal.density_percent_sol   51.44 
_exptl_crystal.description           NONE 
# 
_exptl_crystal_grow.crystal_id      1 
_exptl_crystal_grow.method          ? 
_exptl_crystal_grow.temp            ? 
_exptl_crystal_grow.temp_details    ? 
_exptl_crystal_grow.pH              4 
_exptl_crystal_grow.pdbx_pH_range   ? 
_exptl_crystal_grow.pdbx_details    '3.5 M SODIUM FORMATE, 0.1 M SODIUM ACETATE PH 4.6' 
# 
_diffrn.id                     1 
_diffrn.ambient_temp           100 
_diffrn.ambient_temp_details   ? 
_diffrn.crystal_id             1 
# 
_diffrn_detector.diffrn_id              1 
_diffrn_detector.detector               PIXEL 
_diffrn_detector.type                   'DECTRIS PILATUS 6M' 
_diffrn_detector.pdbx_collection_date   2013-08-05 
_diffrn_detector.details                ? 
# 
_diffrn_radiation.diffrn_id                        1 
_diffrn_radiation.wavelength_id                    1 
_diffrn_radiation.pdbx_monochromatic_or_laue_m_l   M 
_diffrn_radiation.monochromator                    ? 
_diffrn_radiation.pdbx_diffrn_protocol             'SINGLE WAVELENGTH' 
_diffrn_radiation.pdbx_scattering_type             x-ray 
# 
_diffrn_radiation_wavelength.id           1 
_diffrn_radiation_wavelength.wavelength   0.9763 
_diffrn_radiation_wavelength.wt           1.0 
# 
_diffrn_source.diffrn_id                   1 
_diffrn_source.source                      SYNCHROTRON 
_diffrn_source.type                        'DIAMOND BEAMLINE I03' 
_diffrn_source.pdbx_synchrotron_site       Diamond 
_diffrn_source.pdbx_synchrotron_beamline   I03 
_diffrn_source.pdbx_wavelength             0.9763 
_diffrn_source.pdbx_wavelength_list        ? 
# 
_reflns.pdbx_diffrn_id               1 
_reflns.pdbx_ordinal                 1 
_reflns.entry_id                     4CS1 
_reflns.observed_criterion_sigma_I   1.4 
_reflns.observed_criterion_sigma_F   ? 
_reflns.d_resolution_low             37.40 
_reflns.d_resolution_high            2.00 
_reflns.number_obs                   4920 
_reflns.number_all                   ? 
_reflns.percent_possible_obs         98.4 
_reflns.pdbx_Rmerge_I_obs            0.06 
_reflns.pdbx_Rsym_value              ? 
_reflns.pdbx_netI_over_sigmaI        14.80 
_reflns.B_iso_Wilson_estimate        42.78 
_reflns.pdbx_redundancy              6.3 
# 
_reflns_shell.pdbx_diffrn_id         1 
_reflns_shell.pdbx_ordinal           1 
_reflns_shell.d_res_high             2.00 
_reflns_shell.d_res_low              2.05 
_reflns_shell.percent_possible_all   99.6 
_reflns_shell.Rmerge_I_obs           1.33 
_reflns_shell.pdbx_Rsym_value        ? 
_reflns_shell.meanI_over_sigI_obs    1.40 
_reflns_shell.pdbx_redundancy        6.4 
# 
_refine.pdbx_refine_id                           'X-RAY DIFFRACTION' 
_refine.entry_id                                 4CS1 
_refine.pdbx_diffrn_id                           1 
_refine.pdbx_TLS_residual_ADP_flag               ? 
_refine.ls_number_reflns_obs                     4916 
_refine.ls_number_reflns_all                     ? 
_refine.pdbx_ls_sigma_I                          ? 
_refine.pdbx_ls_sigma_F                          1.35 
_refine.pdbx_data_cutoff_high_absF               ? 
_refine.pdbx_data_cutoff_low_absF                ? 
_refine.pdbx_data_cutoff_high_rms_absF           ? 
_refine.ls_d_res_low                             37.415 
_refine.ls_d_res_high                            2.000 
_refine.ls_percent_reflns_obs                    98.32 
_refine.ls_R_factor_obs                          0.1866 
_refine.ls_R_factor_all                          ? 
_refine.ls_R_factor_R_work                       0.1844 
_refine.ls_R_factor_R_free                       0.2344 
_refine.ls_R_factor_R_free_error                 ? 
_refine.ls_R_factor_R_free_error_details         ? 
_refine.ls_percent_reflns_R_free                 4.6 
_refine.ls_number_reflns_R_free                  225 
_refine.ls_number_parameters                     ? 
_refine.ls_number_restraints                     ? 
_refine.occupancy_min                            ? 
_refine.occupancy_max                            ? 
_refine.correlation_coeff_Fo_to_Fc               ? 
_refine.correlation_coeff_Fo_to_Fc_free          ? 
_refine.B_iso_mean                               47.60 
_refine.aniso_B[1][1]                            ? 
_refine.aniso_B[2][2]                            ? 
_refine.aniso_B[3][3]                            ? 
_refine.aniso_B[1][2]                            ? 
_refine.aniso_B[1][3]                            ? 
_refine.aniso_B[2][3]                            ? 
_refine.solvent_model_details                    'FLAT BULK SOLVENT MODEL' 
_refine.solvent_model_param_ksol                 ? 
_refine.solvent_model_param_bsol                 ? 
_refine.pdbx_solvent_vdw_probe_radii             1.11 
_refine.pdbx_solvent_ion_probe_radii             ? 
_refine.pdbx_solvent_shrinkage_radii             0.90 
_refine.pdbx_ls_cross_valid_method               ? 
_refine.details                                  ? 
_refine.pdbx_starting_model                      'PDB ENTRY 4C40' 
_refine.pdbx_method_to_determine_struct          'MOLECULAR REPLACEMENT' 
_refine.pdbx_isotropic_thermal_model             ? 
_refine.pdbx_stereochemistry_target_values       ML 
_refine.pdbx_stereochem_target_val_spec_case     ? 
_refine.pdbx_R_Free_selection_details            ? 
_refine.pdbx_overall_ESU_R                       ? 
_refine.pdbx_overall_ESU_R_Free                  ? 
_refine.overall_SU_ML                            0.21 
_refine.pdbx_overall_phase_error                 25.97 
_refine.overall_SU_B                             ? 
_refine.overall_SU_R_Cruickshank_DPI             ? 
_refine.pdbx_overall_SU_R_free_Cruickshank_DPI   ? 
_refine.pdbx_overall_SU_R_Blow_DPI               ? 
_refine.pdbx_overall_SU_R_free_Blow_DPI          ? 
# 
_refine_hist.pdbx_refine_id                   'X-RAY DIFFRACTION' 
_refine_hist.cycle_id                         LAST 
_refine_hist.pdbx_number_atoms_protein        0 
_refine_hist.pdbx_number_atoms_nucleic_acid   417 
_refine_hist.pdbx_number_atoms_ligand         2 
_refine_hist.number_atoms_solvent             23 
_refine_hist.number_atoms_total               442 
_refine_hist.d_res_high                       2.000 
_refine_hist.d_res_low                        37.415 
# 
loop_
_refine_ls_restr.type 
_refine_ls_restr.dev_ideal 
_refine_ls_restr.dev_ideal_target 
_refine_ls_restr.weight 
_refine_ls_restr.number 
_refine_ls_restr.pdbx_refine_id 
_refine_ls_restr.pdbx_restraint_function 
f_bond_d           0.004  ? ? 468 'X-RAY DIFFRACTION' ? 
f_angle_d          0.805  ? ? 730 'X-RAY DIFFRACTION' ? 
f_dihedral_angle_d 12.452 ? ? 225 'X-RAY DIFFRACTION' ? 
f_chiral_restr     0.038  ? ? 95  'X-RAY DIFFRACTION' ? 
f_plane_restr      0.007  ? ? 19  'X-RAY DIFFRACTION' ? 
# 
loop_
_refine_ls_shell.pdbx_refine_id 
_refine_ls_shell.pdbx_total_number_of_bins_used 
_refine_ls_shell.d_res_high 
_refine_ls_shell.d_res_low 
_refine_ls_shell.number_reflns_R_work 
_refine_ls_shell.R_factor_R_work 
_refine_ls_shell.percent_reflns_obs 
_refine_ls_shell.R_factor_R_free 
_refine_ls_shell.R_factor_R_free_error 
_refine_ls_shell.percent_reflns_R_free 
_refine_ls_shell.number_reflns_R_free 
_refine_ls_shell.number_reflns_all 
_refine_ls_shell.R_factor_all 
'X-RAY DIFFRACTION' . 2.0003 2.5200  2280 0.2593 99.00 0.2906 . . 119 . . 
'X-RAY DIFFRACTION' . 2.5200 37.4212 2411 0.1687 98.00 0.2199 . . 106 . . 
# 
_struct.entry_id                  4CS1 
_struct.title                     'Crystal structure of a simple duplex kink turn, HmKt-7 with 2 Mg bound.' 
_struct.pdbx_model_details        ? 
_struct.pdbx_CASP_flag            ? 
_struct.pdbx_model_type_details   ? 
# 
_struct_keywords.entry_id        4CS1 
_struct_keywords.pdbx_keywords   RNA 
_struct_keywords.text            'RNA, KINK TURN, METAL ION' 
# 
loop_
_struct_asym.id 
_struct_asym.pdbx_blank_PDB_chainid_flag 
_struct_asym.pdbx_modified 
_struct_asym.entity_id 
_struct_asym.details 
A N N 1 ? 
B N N 2 ? 
C N N 2 ? 
D N N 3 ? 
# 
_struct_biol.id   1 
# 
loop_
_struct_conn.id 
_struct_conn.conn_type_id 
_struct_conn.pdbx_leaving_atom_flag 
_struct_conn.pdbx_PDB_id 
_struct_conn.ptnr1_label_asym_id 
_struct_conn.ptnr1_label_comp_id 
_struct_conn.ptnr1_label_seq_id 
_struct_conn.ptnr1_label_atom_id 
_struct_conn.pdbx_ptnr1_label_alt_id 
_struct_conn.pdbx_ptnr1_PDB_ins_code 
_struct_conn.pdbx_ptnr1_standard_comp_id 
_struct_conn.ptnr1_symmetry 
_struct_conn.ptnr2_label_asym_id 
_struct_conn.ptnr2_label_comp_id 
_struct_conn.ptnr2_label_seq_id 
_struct_conn.ptnr2_label_atom_id 
_struct_conn.pdbx_ptnr2_label_alt_id 
_struct_conn.pdbx_ptnr2_PDB_ins_code 
_struct_conn.ptnr1_auth_asym_id 
_struct_conn.ptnr1_auth_comp_id 
_struct_conn.ptnr1_auth_seq_id 
_struct_conn.ptnr2_auth_asym_id 
_struct_conn.ptnr2_auth_comp_id 
_struct_conn.ptnr2_auth_seq_id 
_struct_conn.ptnr2_symmetry 
_struct_conn.pdbx_ptnr3_label_atom_id 
_struct_conn.pdbx_ptnr3_label_seq_id 
_struct_conn.pdbx_ptnr3_label_comp_id 
_struct_conn.pdbx_ptnr3_label_asym_id 
_struct_conn.pdbx_ptnr3_label_alt_id 
_struct_conn.pdbx_ptnr3_PDB_ins_code 
_struct_conn.details 
_struct_conn.pdbx_dist_value 
_struct_conn.pdbx_value_order 
_struct_conn.pdbx_role 
metalc1  metalc ? ? A G  14 O6 ? ? ? 1_555 B MG  .  MG ? ? A G  14  A MG  101  1_555 ? ? ? ? ? ? ?             2.437 ? ? 
metalc2  metalc ? ? A G  14 O6 ? ? ? 1_555 C MG  .  MG ? ? A G  14  A MG  102  1_555 ? ? ? ? ? ? ?             2.398 ? ? 
metalc3  metalc ? ? A G  15 O6 ? ? ? 1_555 B MG  .  MG ? ? A G  15  A MG  101  1_555 ? ? ? ? ? ? ?             2.269 ? ? 
metalc4  metalc ? ? B MG .  MG ? ? ? 1_555 D HOH .  O  ? ? A MG 101 A HOH 2013 1_555 ? ? ? ? ? ? ?             2.280 ? ? 
metalc5  metalc ? ? B MG .  MG ? ? ? 1_555 D HOH .  O  ? ? A MG 101 A HOH 2017 1_555 ? ? ? ? ? ? ?             2.371 ? ? 
metalc6  metalc ? ? B MG .  MG ? ? ? 1_555 D HOH .  O  ? ? A MG 101 A HOH 2019 1_555 ? ? ? ? ? ? ?             2.258 ? ? 
metalc7  metalc ? ? B MG .  MG ? ? ? 1_555 D HOH .  O  ? ? A MG 101 A HOH 2021 1_555 ? ? ? ? ? ? ?             2.413 ? ? 
metalc8  metalc ? ? C MG .  MG ? ? ? 1_555 D HOH .  O  ? ? A MG 102 A HOH 2010 1_555 ? ? ? ? ? ? ?             2.210 ? ? 
metalc9  metalc ? ? C MG .  MG ? ? ? 1_555 D HOH .  O  ? ? A MG 102 A HOH 2017 1_555 ? ? ? ? ? ? ?             2.429 ? ? 
metalc10 metalc ? ? C MG .  MG ? ? ? 1_555 D HOH .  O  ? ? A MG 102 A HOH 2018 1_555 ? ? ? ? ? ? ?             2.418 ? ? 
metalc11 metalc ? ? C MG .  MG ? ? ? 1_555 D HOH .  O  ? ? A MG 102 A HOH 2023 1_555 ? ? ? ? ? ? ?             2.377 ? ? 
hydrog1  hydrog ? ? A G  1  N1 ? ? ? 1_555 A C   19 N3 ? ? A G  1   A C   19   9_769 ? ? ? ? ? ? WATSON-CRICK  ?     ? ? 
hydrog2  hydrog ? ? A G  1  N2 ? ? ? 1_555 A C   19 O2 ? ? A G  1   A C   19   9_769 ? ? ? ? ? ? WATSON-CRICK  ?     ? ? 
hydrog3  hydrog ? ? A G  1  O6 ? ? ? 1_555 A C   19 N4 ? ? A G  1   A C   19   9_769 ? ? ? ? ? ? WATSON-CRICK  ?     ? ? 
hydrog4  hydrog ? ? A G  2  N1 ? ? ? 1_555 A C   18 N3 ? ? A G  2   A C   18   9_769 ? ? ? ? ? ? WATSON-CRICK  ?     ? ? 
hydrog5  hydrog ? ? A G  2  N2 ? ? ? 1_555 A C   18 O2 ? ? A G  2   A C   18   9_769 ? ? ? ? ? ? WATSON-CRICK  ?     ? ? 
hydrog6  hydrog ? ? A G  2  O6 ? ? ? 1_555 A C   18 N4 ? ? A G  2   A C   18   9_769 ? ? ? ? ? ? WATSON-CRICK  ?     ? ? 
hydrog7  hydrog ? ? A C  3  N3 ? ? ? 1_555 A G   17 N1 ? ? A C  3   A G   17   9_769 ? ? ? ? ? ? WATSON-CRICK  ?     ? ? 
hydrog8  hydrog ? ? A C  3  N4 ? ? ? 1_555 A G   17 O6 ? ? A C  3   A G   17   9_769 ? ? ? ? ? ? WATSON-CRICK  ?     ? ? 
hydrog9  hydrog ? ? A C  3  O2 ? ? ? 1_555 A G   17 N2 ? ? A C  3   A G   17   9_769 ? ? ? ? ? ? WATSON-CRICK  ?     ? ? 
hydrog10 hydrog ? ? A G  4  N2 ? ? ? 1_555 A A   16 N3 ? ? A G  4   A A   16   9_769 ? ? ? ? ? ? 'G-A MISPAIR' ?     ? ? 
hydrog11 hydrog ? ? A G  7  N2 ? ? ? 1_555 A A   16 N7 ? ? A G  7   A A   16   9_769 ? ? ? ? ? ? TYPE_11_PAIR  ?     ? ? 
hydrog12 hydrog ? ? A G  7  N3 ? ? ? 1_555 A A   16 N6 ? ? A G  7   A A   16   9_769 ? ? ? ? ? ? TYPE_11_PAIR  ?     ? ? 
hydrog13 hydrog ? ? A A  8  N6 ? ? ? 1_555 A G   15 N3 ? ? A A  8   A G   15   9_769 ? ? ? ? ? ? TYPE_11_PAIR  ?     ? ? 
hydrog14 hydrog ? ? A A  8  N7 ? ? ? 1_555 A G   15 N2 ? ? A A  8   A G   15   9_769 ? ? ? ? ? ? TYPE_11_PAIR  ?     ? ? 
hydrog15 hydrog ? ? A A  9  N6 ? ? ? 1_555 A G   14 N3 ? ? A A  9   A G   14   9_769 ? ? ? ? ? ? TYPE_11_PAIR  ?     ? ? 
hydrog16 hydrog ? ? A A  9  N7 ? ? ? 1_555 A G   14 N2 ? ? A A  9   A G   14   9_769 ? ? ? ? ? ? TYPE_11_PAIR  ?     ? ? 
hydrog17 hydrog ? ? A C  10 N3 ? ? ? 1_555 A G   13 N1 ? ? A C  10  A G   13   9_769 ? ? ? ? ? ? WATSON-CRICK  ?     ? ? 
hydrog18 hydrog ? ? A C  10 N4 ? ? ? 1_555 A G   13 O6 ? ? A C  10  A G   13   9_769 ? ? ? ? ? ? WATSON-CRICK  ?     ? ? 
hydrog19 hydrog ? ? A C  10 O2 ? ? ? 1_555 A G   13 N2 ? ? A C  10  A G   13   9_769 ? ? ? ? ? ? WATSON-CRICK  ?     ? ? 
hydrog20 hydrog ? ? A C  11 N3 ? ? ? 1_555 A G   12 N1 ? ? A C  11  A G   12   9_769 ? ? ? ? ? ? WATSON-CRICK  ?     ? ? 
hydrog21 hydrog ? ? A C  11 N4 ? ? ? 1_555 A G   12 O6 ? ? A C  11  A G   12   9_769 ? ? ? ? ? ? WATSON-CRICK  ?     ? ? 
hydrog22 hydrog ? ? A C  11 O2 ? ? ? 1_555 A G   12 N2 ? ? A C  11  A G   12   9_769 ? ? ? ? ? ? WATSON-CRICK  ?     ? ? 
hydrog23 hydrog ? ? A G  12 N1 ? ? ? 1_555 A C   11 N3 ? ? A G  12  A C   11   9_769 ? ? ? ? ? ? WATSON-CRICK  ?     ? ? 
hydrog24 hydrog ? ? A G  12 N2 ? ? ? 1_555 A C   11 O2 ? ? A G  12  A C   11   9_769 ? ? ? ? ? ? WATSON-CRICK  ?     ? ? 
hydrog25 hydrog ? ? A G  12 O6 ? ? ? 1_555 A C   11 N4 ? ? A G  12  A C   11   9_769 ? ? ? ? ? ? WATSON-CRICK  ?     ? ? 
hydrog26 hydrog ? ? A G  13 N1 ? ? ? 1_555 A C   10 N3 ? ? A G  13  A C   10   9_769 ? ? ? ? ? ? WATSON-CRICK  ?     ? ? 
hydrog27 hydrog ? ? A G  13 N2 ? ? ? 1_555 A C   10 O2 ? ? A G  13  A C   10   9_769 ? ? ? ? ? ? WATSON-CRICK  ?     ? ? 
hydrog28 hydrog ? ? A G  13 O6 ? ? ? 1_555 A C   10 N4 ? ? A G  13  A C   10   9_769 ? ? ? ? ? ? WATSON-CRICK  ?     ? ? 
hydrog29 hydrog ? ? A G  14 N2 ? ? ? 1_555 A A   9  N7 ? ? A G  14  A A   9    9_769 ? ? ? ? ? ? TYPE_11_PAIR  ?     ? ? 
hydrog30 hydrog ? ? A G  14 N3 ? ? ? 1_555 A A   9  N6 ? ? A G  14  A A   9    9_769 ? ? ? ? ? ? TYPE_11_PAIR  ?     ? ? 
hydrog31 hydrog ? ? A G  15 N2 ? ? ? 1_555 A A   8  N7 ? ? A G  15  A A   8    9_769 ? ? ? ? ? ? TYPE_11_PAIR  ?     ? ? 
hydrog32 hydrog ? ? A G  15 N3 ? ? ? 1_555 A A   8  N6 ? ? A G  15  A A   8    9_769 ? ? ? ? ? ? TYPE_11_PAIR  ?     ? ? 
hydrog33 hydrog ? ? A A  16 N3 ? ? ? 1_555 A G   4  N2 ? ? A A  16  A G   4    9_769 ? ? ? ? ? ? 'A-G MISPAIR' ?     ? ? 
hydrog34 hydrog ? ? A A  16 N6 ? ? ? 1_555 A G   7  N3 ? ? A A  16  A G   7    9_769 ? ? ? ? ? ? TYPE_11_PAIR  ?     ? ? 
hydrog35 hydrog ? ? A A  16 N7 ? ? ? 1_555 A G   7  N2 ? ? A A  16  A G   7    9_769 ? ? ? ? ? ? TYPE_11_PAIR  ?     ? ? 
hydrog36 hydrog ? ? A G  17 N1 ? ? ? 1_555 A C   3  N3 ? ? A G  17  A C   3    9_769 ? ? ? ? ? ? WATSON-CRICK  ?     ? ? 
hydrog37 hydrog ? ? A G  17 N2 ? ? ? 1_555 A C   3  O2 ? ? A G  17  A C   3    9_769 ? ? ? ? ? ? WATSON-CRICK  ?     ? ? 
hydrog38 hydrog ? ? A G  17 O6 ? ? ? 1_555 A C   3  N4 ? ? A G  17  A C   3    9_769 ? ? ? ? ? ? WATSON-CRICK  ?     ? ? 
hydrog39 hydrog ? ? A C  18 N3 ? ? ? 1_555 A G   2  N1 ? ? A C  18  A G   2    9_769 ? ? ? ? ? ? WATSON-CRICK  ?     ? ? 
hydrog40 hydrog ? ? A C  18 N4 ? ? ? 1_555 A G   2  O6 ? ? A C  18  A G   2    9_769 ? ? ? ? ? ? WATSON-CRICK  ?     ? ? 
hydrog41 hydrog ? ? A C  18 O2 ? ? ? 1_555 A G   2  N2 ? ? A C  18  A G   2    9_769 ? ? ? ? ? ? WATSON-CRICK  ?     ? ? 
hydrog42 hydrog ? ? A C  19 N3 ? ? ? 1_555 A G   1  N1 ? ? A C  19  A G   1    9_769 ? ? ? ? ? ? WATSON-CRICK  ?     ? ? 
hydrog43 hydrog ? ? A C  19 N4 ? ? ? 1_555 A G   1  O6 ? ? A C  19  A G   1    9_769 ? ? ? ? ? ? WATSON-CRICK  ?     ? ? 
hydrog44 hydrog ? ? A C  19 O2 ? ? ? 1_555 A G   1  N2 ? ? A C  19  A G   1    9_769 ? ? ? ? ? ? WATSON-CRICK  ?     ? ? 
# 
loop_
_struct_conn_type.id 
_struct_conn_type.criteria 
_struct_conn_type.reference 
metalc ? ? 
hydrog ? ? 
# 
loop_
_struct_site.id 
_struct_site.pdbx_evidence_code 
_struct_site.pdbx_auth_asym_id 
_struct_site.pdbx_auth_comp_id 
_struct_site.pdbx_auth_seq_id 
_struct_site.pdbx_auth_ins_code 
_struct_site.pdbx_num_residues 
_struct_site.details 
AC1 Software A MG 101 ? 7 'BINDING SITE FOR RESIDUE MG A 101' 
AC2 Software A MG 102 ? 6 'BINDING SITE FOR RESIDUE MG A 102' 
# 
loop_
_struct_site_gen.id 
_struct_site_gen.site_id 
_struct_site_gen.pdbx_num_res 
_struct_site_gen.label_comp_id 
_struct_site_gen.label_asym_id 
_struct_site_gen.label_seq_id 
_struct_site_gen.pdbx_auth_ins_code 
_struct_site_gen.auth_comp_id 
_struct_site_gen.auth_asym_id 
_struct_site_gen.auth_seq_id 
_struct_site_gen.label_atom_id 
_struct_site_gen.label_alt_id 
_struct_site_gen.symmetry 
_struct_site_gen.details 
1  AC1 7 G   A 14 ? G   A 14   . ? 1_555 ? 
2  AC1 7 G   A 15 ? G   A 15   . ? 1_555 ? 
3  AC1 7 MG  C .  ? MG  A 102  . ? 1_555 ? 
4  AC1 7 HOH D .  ? HOH A 2013 . ? 1_555 ? 
5  AC1 7 HOH D .  ? HOH A 2017 . ? 1_555 ? 
6  AC1 7 HOH D .  ? HOH A 2019 . ? 1_555 ? 
7  AC1 7 HOH D .  ? HOH A 2021 . ? 1_555 ? 
8  AC2 6 G   A 14 ? G   A 14   . ? 1_555 ? 
9  AC2 6 MG  B .  ? MG  A 101  . ? 1_555 ? 
10 AC2 6 HOH D .  ? HOH A 2010 . ? 1_555 ? 
11 AC2 6 HOH D .  ? HOH A 2017 . ? 1_555 ? 
12 AC2 6 HOH D .  ? HOH A 2018 . ? 1_555 ? 
13 AC2 6 HOH D .  ? HOH A 2023 . ? 1_555 ? 
# 
_atom_sites.entry_id                    4CS1 
_atom_sites.fract_transf_matrix[1][1]   0.00125024 
_atom_sites.fract_transf_matrix[1][2]   0.00104960 
_atom_sites.fract_transf_matrix[1][3]   -0.01639525 
_atom_sites.fract_transf_matrix[2][1]   -0.00336249 
_atom_sites.fract_transf_matrix[2][2]   0.01421395 
_atom_sites.fract_transf_matrix[2][3]   -0.00762553 
_atom_sites.fract_transf_matrix[3][1]   0.02014338 
_atom_sites.fract_transf_matrix[3][2]   0.00578803 
_atom_sites.fract_transf_matrix[3][3]   0.00190661 
_atom_sites.fract_transf_vector[1]      0.990316 
_atom_sites.fract_transf_vector[2]      -0.677476 
_atom_sites.fract_transf_vector[3]      2.028086 
# 
loop_
_atom_type.symbol 
C  
MG 
N  
O  
P  
# 
loop_
_atom_site.group_PDB 
_atom_site.id 
_atom_site.type_symbol 
_atom_site.label_atom_id 
_atom_site.label_alt_id 
_atom_site.label_comp_id 
_atom_site.label_asym_id 
_atom_site.label_entity_id 
_atom_site.label_seq_id 
_atom_site.pdbx_PDB_ins_code 
_atom_site.Cartn_x 
_atom_site.Cartn_y 
_atom_site.Cartn_z 
_atom_site.occupancy 
_atom_site.B_iso_or_equiv 
_atom_site.pdbx_formal_charge 
_atom_site.auth_seq_id 
_atom_site.auth_comp_id 
_atom_site.auth_asym_id 
_atom_site.auth_atom_id 
_atom_site.pdbx_PDB_model_num 
ATOM   1   P  P     . G   A 1 1  ? 8.496   -18.167 14.800  0.0000 71.38 ? 1    G   A P     1 
ATOM   2   O  OP1   . G   A 1 1  ? 9.845   -18.358 15.398  1.00   74.37 ? 1    G   A OP1   1 
ATOM   3   O  OP2   . G   A 1 1  ? 7.414   -17.562 15.624  1.00   68.16 ? 1    G   A OP2   1 
ATOM   4   O  "O5'" . G   A 1 1  ? 8.650   -17.363 13.429  1.00   74.54 ? 1    G   A "O5'" 1 
ATOM   5   C  "C5'" . G   A 1 1  ? 9.349   -17.934 12.330  1.00   70.86 ? 1    G   A "C5'" 1 
ATOM   6   C  "C4'" . G   A 1 1  ? 8.468   -18.077 11.111  1.00   68.13 ? 1    G   A "C4'" 1 
ATOM   7   O  "O4'" . G   A 1 1  ? 7.105   -18.368 11.519  1.00   64.80 ? 1    G   A "O4'" 1 
ATOM   8   C  "C3'" . G   A 1 1  ? 8.336   -16.845 10.230  1.00   67.87 ? 1    G   A "C3'" 1 
ATOM   9   O  "O3'" . G   A 1 1  ? 9.420   -16.711 9.332   1.00   66.65 ? 1    G   A "O3'" 1 
ATOM   10  C  "C2'" . G   A 1 1  ? 7.001   -17.070 9.531   1.00   71.73 ? 1    G   A "C2'" 1 
ATOM   11  O  "O2'" . G   A 1 1  ? 7.151   -17.971 8.444   1.00   75.19 ? 1    G   A "O2'" 1 
ATOM   12  C  "C1'" . G   A 1 1  ? 6.193   -17.764 10.630  1.00   64.44 ? 1    G   A "C1'" 1 
ATOM   13  N  N9    . G   A 1 1  ? 5.353   -16.825 11.399  1.00   63.25 ? 1    G   A N9    1 
ATOM   14  C  C8    . G   A 1 1  ? 5.393   -16.612 12.756  1.00   62.70 ? 1    G   A C8    1 
ATOM   15  N  N7    . G   A 1 1  ? 4.524   -15.731 13.171  1.00   61.76 ? 1    G   A N7    1 
ATOM   16  C  C5    . G   A 1 1  ? 3.867   -15.337 12.011  1.00   68.35 ? 1    G   A C5    1 
ATOM   17  C  C6    . G   A 1 1  ? 2.818   -14.399 11.827  1.00   66.88 ? 1    G   A C6    1 
ATOM   18  O  O6    . G   A 1 1  ? 2.242   -13.707 12.680  1.00   60.10 ? 1    G   A O6    1 
ATOM   19  N  N1    . G   A 1 1  ? 2.451   -14.317 10.486  1.00   61.31 ? 1    G   A N1    1 
ATOM   20  C  C2    . G   A 1 1  ? 3.014   -15.036 9.460   1.00   62.33 ? 1    G   A C2    1 
ATOM   21  N  N2    . G   A 1 1  ? 2.524   -14.817 8.233   1.00   62.74 ? 1    G   A N2    1 
ATOM   22  N  N3    . G   A 1 1  ? 3.988   -15.910 9.620   1.00   63.02 ? 1    G   A N3    1 
ATOM   23  C  C4    . G   A 1 1  ? 4.362   -16.008 10.910  1.00   62.62 ? 1    G   A C4    1 
ATOM   24  P  P     . G   A 1 2  ? 9.986   -15.263 8.950   1.00   69.82 ? 2    G   A P     1 
ATOM   25  O  OP1   . G   A 1 2  ? 11.286  -15.469 8.266   1.00   69.47 ? 2    G   A OP1   1 
ATOM   26  O  OP2   . G   A 1 2  ? 9.918   -14.406 10.163  1.00   58.08 ? 2    G   A OP2   1 
ATOM   27  O  "O5'" . G   A 1 2  ? 8.944   -14.718 7.871   1.00   63.88 ? 2    G   A "O5'" 1 
ATOM   28  C  "C5'" . G   A 1 2  ? 8.827   -15.327 6.592   1.00   63.06 ? 2    G   A "C5'" 1 
ATOM   29  C  "C4'" . G   A 1 2  ? 7.759   -14.670 5.748   1.00   63.08 ? 2    G   A "C4'" 1 
ATOM   30  O  "O4'" . G   A 1 2  ? 6.450   -14.928 6.315   1.00   61.48 ? 2    G   A "O4'" 1 
ATOM   31  C  "C3'" . G   A 1 2  ? 7.812   -13.153 5.639   1.00   66.46 ? 2    G   A "C3'" 1 
ATOM   32  O  "O3'" . G   A 1 2  ? 8.773   -12.684 4.709   1.00   71.12 ? 2    G   A "O3'" 1 
ATOM   33  C  "C2'" . G   A 1 2  ? 6.379   -12.813 5.266   1.00   66.27 ? 2    G   A "C2'" 1 
ATOM   34  O  "O2'" . G   A 1 2  ? 6.129   -13.142 3.907   1.00   68.59 ? 2    G   A "O2'" 1 
ATOM   35  C  "C1'" . G   A 1 2  ? 5.618   -13.801 6.140   1.00   63.62 ? 2    G   A "C1'" 1 
ATOM   36  N  N9    . G   A 1 2  ? 5.342   -13.231 7.471   1.00   63.22 ? 2    G   A N9    1 
ATOM   37  C  C8    . G   A 1 2  ? 5.951   -13.585 8.649   1.00   58.71 ? 2    G   A C8    1 
ATOM   38  N  N7    . G   A 1 2  ? 5.521   -12.914 9.680   1.00   57.56 ? 2    G   A N7    1 
ATOM   39  C  C5    . G   A 1 2  ? 4.573   -12.053 9.153   1.00   56.91 ? 2    G   A C5    1 
ATOM   40  C  C6    . G   A 1 2  ? 3.763   -11.081 9.793   1.00   59.49 ? 2    G   A C6    1 
ATOM   41  O  O6    . G   A 1 2  ? 3.720   -10.773 10.990  1.00   62.12 ? 2    G   A O6    1 
ATOM   42  N  N1    . G   A 1 2  ? 2.936   -10.433 8.891   1.00   55.52 ? 2    G   A N1    1 
ATOM   43  C  C2    . G   A 1 2  ? 2.892   -10.691 7.545   1.00   56.47 ? 2    G   A C2    1 
ATOM   44  N  N2    . G   A 1 2  ? 2.027   -9.950  6.842   1.00   56.26 ? 2    G   A N2    1 
ATOM   45  N  N3    . G   A 1 2  ? 3.639   -11.592 6.932   1.00   57.64 ? 2    G   A N3    1 
ATOM   46  C  C4    . G   A 1 2  ? 4.453   -12.234 7.791   1.00   57.76 ? 2    G   A C4    1 
ATOM   47  P  P     . C   A 1 3  ? 9.594   -11.327 4.996   1.00   62.91 ? 3    C   A P     1 
ATOM   48  O  OP1   . C   A 1 3  ? 10.519  -11.131 3.854   1.00   64.22 ? 3    C   A OP1   1 
ATOM   49  O  OP2   . C   A 1 3  ? 10.104  -11.358 6.389   1.00   62.29 ? 3    C   A OP2   1 
ATOM   50  O  "O5'" . C   A 1 3  ? 8.491   -10.182 4.899   1.00   69.78 ? 3    C   A "O5'" 1 
ATOM   51  C  "C5'" . C   A 1 3  ? 7.761   -9.994  3.698   1.00   69.40 ? 3    C   A "C5'" 1 
ATOM   52  C  "C4'" . C   A 1 3  ? 6.683   -8.958  3.855   1.00   53.85 ? 3    C   A "C4'" 1 
ATOM   53  O  "O4'" . C   A 1 3  ? 5.712   -9.383  4.849   1.00   55.22 ? 3    C   A "O4'" 1 
ATOM   54  C  "C3'" . C   A 1 3  ? 7.130   -7.600  4.356   1.00   51.36 ? 3    C   A "C3'" 1 
ATOM   55  O  "O3'" . C   A 1 3  ? 7.764   -6.812  3.361   1.00   52.77 ? 3    C   A "O3'" 1 
ATOM   56  C  "C2'" . C   A 1 3  ? 5.830   -7.007  4.878   1.00   55.27 ? 3    C   A "C2'" 1 
ATOM   57  O  "O2'" . C   A 1 3  ? 5.037   -6.515  3.808   1.00   59.76 ? 3    C   A "O2'" 1 
ATOM   58  C  "C1'" . C   A 1 3  ? 5.145   -8.246  5.469   1.00   55.34 ? 3    C   A "C1'" 1 
ATOM   59  N  N1    . C   A 1 3  ? 5.344   -8.326  6.933   1.00   51.80 ? 3    C   A N1    1 
ATOM   60  C  C2    . C   A 1 3  ? 4.610   -7.438  7.734   1.00   54.62 ? 3    C   A C2    1 
ATOM   61  O  O2    . C   A 1 3  ? 3.809   -6.639  7.211   1.00   49.98 ? 3    C   A O2    1 
ATOM   62  N  N3    . C   A 1 3  ? 4.782   -7.465  9.073   1.00   51.87 ? 3    C   A N3    1 
ATOM   63  C  C4    . C   A 1 3  ? 5.642   -8.325  9.617   1.00   58.27 ? 3    C   A C4    1 
ATOM   64  N  N4    . C   A 1 3  ? 5.751   -8.298  10.946  1.00   50.11 ? 3    C   A N4    1 
ATOM   65  C  C5    . C   A 1 3  ? 6.412   -9.235  8.828   1.00   51.87 ? 3    C   A C5    1 
ATOM   66  C  C6    . C   A 1 3  ? 6.236   -9.198  7.498   1.00   54.78 ? 3    C   A C6    1 
ATOM   67  P  P     . G   A 1 4  ? 8.959   -5.820  3.772   1.00   54.90 ? 4    G   A P     1 
ATOM   68  O  OP1   . G   A 1 4  ? 9.399   -5.052  2.583   1.00   56.86 ? 4    G   A OP1   1 
ATOM   69  O  OP2   . G   A 1 4  ? 9.948   -6.595  4.559   1.00   53.83 ? 4    G   A OP2   1 
ATOM   70  O  "O5'" . G   A 1 4  ? 8.251   -4.792  4.754   1.00   53.89 ? 4    G   A "O5'" 1 
ATOM   71  C  "C5'" . G   A 1 4  ? 7.239   -3.924  4.277   1.00   51.73 ? 4    G   A "C5'" 1 
ATOM   72  C  "C4'" . G   A 1 4  ? 6.696   -3.070  5.387   1.00   50.48 ? 4    G   A "C4'" 1 
ATOM   73  O  "O4'" . G   A 1 4  ? 5.935   -3.881  6.318   1.00   47.09 ? 4    G   A "O4'" 1 
ATOM   74  C  "C3'" . G   A 1 4  ? 7.727   -2.392  6.271   1.00   42.46 ? 4    G   A "C3'" 1 
ATOM   75  O  "O3'" . G   A 1 4  ? 8.337   -1.271  5.661   1.00   41.00 ? 4    G   A "O3'" 1 
ATOM   76  C  "C2'" . G   A 1 4  ? 6.903   -2.075  7.513   1.00   41.66 ? 4    G   A "C2'" 1 
ATOM   77  O  "O2'" . G   A 1 4  ? 6.031   -0.977  7.275   1.00   40.52 ? 4    G   A "O2'" 1 
ATOM   78  C  "C1'" . G   A 1 4  ? 6.047   -3.341  7.618   1.00   43.80 ? 4    G   A "C1'" 1 
ATOM   79  N  N9    . G   A 1 4  ? 6.674   -4.338  8.507   1.00   44.61 ? 4    G   A N9    1 
ATOM   80  C  C8    . G   A 1 4  ? 7.512   -5.379  8.186   1.00   45.97 ? 4    G   A C8    1 
ATOM   81  N  N7    . G   A 1 4  ? 7.914   -6.054  9.230   1.00   46.42 ? 4    G   A N7    1 
ATOM   82  C  C5    . G   A 1 4  ? 7.333   -5.407  10.308  1.00   45.31 ? 4    G   A C5    1 
ATOM   83  C  C6    . G   A 1 4  ? 7.397   -5.670  11.703  1.00   45.32 ? 4    G   A C6    1 
ATOM   84  O  O6    . G   A 1 4  ? 8.018   -6.567  12.292  1.00   58.60 ? 4    G   A O6    1 
ATOM   85  N  N1    . G   A 1 4  ? 6.645   -4.753  12.437  1.00   44.09 ? 4    G   A N1    1 
ATOM   86  C  C2    . G   A 1 4  ? 5.917   -3.725  11.898  1.00   51.07 ? 4    G   A C2    1 
ATOM   87  N  N2    . G   A 1 4  ? 5.242   -2.941  12.752  1.00   51.41 ? 4    G   A N2    1 
ATOM   88  N  N3    . G   A 1 4  ? 5.850   -3.474  10.603  1.00   47.02 ? 4    G   A N3    1 
ATOM   89  C  C4    . G   A 1 4  ? 6.577   -4.341  9.873   1.00   47.59 ? 4    G   A C4    1 
ATOM   90  P  P     . A   A 1 5  ? 9.952   -1.084  5.672   1.00   47.38 ? 5    A   A P     1 
ATOM   91  O  OP1   . A   A 1 5  ? 10.428  -1.238  4.280   1.00   41.82 ? 5    A   A OP1   1 
ATOM   92  O  OP2   . A   A 1 5  ? 10.566  -1.877  6.744   1.00   46.86 ? 5    A   A OP2   1 
ATOM   93  O  "O5'" . A   A 1 5  ? 10.131  0.433   6.108   1.00   49.49 ? 5    A   A "O5'" 1 
ATOM   94  C  "C5'" . A   A 1 5  ? 9.536   0.900   7.312   1.00   38.33 ? 5    A   A "C5'" 1 
ATOM   95  C  "C4'" . A   A 1 5  ? 9.962   2.311   7.621   1.00   38.43 ? 5    A   A "C4'" 1 
ATOM   96  O  "O4'" . A   A 1 5  ? 9.067   2.877   8.616   1.00   39.24 ? 5    A   A "O4'" 1 
ATOM   97  C  "C3'" . A   A 1 5  ? 11.368  2.455   8.190   1.00   41.20 ? 5    A   A "C3'" 1 
ATOM   98  O  "O3'" . A   A 1 5  ? 11.861  3.737   7.814   1.00   41.22 ? 5    A   A "O3'" 1 
ATOM   99  C  "C2'" . A   A 1 5  ? 11.107  2.459   9.690   1.00   48.51 ? 5    A   A "C2'" 1 
ATOM   100 O  "O2'" . A   A 1 5  ? 12.131  3.070   10.446  1.00   52.42 ? 5    A   A "O2'" 1 
ATOM   101 C  "C1'" . A   A 1 5  ? 9.812   3.261   9.755   1.00   40.14 ? 5    A   A "C1'" 1 
ATOM   102 N  N9    . A   A 1 5  ? 8.987   3.055   10.950  1.00   40.69 ? 5    A   A N9    1 
ATOM   103 C  C8    . A   A 1 5  ? 8.618   4.043   11.830  1.00   47.65 ? 5    A   A C8    1 
ATOM   104 N  N7    . A   A 1 5  ? 7.869   3.629   12.819  1.00   42.43 ? 5    A   A N7    1 
ATOM   105 C  C5    . A   A 1 5  ? 7.728   2.273   12.573  1.00   42.03 ? 5    A   A C5    1 
ATOM   106 C  C6    . A   A 1 5  ? 7.036   1.270   13.266  1.00   42.63 ? 5    A   A C6    1 
ATOM   107 N  N6    . A   A 1 5  ? 6.347   1.500   14.385  1.00   47.73 ? 5    A   A N6    1 
ATOM   108 N  N1    . A   A 1 5  ? 7.082   0.015   12.772  1.00   45.21 ? 5    A   A N1    1 
ATOM   109 C  C2    . A   A 1 5  ? 7.781   -0.209  11.655  1.00   41.47 ? 5    A   A C2    1 
ATOM   110 N  N3    . A   A 1 5  ? 8.465   0.657   10.916  1.00   40.79 ? 5    A   A N3    1 
ATOM   111 C  C4    . A   A 1 5  ? 8.398   1.899   11.424  1.00   40.92 ? 5    A   A C4    1 
ATOM   112 P  P     . A   A 1 6  ? 13.336  3.928   7.205   1.00   43.54 ? 6    A   A P     1 
ATOM   113 O  OP1   . A   A 1 6  ? 14.256  2.910   7.761   1.00   46.62 ? 6    A   A OP1   1 
ATOM   114 O  OP2   . A   A 1 6  ? 13.609  5.383   7.343   1.00   43.82 ? 6    A   A OP2   1 
ATOM   115 O  "O5'" . A   A 1 6  ? 13.136  3.618   5.660   1.00   45.58 ? 6    A   A "O5'" 1 
ATOM   116 C  "C5'" . A   A 1 6  ? 12.363  4.491   4.843   1.00   39.78 ? 6    A   A "C5'" 1 
ATOM   117 C  "C4'" . A   A 1 6  ? 12.085  3.870   3.505   1.00   39.89 ? 6    A   A "C4'" 1 
ATOM   118 O  "O4'" . A   A 1 6  ? 13.352  3.499   2.905   1.00   44.49 ? 6    A   A "O4'" 1 
ATOM   119 C  "C3'" . A   A 1 6  ? 11.255  2.597   3.572   1.00   38.18 ? 6    A   A "C3'" 1 
ATOM   120 O  "O3'" . A   A 1 6  ? 10.482  2.460   2.388   1.00   39.84 ? 6    A   A "O3'" 1 
ATOM   121 C  "C2'" . A   A 1 6  ? 12.314  1.504   3.616   1.00   41.84 ? 6    A   A "C2'" 1 
ATOM   122 O  "O2'" . A   A 1 6  ? 11.875  0.266   3.113   1.00   49.96 ? 6    A   A "O2'" 1 
ATOM   123 C  "C1'" . A   A 1 6  ? 13.425  2.095   2.748   1.00   45.90 ? 6    A   A "C1'" 1 
ATOM   124 N  N9    . A   A 1 6  ? 14.764  1.674   3.166   1.00   52.72 ? 6    A   A N9    1 
ATOM   125 C  C8    . A   A 1 6  ? 15.126  1.088   4.360   1.00   56.69 ? 6    A   A C8    1 
ATOM   126 N  N7    . A   A 1 6  ? 16.410  0.823   4.459   1.00   62.98 ? 6    A   A N7    1 
ATOM   127 C  C5    . A   A 1 6  ? 16.936  1.263   3.248   1.00   63.12 ? 6    A   A C5    1 
ATOM   128 C  C6    . A   A 1 6  ? 18.247  1.265   2.725   1.00   69.12 ? 6    A   A C6    1 
ATOM   129 N  N6    . A   A 1 6  ? 19.316  0.793   3.377   1.00   75.52 ? 6    A   A N6    1 
ATOM   130 N  N1    . A   A 1 6  ? 18.424  1.781   1.486   1.00   65.00 ? 6    A   A N1    1 
ATOM   131 C  C2    . A   A 1 6  ? 17.346  2.251   0.834   1.00   63.40 ? 6    A   A C2    1 
ATOM   132 N  N3    . A   A 1 6  ? 16.066  2.298   1.217   1.00   55.45 ? 6    A   A N3    1 
ATOM   133 C  C4    . A   A 1 6  ? 15.930  1.790   2.446   1.00   49.64 ? 6    A   A C4    1 
ATOM   134 P  P     . G   A 1 7  ? 9.046   3.174   2.258   1.00   41.70 ? 7    G   A P     1 
ATOM   135 O  OP1   . G   A 1 7  ? 8.305   2.521   1.149   1.00   46.13 ? 7    G   A OP1   1 
ATOM   136 O  OP2   . G   A 1 7  ? 9.262   4.632   2.258   1.00   38.96 ? 7    G   A OP2   1 
ATOM   137 O  "O5'" . G   A 1 7  ? 8.305   2.845   3.635   1.00   33.75 ? 7    G   A "O5'" 1 
ATOM   138 C  "C5'" . G   A 1 7  ? 7.648   1.607   3.864   1.00   33.69 ? 7    G   A "C5'" 1 
ATOM   139 C  "C4'" . G   A 1 7  ? 6.562   1.776   4.895   1.00   33.75 ? 7    G   A "C4'" 1 
ATOM   140 O  "O4'" . G   A 1 7  ? 7.109   2.480   6.048   1.00   33.91 ? 7    G   A "O4'" 1 
ATOM   141 C  "C3'" . G   A 1 7  ? 5.377   2.613   4.427   1.00   31.69 ? 7    G   A "C3'" 1 
ATOM   142 O  "O3'" . G   A 1 7  ? 4.228   2.193   5.150   1.00   33.82 ? 7    G   A "O3'" 1 
ATOM   143 C  "C2'" . G   A 1 7  ? 5.761   4.006   4.898   1.00   33.10 ? 7    G   A "C2'" 1 
ATOM   144 O  "O2'" . G   A 1 7  ? 4.685   4.902   5.041   1.00   36.43 ? 7    G   A "O2'" 1 
ATOM   145 C  "C1'" . G   A 1 7  ? 6.400   3.687   6.241   1.00   33.96 ? 7    G   A "C1'" 1 
ATOM   146 N  N9    . G   A 1 7  ? 7.301   4.737   6.723   1.00   36.13 ? 7    G   A N9    1 
ATOM   147 C  C8    . G   A 1 7  ? 8.317   5.365   6.037   1.00   40.00 ? 7    G   A C8    1 
ATOM   148 N  N7    . G   A 1 7  ? 8.910   6.288   6.740   1.00   35.92 ? 7    G   A N7    1 
ATOM   149 C  C5    . G   A 1 7  ? 8.235   6.284   7.950   1.00   36.46 ? 7    G   A C5    1 
ATOM   150 C  C6    . G   A 1 7  ? 8.432   7.073   9.111   1.00   43.12 ? 7    G   A C6    1 
ATOM   151 O  O6    . G   A 1 7  ? 9.272   7.967   9.295   1.00   50.67 ? 7    G   A O6    1 
ATOM   152 N  N1    . G   A 1 7  ? 7.516   6.734   10.107  1.00   41.24 ? 7    G   A N1    1 
ATOM   153 C  C2    . G   A 1 7  ? 6.547   5.761   10.001  1.00   41.84 ? 7    G   A C2    1 
ATOM   154 N  N2    . G   A 1 7  ? 5.752   5.574   11.066  1.00   39.30 ? 7    G   A N2    1 
ATOM   155 N  N3    . G   A 1 7  ? 6.357   5.024   8.923   1.00   36.69 ? 7    G   A N3    1 
ATOM   156 C  C4    . G   A 1 7  ? 7.233   5.340   7.949   1.00   39.51 ? 7    G   A C4    1 
ATOM   157 P  P     . A   A 1 8  ? 2.827   1.968   4.400   1.00   33.16 ? 8    A   A P     1 
ATOM   158 O  OP1   . A   A 1 8  ? 3.047   1.512   3.017   1.00   30.93 ? 8    A   A OP1   1 
ATOM   159 O  OP2   . A   A 1 8  ? 1.987   3.172   4.613   1.00   34.80 ? 8    A   A OP2   1 
ATOM   160 O  "O5'" . A   A 1 8  ? 2.191   0.777   5.222   1.00   31.99 ? 8    A   A "O5'" 1 
ATOM   161 C  "C5'" . A   A 1 8  ? 2.723   -0.537  5.157   1.00   32.44 ? 8    A   A "C5'" 1 
ATOM   162 C  "C4'" . A   A 1 8  ? 1.929   -1.455  6.040   1.00   35.37 ? 8    A   A "C4'" 1 
ATOM   163 O  "O4'" . A   A 1 8  ? 2.381   -1.311  7.407   1.00   34.18 ? 8    A   A "O4'" 1 
ATOM   164 C  "C3'" . A   A 1 8  ? 0.436   -1.141  6.081   1.00   38.43 ? 8    A   A "C3'" 1 
ATOM   165 O  "O3'" . A   A 1 8  ? -0.269  -1.853  5.081   1.00   42.53 ? 8    A   A "O3'" 1 
ATOM   166 C  "C2'" . A   A 1 8  ? 0.039   -1.534  7.492   1.00   37.72 ? 8    A   A "C2'" 1 
ATOM   167 O  "O2'" . A   A 1 8  ? -0.097  -2.939  7.578   1.00   41.31 ? 8    A   A "O2'" 1 
ATOM   168 C  "C1'" . A   A 1 8  ? 1.288   -1.142  8.269   1.00   37.51 ? 8    A   A "C1'" 1 
ATOM   169 N  N9    . A   A 1 8  ? 1.286   0.277   8.665   1.00   37.13 ? 8    A   A N9    1 
ATOM   170 C  C8    . A   A 1 8  ? 2.134   1.238   8.174   1.00   36.45 ? 8    A   A C8    1 
ATOM   171 N  N7    . A   A 1 8  ? 1.957   2.429   8.689   1.00   38.22 ? 8    A   A N7    1 
ATOM   172 C  C5    . A   A 1 8  ? 0.915   2.234   9.578   1.00   42.08 ? 8    A   A C5    1 
ATOM   173 C  C6    . A   A 1 8  ? 0.254   3.119   10.445  1.00   47.43 ? 8    A   A C6    1 
ATOM   174 N  N6    . A   A 1 8  ? 0.567   4.414   10.542  1.00   45.33 ? 8    A   A N6    1 
ATOM   175 N  N1    . A   A 1 8  ? -0.745  2.622   11.209  1.00   49.71 ? 8    A   A N1    1 
ATOM   176 C  C2    . A   A 1 8  ? -1.040  1.321   11.098  1.00   47.66 ? 8    A   A C2    1 
ATOM   177 N  N3    . A   A 1 8  ? -0.496  0.390   10.317  1.00   44.19 ? 8    A   A N3    1 
ATOM   178 C  C4    . A   A 1 8  ? 0.491   0.916   9.577   1.00   41.89 ? 8    A   A C4    1 
ATOM   179 P  P     . A   A 1 9  ? -1.458  -1.177  4.250   1.00   44.04 ? 9    A   A P     1 
ATOM   180 O  OP1   . A   A 1 9  ? -1.772  -2.163  3.187   1.00   55.15 ? 9    A   A OP1   1 
ATOM   181 O  OP2   . A   A 1 9  ? -1.126  0.223   3.873   1.00   42.25 ? 9    A   A OP2   1 
ATOM   182 O  "O5'" . A   A 1 9  ? -2.656  -1.133  5.290   1.00   42.43 ? 9    A   A "O5'" 1 
ATOM   183 C  "C5'" . A   A 1 9  ? -3.121  -2.324  5.902   1.00   34.84 ? 9    A   A "C5'" 1 
ATOM   184 C  "C4'" . A   A 1 9  ? -3.999  -2.018  7.085   1.00   39.54 ? 9    A   A "C4'" 1 
ATOM   185 O  "O4'" . A   A 1 9  ? -3.231  -1.336  8.104   1.00   36.93 ? 9    A   A "O4'" 1 
ATOM   186 C  "C3'" . A   A 1 9  ? -5.178  -1.094  6.827   1.00   42.09 ? 9    A   A "C3'" 1 
ATOM   187 O  "O3'" . A   A 1 9  ? -6.288  -1.780  6.272   1.00   44.67 ? 9    A   A "O3'" 1 
ATOM   188 C  "C2'" . A   A 1 9  ? -5.465  -0.544  8.208   1.00   40.57 ? 9    A   A "C2'" 1 
ATOM   189 O  "O2'" . A   A 1 9  ? -6.166  -1.510  8.975   1.00   42.49 ? 9    A   A "O2'" 1 
ATOM   190 C  "C1'" . A   A 1 9  ? -4.053  -0.414  8.783   1.00   36.89 ? 9    A   A "C1'" 1 
ATOM   191 N  N9    . A   A 1 9  ? -3.497  0.941   8.600   1.00   43.66 ? 9    A   A N9    1 
ATOM   192 C  C8    . A   A 1 9  ? -2.525  1.364   7.721   1.00   39.26 ? 9    A   A C8    1 
ATOM   193 N  N7    . A   A 1 9  ? -2.256  2.649   7.810   1.00   41.61 ? 9    A   A N7    1 
ATOM   194 C  C5    . A   A 1 9  ? -3.105  3.096   8.817   1.00   43.99 ? 9    A   A C5    1 
ATOM   195 C  C6    . A   A 1 9  ? -3.316  4.358   9.403   1.00   44.80 ? 9    A   A C6    1 
ATOM   196 N  N6    . A   A 1 9  ? -2.655  5.463   9.050   1.00   46.77 ? 9    A   A N6    1 
ATOM   197 N  N1    . A   A 1 9  ? -4.241  4.453   10.385  1.00   45.44 ? 9    A   A N1    1 
ATOM   198 C  C2    . A   A 1 9  ? -4.907  3.354   10.753  1.00   44.38 ? 9    A   A C2    1 
ATOM   199 N  N3    . A   A 1 9  ? -4.800  2.112   10.281  1.00   44.90 ? 9    A   A N3    1 
ATOM   200 C  C4    . A   A 1 9  ? -3.875  2.054   9.306   1.00   43.12 ? 9    A   A C4    1 
ATOM   201 P  P     . C   A 1 10 ? -7.136  -1.145  5.060   1.00   40.89 ? 10   C   A P     1 
ATOM   202 O  OP1   . C   A 1 10 ? -8.268  -2.077  4.797   1.00   48.27 ? 10   C   A OP1   1 
ATOM   203 O  OP2   . C   A 1 10 ? -6.222  -0.766  3.956   1.00   37.69 ? 10   C   A OP2   1 
ATOM   204 O  "O5'" . C   A 1 10 ? -7.712  0.221   5.637   1.00   31.93 ? 10   C   A "O5'" 1 
ATOM   205 C  "C5'" . C   A 1 10 ? -8.614  0.243   6.729   1.00   37.49 ? 10   C   A "C5'" 1 
ATOM   206 C  "C4'" . C   A 1 10 ? -8.750  1.642   7.256   1.00   37.36 ? 10   C   A "C4'" 1 
ATOM   207 O  "O4'" . C   A 1 10 ? -7.484  2.054   7.835   1.00   38.50 ? 10   C   A "O4'" 1 
ATOM   208 C  "C3'" . C   A 1 10 ? -9.031  2.701   6.206   1.00   38.34 ? 10   C   A "C3'" 1 
ATOM   209 O  "O3'" . C   A 1 10 ? -10.394 2.776   5.832   1.00   39.91 ? 10   C   A "O3'" 1 
ATOM   210 C  "C2'" . C   A 1 10 ? -8.494  3.963   6.858   1.00   34.18 ? 10   C   A "C2'" 1 
ATOM   211 O  "O2'" . C   A 1 10 ? -9.398  4.441   7.845   1.00   42.71 ? 10   C   A "O2'" 1 
ATOM   212 C  "C1'" . C   A 1 10 ? -7.255  3.424   7.567   1.00   37.36 ? 10   C   A "C1'" 1 
ATOM   213 N  N1    . C   A 1 10 ? -6.043  3.549   6.722   1.00   35.25 ? 10   C   A N1    1 
ATOM   214 C  C2    . C   A 1 10 ? -5.381  4.781   6.653   1.00   39.22 ? 10   C   A C2    1 
ATOM   215 O  O2    . C   A 1 10 ? -5.812  5.743   7.306   1.00   45.07 ? 10   C   A O2    1 
ATOM   216 N  N3    . C   A 1 10 ? -4.275  4.904   5.878   1.00   35.28 ? 10   C   A N3    1 
ATOM   217 C  C4    . C   A 1 10 ? -3.828  3.858   5.182   1.00   36.50 ? 10   C   A C4    1 
ATOM   218 N  N4    . C   A 1 10 ? -2.745  4.030   4.420   1.00   32.30 ? 10   C   A N4    1 
ATOM   219 C  C5    . C   A 1 10 ? -4.479  2.591   5.230   1.00   39.76 ? 10   C   A C5    1 
ATOM   220 C  C6    . C   A 1 10 ? -5.572  2.483   6.001   1.00   38.74 ? 10   C   A C6    1 
ATOM   221 P  P     . C   A 1 11 ? -10.780 3.226   4.341   1.00   42.49 ? 11   C   A P     1 
ATOM   222 O  OP1   . C   A 1 11 ? -12.216 2.947   4.081   1.00   45.41 ? 11   C   A OP1   1 
ATOM   223 O  OP2   . C   A 1 11 ? -9.782  2.640   3.430   1.00   38.04 ? 11   C   A OP2   1 
ATOM   224 O  "O5'" . C   A 1 11 ? -10.534 4.796   4.345   1.00   43.37 ? 11   C   A "O5'" 1 
ATOM   225 C  "C5'" . C   A 1 11 ? -11.213 5.644   5.255   1.00   43.01 ? 11   C   A "C5'" 1 
ATOM   226 C  "C4'" . C   A 1 11 ? -10.830 7.083   5.041   1.00   36.58 ? 11   C   A "C4'" 1 
ATOM   227 O  "O4'" . C   A 1 11 ? -9.473  7.303   5.499   1.00   40.30 ? 11   C   A "O4'" 1 
ATOM   228 C  "C3'" . C   A 1 11 ? -10.802 7.557   3.598   1.00   36.54 ? 11   C   A "C3'" 1 
ATOM   229 O  "O3'" . C   A 1 11 ? -12.086 7.838   3.069   1.00   37.98 ? 11   C   A "O3'" 1 
ATOM   230 C  "C2'" . C   A 1 11 ? -9.870  8.761   3.666   1.00   37.59 ? 11   C   A "C2'" 1 
ATOM   231 O  "O2'" . C   A 1 11 ? -10.534 9.894   4.205   1.00   44.99 ? 11   C   A "O2'" 1 
ATOM   232 C  "C1'" . C   A 1 11 ? -8.837  8.270   4.680   1.00   41.41 ? 11   C   A "C1'" 1 
ATOM   233 N  N1    . C   A 1 11 ? -7.675  7.633   4.013   1.00   38.97 ? 11   C   A N1    1 
ATOM   234 C  C2    . C   A 1 11 ? -6.699  8.458   3.453   1.00   42.23 ? 11   C   A C2    1 
ATOM   235 O  O2    . C   A 1 11 ? -6.835  9.689   3.533   1.00   44.25 ? 11   C   A O2    1 
ATOM   236 N  N3    . C   A 1 11 ? -5.630  7.903   2.839   1.00   40.08 ? 11   C   A N3    1 
ATOM   237 C  C4    . C   A 1 11 ? -5.507  6.578   2.769   1.00   36.83 ? 11   C   A C4    1 
ATOM   238 N  N4    . C   A 1 11 ? -4.424  6.090   2.150   1.00   34.08 ? 11   C   A N4    1 
ATOM   239 C  C5    . C   A 1 11 ? -6.481  5.709   3.336   1.00   34.17 ? 11   C   A C5    1 
ATOM   240 C  C6    . C   A 1 11 ? -7.543  6.271   3.938   1.00   35.44 ? 11   C   A C6    1 
ATOM   241 P  P     . G   A 1 12 ? -12.363 7.586   1.509   1.00   44.23 ? 12   G   A P     1 
ATOM   242 O  OP1   . G   A 1 12 ? -13.805 7.845   1.267   1.00   54.40 ? 12   G   A OP1   1 
ATOM   243 O  OP2   . G   A 1 12 ? -11.764 6.305   1.096   1.00   40.97 ? 12   G   A OP2   1 
ATOM   244 O  "O5'" . G   A 1 12 ? -11.521 8.736   0.810   1.00   41.12 ? 12   G   A "O5'" 1 
ATOM   245 C  "C5'" . G   A 1 12 ? -11.843 10.086  1.069   1.00   43.69 ? 12   G   A "C5'" 1 
ATOM   246 C  "C4'" . G   A 1 12 ? -10.863 11.026  0.430   1.00   45.72 ? 12   G   A "C4'" 1 
ATOM   247 O  "O4'" . G   A 1 12 ? -9.564  10.935  1.078   1.00   47.50 ? 12   G   A "O4'" 1 
ATOM   248 C  "C3'" . G   A 1 12 ? -10.541 10.790  -1.030  1.00   40.28 ? 12   G   A "C3'" 1 
ATOM   249 O  "O3'" . G   A 1 12 ? -11.575 11.187  -1.914  1.00   42.34 ? 12   G   A "O3'" 1 
ATOM   250 C  "C2'" . G   A 1 12 ? -9.249  11.578  -1.180  1.00   43.82 ? 12   G   A "C2'" 1 
ATOM   251 O  "O2'" . G   A 1 12 ? -9.510  12.978  -1.179  1.00   46.72 ? 12   G   A "O2'" 1 
ATOM   252 C  "C1'" . G   A 1 12 ? -8.548  11.213  0.131   1.00   41.64 ? 12   G   A "C1'" 1 
ATOM   253 N  N9    . G   A 1 12 ? -7.743  10.001  -0.085  1.00   36.63 ? 12   G   A N9    1 
ATOM   254 C  C8    . G   A 1 12 ? -8.004  8.700   0.269   1.00   33.84 ? 12   G   A C8    1 
ATOM   255 N  N7    . G   A 1 12 ? -7.075  7.878   -0.155  1.00   38.00 ? 12   G   A N7    1 
ATOM   256 C  C5    . G   A 1 12 ? -6.180  8.685   -0.847  1.00   35.27 ? 12   G   A C5    1 
ATOM   257 C  C6    . G   A 1 12 ? -4.982  8.371   -1.529  1.00   34.33 ? 12   G   A C6    1 
ATOM   258 O  O6    . G   A 1 12 ? -4.458  7.271   -1.685  1.00   35.78 ? 12   G   A O6    1 
ATOM   259 N  N1    . G   A 1 12 ? -4.396  9.498   -2.084  1.00   34.01 ? 12   G   A N1    1 
ATOM   260 C  C2    . G   A 1 12 ? -4.888  10.772  -1.993  1.00   36.18 ? 12   G   A C2    1 
ATOM   261 N  N2    . G   A 1 12 ? -4.174  11.737  -2.597  1.00   35.83 ? 12   G   A N2    1 
ATOM   262 N  N3    . G   A 1 12 ? -6.002  11.079  -1.359  1.00   34.55 ? 12   G   A N3    1 
ATOM   263 C  C4    . G   A 1 12 ? -6.582  9.992   -0.815  1.00   33.59 ? 12   G   A C4    1 
ATOM   264 P  P     . G   A 1 13 ? -11.744 10.455  -3.341  1.00   43.18 ? 13   G   A P     1 
ATOM   265 O  OP1   . G   A 1 13 ? -12.941 11.003  -4.021  1.00   44.50 ? 13   G   A OP1   1 
ATOM   266 O  OP2   . G   A 1 13 ? -11.606 8.989   -3.157  1.00   38.68 ? 13   G   A OP2   1 
ATOM   267 O  "O5'" . G   A 1 13 ? -10.510 10.979  -4.183  1.00   43.51 ? 13   G   A "O5'" 1 
ATOM   268 C  "C5'" . G   A 1 13 ? -10.375 12.356  -4.489  1.00   44.49 ? 13   G   A "C5'" 1 
ATOM   269 C  "C4'" . G   A 1 13 ? -9.033  12.635  -5.106  1.00   44.25 ? 13   G   A "C4'" 1 
ATOM   270 O  "O4'" . G   A 1 13 ? -7.983  12.145  -4.234  1.00   45.04 ? 13   G   A "O4'" 1 
ATOM   271 C  "C3'" . G   A 1 13 ? -8.755  11.934  -6.421  1.00   46.66 ? 13   G   A "C3'" 1 
ATOM   272 O  "O3'" . G   A 1 13 ? -9.383  12.547  -7.534  1.00   51.86 ? 13   G   A "O3'" 1 
ATOM   273 C  "C2'" . G   A 1 13 ? -7.236  11.947  -6.475  1.00   45.82 ? 13   G   A "C2'" 1 
ATOM   274 O  "O2'" . G   A 1 13 ? -6.757  13.237  -6.813  1.00   53.57 ? 13   G   A "O2'" 1 
ATOM   275 C  "C1'" . G   A 1 13 ? -6.891  11.689  -5.012  1.00   42.41 ? 13   G   A "C1'" 1 
ATOM   276 N  N9    . G   A 1 13 ? -6.672  10.250  -4.772  1.00   38.91 ? 13   G   A N9    1 
ATOM   277 C  C8    . G   A 1 13 ? -7.441  9.348   -4.081  1.00   34.71 ? 13   G   A C8    1 
ATOM   278 N  N7    . G   A 1 13 ? -6.934  8.135   -4.094  1.00   35.50 ? 13   G   A N7    1 
ATOM   279 C  C5    . G   A 1 13 ? -5.772  8.242   -4.840  1.00   32.23 ? 13   G   A C5    1 
ATOM   280 C  C6    . G   A 1 13 ? -4.801  7.274   -5.206  1.00   30.00 ? 13   G   A C6    1 
ATOM   281 O  O6    . G   A 1 13 ? -4.747  6.068   -4.934  1.00   29.04 ? 13   G   A O6    1 
ATOM   282 N  N1    . G   A 1 13 ? -3.789  7.839   -5.972  1.00   30.03 ? 13   G   A N1    1 
ATOM   283 C  C2    . G   A 1 13 ? -3.718  9.157   -6.328  1.00   31.31 ? 13   G   A C2    1 
ATOM   284 N  N2    . G   A 1 13 ? -2.664  9.519   -7.066  1.00   38.74 ? 13   G   A N2    1 
ATOM   285 N  N3    . G   A 1 13 ? -4.612  10.060  -6.001  1.00   43.92 ? 13   G   A N3    1 
ATOM   286 C  C4    . G   A 1 13 ? -5.605  9.538   -5.265  1.00   36.94 ? 13   G   A C4    1 
ATOM   287 P  P     . G   A 1 14 ? -10.026 11.634  -8.693  1.00   50.75 ? 14   G   A P     1 
ATOM   288 O  OP1   . G   A 1 14 ? -10.445 12.505  -9.816  1.00   52.89 ? 14   G   A OP1   1 
ATOM   289 O  OP2   . G   A 1 14 ? -11.011 10.723  -8.059  1.00   48.84 ? 14   G   A OP2   1 
ATOM   290 O  "O5'" . G   A 1 14 ? -8.799  10.761  -9.204  1.00   46.63 ? 14   G   A "O5'" 1 
ATOM   291 C  "C5'" . G   A 1 14 ? -7.701  11.360  -9.877  1.00   52.82 ? 14   G   A "C5'" 1 
ATOM   292 C  "C4'" . G   A 1 14 ? -6.638  10.338  -10.181 1.00   48.99 ? 14   G   A "C4'" 1 
ATOM   293 O  "O4'" . G   A 1 14 ? -6.216  9.702   -8.953  1.00   43.37 ? 14   G   A "O4'" 1 
ATOM   294 C  "C3'" . G   A 1 14 ? -7.086  9.193   -11.070 1.00   47.06 ? 14   G   A "C3'" 1 
ATOM   295 O  "O3'" . G   A 1 14 ? -6.970  9.534   -12.433 1.00   55.00 ? 14   G   A "O3'" 1 
ATOM   296 C  "C2'" . G   A 1 14 ? -6.166  8.048   -10.660 1.00   47.78 ? 14   G   A "C2'" 1 
ATOM   297 O  "O2'" . G   A 1 14 ? -4.910  8.157   -11.323 1.00   44.15 ? 14   G   A "O2'" 1 
ATOM   298 C  "C1'" . G   A 1 14 ? -5.954  8.335   -9.174  1.00   43.44 ? 14   G   A "C1'" 1 
ATOM   299 N  N9    . G   A 1 14 ? -6.817  7.552   -8.264  1.00   41.69 ? 14   G   A N9    1 
ATOM   300 C  C8    . G   A 1 14 ? -7.972  8.001   -7.666  1.00   44.44 ? 14   G   A C8    1 
ATOM   301 N  N7    . G   A 1 14 ? -8.526  7.135   -6.866  1.00   39.18 ? 14   G   A N7    1 
ATOM   302 C  C5    . G   A 1 14 ? -7.674  6.046   -6.925  1.00   37.85 ? 14   G   A C5    1 
ATOM   303 C  C6    . G   A 1 14 ? -7.761  4.810   -6.253  1.00   38.13 ? 14   G   A C6    1 
ATOM   304 O  O6    . G   A 1 14 ? -8.643  4.437   -5.474  1.00   36.58 ? 14   G   A O6    1 
ATOM   305 N  N1    . G   A 1 14 ? -6.707  3.967   -6.576  1.00   30.82 ? 14   G   A N1    1 
ATOM   306 C  C2    . G   A 1 14 ? -5.690  4.286   -7.438  1.00   35.29 ? 14   G   A C2    1 
ATOM   307 N  N2    . G   A 1 14 ? -4.769  3.328   -7.617  1.00   29.10 ? 14   G   A N2    1 
ATOM   308 N  N3    . G   A 1 14 ? -5.583  5.449   -8.069  1.00   34.33 ? 14   G   A N3    1 
ATOM   309 C  C4    . G   A 1 14 ? -6.609  6.279   -7.770  1.00   38.71 ? 14   G   A C4    1 
ATOM   310 P  P     . G   A 1 15 ? -8.255  9.522   -13.390 1.00   51.82 ? 15   G   A P     1 
ATOM   311 O  OP1   . G   A 1 15 ? -7.995  10.528  -14.444 1.00   64.01 ? 15   G   A OP1   1 
ATOM   312 O  OP2   . G   A 1 15 ? -9.492  9.584   -12.573 1.00   55.85 ? 15   G   A OP2   1 
ATOM   313 O  "O5'" . G   A 1 15 ? -8.180  8.092   -14.072 1.00   51.76 ? 15   G   A "O5'" 1 
ATOM   314 C  "C5'" . G   A 1 15 ? -6.934  7.587   -14.535 1.00   57.73 ? 15   G   A "C5'" 1 
ATOM   315 C  "C4'" . G   A 1 15 ? -6.878  6.090   -14.411 1.00   49.51 ? 15   G   A "C4'" 1 
ATOM   316 O  "O4'" . G   A 1 15 ? -7.129  5.736   -13.024 1.00   44.58 ? 15   G   A "O4'" 1 
ATOM   317 C  "C3'" . G   A 1 15 ? -7.929  5.348   -15.235 1.00   51.03 ? 15   G   A "C3'" 1 
ATOM   318 O  "O3'" . G   A 1 15 ? -7.414  4.082   -15.625 1.00   54.51 ? 15   G   A "O3'" 1 
ATOM   319 C  "C2'" . G   A 1 15 ? -9.052  5.147   -14.230 1.00   47.09 ? 15   G   A "C2'" 1 
ATOM   320 O  "O2'" . G   A 1 15 ? -9.930  4.084   -14.522 1.00   51.41 ? 15   G   A "O2'" 1 
ATOM   321 C  "C1'" . G   A 1 15 ? -8.266  4.899   -12.946 1.00   42.73 ? 15   G   A "C1'" 1 
ATOM   322 N  N9    . G   A 1 15 ? -9.036  5.211   -11.745 1.00   44.05 ? 15   G   A N9    1 
ATOM   323 C  C8    . G   A 1 15 ? -9.938  6.232   -11.603 1.00   47.17 ? 15   G   A C8    1 
ATOM   324 N  N7    . G   A 1 15 ? -10.522 6.244   -10.432 1.00   45.78 ? 15   G   A N7    1 
ATOM   325 C  C5    . G   A 1 15 ? -9.983  5.156   -9.767  1.00   37.20 ? 15   G   A C5    1 
ATOM   326 C  C6    . G   A 1 15 ? -10.251 4.660   -8.473  1.00   36.64 ? 15   G   A C6    1 
ATOM   327 O  O6    . G   A 1 15 ? -11.033 5.121   -7.633  1.00   42.35 ? 15   G   A O6    1 
ATOM   328 N  N1    . G   A 1 15 ? -9.486  3.529   -8.198  1.00   33.31 ? 15   G   A N1    1 
ATOM   329 C  C2    . G   A 1 15 ? -8.592  2.955   -9.062  1.00   34.61 ? 15   G   A C2    1 
ATOM   330 N  N2    . G   A 1 15 ? -7.940  1.875   -8.621  1.00   30.46 ? 15   G   A N2    1 
ATOM   331 N  N3    . G   A 1 15 ? -8.341  3.402   -10.277 1.00   40.69 ? 15   G   A N3    1 
ATOM   332 C  C4    . G   A 1 15 ? -9.068  4.500   -10.563 1.00   40.97 ? 15   G   A C4    1 
ATOM   333 P  P     . A   A 1 16 ? -7.155  3.757   -17.173 1.00   57.35 ? 16   A   A P     1 
ATOM   334 O  OP1   . A   A 1 16 ? -6.460  4.909   -17.810 1.00   63.58 ? 16   A   A OP1   1 
ATOM   335 O  OP2   . A   A 1 16 ? -8.434  3.258   -17.726 1.00   59.28 ? 16   A   A OP2   1 
ATOM   336 O  "O5'" . A   A 1 16 ? -6.146  2.534   -17.131 1.00   60.00 ? 16   A   A "O5'" 1 
ATOM   337 C  "C5'" . A   A 1 16 ? -4.799  2.712   -16.720 1.00   54.57 ? 16   A   A "C5'" 1 
ATOM   338 C  "C4'" . A   A 1 16 ? -4.161  1.390   -16.381 1.00   52.76 ? 16   A   A "C4'" 1 
ATOM   339 O  "O4'" . A   A 1 16 ? -4.513  1.031   -15.020 1.00   47.83 ? 16   A   A "O4'" 1 
ATOM   340 C  "C3'" . A   A 1 16 ? -4.603  0.220   -17.254 1.00   55.08 ? 16   A   A "C3'" 1 
ATOM   341 O  "O3'" . A   A 1 16 ? -3.526  -0.700  -17.361 1.00   60.35 ? 16   A   A "O3'" 1 
ATOM   342 C  "C2'" . A   A 1 16 ? -5.711  -0.411  -16.423 1.00   58.56 ? 16   A   A "C2'" 1 
ATOM   343 O  "O2'" . A   A 1 16 ? -5.972  -1.769  -16.716 1.00   56.48 ? 16   A   A "O2'" 1 
ATOM   344 C  "C1'" . A   A 1 16 ? -5.166  -0.222  -15.012 1.00   47.37 ? 16   A   A "C1'" 1 
ATOM   345 N  N9    . A   A 1 16 ? -6.199  -0.206  -13.972 1.00   43.56 ? 16   A   A N9    1 
ATOM   346 C  C8    . A   A 1 16 ? -7.240  0.671   -13.805 1.00   54.15 ? 16   A   A C8    1 
ATOM   347 N  N7    . A   A 1 16 ? -7.994  0.410   -12.763 1.00   39.59 ? 16   A   A N7    1 
ATOM   348 C  C5    . A   A 1 16 ? -7.402  -0.724  -12.220 1.00   39.76 ? 16   A   A C5    1 
ATOM   349 C  C6    . A   A 1 16 ? -7.718  -1.510  -11.105 1.00   41.43 ? 16   A   A C6    1 
ATOM   350 N  N6    . A   A 1 16 ? -8.759  -1.261  -10.322 1.00   33.39 ? 16   A   A N6    1 
ATOM   351 N  N1    . A   A 1 16 ? -6.927  -2.567  -10.824 1.00   43.09 ? 16   A   A N1    1 
ATOM   352 C  C2    . A   A 1 16 ? -5.893  -2.815  -11.625 1.00   38.08 ? 16   A   A C2    1 
ATOM   353 N  N3    . A   A 1 16 ? -5.494  -2.152  -12.704 1.00   45.43 ? 16   A   A N3    1 
ATOM   354 C  C4    . A   A 1 16 ? -6.299  -1.107  -12.947 1.00   40.64 ? 16   A   A C4    1 
ATOM   355 P  P     . G   A 1 17 ? -2.379  -0.459  -18.458 1.00   66.33 ? 17   G   A P     1 
ATOM   356 O  OP1   . G   A 1 17 ? -2.852  0.598   -19.391 1.00   66.49 ? 17   G   A OP1   1 
ATOM   357 O  OP2   . G   A 1 17 ? -1.996  -1.801  -18.968 1.00   64.29 ? 17   G   A OP2   1 
ATOM   358 O  "O5'" . G   A 1 17 ? -1.167  0.144   -17.620 1.00   58.63 ? 17   G   A "O5'" 1 
ATOM   359 C  "C5'" . G   A 1 17 ? -0.300  -0.695  -16.876 1.00   57.36 ? 17   G   A "C5'" 1 
ATOM   360 C  "C4'" . G   A 1 17 ? -0.498  -0.506  -15.393 1.00   54.86 ? 17   G   A "C4'" 1 
ATOM   361 O  "O4'" . G   A 1 17 ? -1.848  -0.919  -15.037 1.00   54.42 ? 17   G   A "O4'" 1 
ATOM   362 C  "C3'" . G   A 1 17 ? 0.406   -1.345  -14.495 1.00   49.79 ? 17   G   A "C3'" 1 
ATOM   363 O  "O3'" . G   A 1 17 ? 1.662   -0.739  -14.259 1.00   60.71 ? 17   G   A "O3'" 1 
ATOM   364 C  "C2'" . G   A 1 17 ? -0.435  -1.508  -13.241 1.00   45.41 ? 17   G   A "C2'" 1 
ATOM   365 O  "O2'" . G   A 1 17 ? -0.417  -0.315  -12.474 1.00   51.86 ? 17   G   A "O2'" 1 
ATOM   366 C  "C1'" . G   A 1 17 ? -1.824  -1.676  -13.849 1.00   47.99 ? 17   G   A "C1'" 1 
ATOM   367 N  N9    . G   A 1 17 ? -2.032  -3.080  -14.230 1.00   51.21 ? 17   G   A N9    1 
ATOM   368 C  C8    . G   A 1 17 ? -2.118  -3.561  -15.508 1.00   54.65 ? 17   G   A C8    1 
ATOM   369 N  N7    . G   A 1 17 ? -2.273  -4.850  -15.553 1.00   58.54 ? 17   G   A N7    1 
ATOM   370 C  C5    . G   A 1 17 ? -2.276  -5.237  -14.229 1.00   48.80 ? 17   G   A C5    1 
ATOM   371 C  C6    . G   A 1 17 ? -2.408  -6.520  -13.675 1.00   56.12 ? 17   G   A C6    1 
ATOM   372 O  O6    . G   A 1 17 ? -2.549  -7.594  -14.268 1.00   57.02 ? 17   G   A O6    1 
ATOM   373 N  N1    . G   A 1 17 ? -2.354  -6.470  -12.289 1.00   45.35 ? 17   G   A N1    1 
ATOM   374 C  C2    . G   A 1 17 ? -2.204  -5.335  -11.542 1.00   44.90 ? 17   G   A C2    1 
ATOM   375 N  N2    . G   A 1 17 ? -2.196  -5.502  -10.212 1.00   45.38 ? 17   G   A N2    1 
ATOM   376 N  N3    . G   A 1 17 ? -2.086  -4.123  -12.048 1.00   43.94 ? 17   G   A N3    1 
ATOM   377 C  C4    . G   A 1 17 ? -2.123  -4.159  -13.392 1.00   45.67 ? 17   G   A C4    1 
ATOM   378 P  P     . C   A 1 18 ? 3.006   -1.622  -14.203 1.00   58.94 ? 18   C   A P     1 
ATOM   379 O  OP1   . C   A 1 18 ? 4.150   -0.682  -14.166 1.00   59.68 ? 18   C   A OP1   1 
ATOM   380 O  OP2   . C   A 1 18 ? 2.950   -2.646  -15.276 1.00   55.36 ? 18   C   A OP2   1 
ATOM   381 O  "O5'" . C   A 1 18 ? 2.922   -2.363  -12.795 1.00   50.08 ? 18   C   A "O5'" 1 
ATOM   382 C  "C5'" . C   A 1 18 ? 2.896   -1.633  -11.582 1.00   47.35 ? 18   C   A "C5'" 1 
ATOM   383 C  "C4'" . C   A 1 18 ? 2.767   -2.557  -10.402 1.00   49.97 ? 18   C   A "C4'" 1 
ATOM   384 O  "O4'" . C   A 1 18 ? 1.471   -3.210  -10.438 1.00   49.60 ? 18   C   A "O4'" 1 
ATOM   385 C  "C3'" . C   A 1 18 ? 3.756   -3.708  -10.351 1.00   52.38 ? 18   C   A "C3'" 1 
ATOM   386 O  "O3'" . C   A 1 18 ? 5.014   -3.341  -9.827  1.00   55.31 ? 18   C   A "O3'" 1 
ATOM   387 C  "C2'" . C   A 1 18 ? 3.027   -4.726  -9.497  1.00   51.90 ? 18   C   A "C2'" 1 
ATOM   388 O  "O2'" . C   A 1 18 ? 3.104   -4.375  -8.126  1.00   54.79 ? 18   C   A "O2'" 1 
ATOM   389 C  "C1'" . C   A 1 18 ? 1.589   -4.534  -9.972  1.00   50.68 ? 18   C   A "C1'" 1 
ATOM   390 N  N1    . C   A 1 18 ? 1.282   -5.444  -11.096 1.00   52.19 ? 18   C   A N1    1 
ATOM   391 C  C2    . C   A 1 18 ? 1.086   -6.787  -10.799 1.00   50.10 ? 18   C   A C2    1 
ATOM   392 O  O2    . C   A 1 18 ? 1.157   -7.148  -9.615  1.00   48.96 ? 18   C   A O2    1 
ATOM   393 N  N3    . C   A 1 18 ? 0.821   -7.649  -11.799 1.00   51.92 ? 18   C   A N3    1 
ATOM   394 C  C4    . C   A 1 18 ? 0.752   -7.215  -13.052 1.00   54.66 ? 18   C   A C4    1 
ATOM   395 N  N4    . C   A 1 18 ? 0.476   -8.111  -14.001 1.00   58.00 ? 18   C   A N4    1 
ATOM   396 C  C5    . C   A 1 18 ? 0.951   -5.846  -13.387 1.00   52.35 ? 18   C   A C5    1 
ATOM   397 C  C6    . C   A 1 18 ? 1.216   -4.997  -12.384 1.00   50.05 ? 18   C   A C6    1 
ATOM   398 P  P     . C   A 1 19 ? 6.335   -4.088  -10.337 1.00   58.39 ? 19   C   A P     1 
ATOM   399 O  OP1   . C   A 1 19 ? 7.491   -3.384  -9.728  1.00   66.96 ? 19   C   A OP1   1 
ATOM   400 O  OP2   . C   A 1 19 ? 6.236   -4.201  -11.810 1.00   52.40 ? 19   C   A OP2   1 
ATOM   401 O  "O5'" . C   A 1 19 ? 6.230   -5.543  -9.694  1.00   51.54 ? 19   C   A "O5'" 1 
ATOM   402 C  "C5'" . C   A 1 19 ? 6.197   -5.714  -8.284  1.00   48.07 ? 19   C   A "C5'" 1 
ATOM   403 C  "C4'" . C   A 1 19 ? 5.971   -7.154  -7.907  1.00   52.27 ? 19   C   A "C4'" 1 
ATOM   404 O  "O4'" . C   A 1 19 ? 4.688   -7.601  -8.412  1.00   56.65 ? 19   C   A "O4'" 1 
ATOM   405 C  "C3'" . C   A 1 19 ? 6.952   -8.160  -8.480  1.00   54.76 ? 19   C   A "C3'" 1 
ATOM   406 O  "O3'" . C   A 1 19 ? 8.177   -8.204  -7.774  1.00   67.34 ? 19   C   A "O3'" 1 
ATOM   407 C  "C2'" . C   A 1 19 ? 6.168   -9.461  -8.408  1.00   56.43 ? 19   C   A "C2'" 1 
ATOM   408 O  "O2'" . C   A 1 19 ? 6.180   -9.973  -7.085  1.00   70.99 ? 19   C   A "O2'" 1 
ATOM   409 C  "C1'" . C   A 1 19 ? 4.750   -8.977  -8.725  1.00   59.73 ? 19   C   A "C1'" 1 
ATOM   410 N  N1    . C   A 1 19 ? 4.396   -9.168  -10.153 1.00   60.79 ? 19   C   A N1    1 
ATOM   411 C  C2    . C   A 1 19 ? 4.005   -10.440 -10.588 1.00   57.91 ? 19   C   A C2    1 
ATOM   412 O  O2    . C   A 1 19 ? 3.968   -11.372 -9.776  1.00   59.48 ? 19   C   A O2    1 
ATOM   413 N  N3    . C   A 1 19 ? 3.675   -10.629 -11.881 1.00   59.79 ? 19   C   A N3    1 
ATOM   414 C  C4    . C   A 1 19 ? 3.723   -9.611  -12.735 1.00   58.66 ? 19   C   A C4    1 
ATOM   415 N  N4    . C   A 1 19 ? 3.400   -9.848  -14.007 1.00   61.21 ? 19   C   A N4    1 
ATOM   416 C  C5    . C   A 1 19 ? 4.120   -8.304  -12.328 1.00   55.46 ? 19   C   A C5    1 
ATOM   417 C  C6    . C   A 1 19 ? 4.443   -8.131  -11.042 1.00   55.85 ? 19   C   A C6    1 
HETATM 418 MG MG    . MG  B 2 .  ? -11.043 4.844   -5.380  0.73   30.41 ? 101  MG  A MG    1 
HETATM 419 MG MG    . MG  C 2 .  ? -8.452  3.903   -3.144  0.68   36.97 ? 102  MG  A MG    1 
HETATM 420 O  O     . HOH D 3 .  ? 1.356   -14.437 14.789  0.50   40.96 ? 2001 HOH A O     1 
HETATM 421 O  O     . HOH D 3 .  ? 3.130   -16.031 6.327   1.00   49.36 ? 2002 HOH A O     1 
HETATM 422 O  O     . HOH D 3 .  ? 9.954   -7.546  11.592  1.00   57.09 ? 2003 HOH A O     1 
HETATM 423 O  O     . HOH D 3 .  ? 11.555  7.870   7.183   1.00   52.34 ? 2004 HOH A O     1 
HETATM 424 O  O     . HOH D 3 .  ? 4.765   -0.180  2.443   1.00   50.79 ? 2005 HOH A O     1 
HETATM 425 O  O     . HOH D 3 .  ? 0.785   0.181   1.918   1.00   54.54 ? 2006 HOH A O     1 
HETATM 426 O  O     . HOH D 3 .  ? -2.098  4.200   13.406  1.00   49.36 ? 2007 HOH A O     1 
HETATM 427 O  O     . HOH D 3 .  ? -5.999  5.359   -0.914  1.00   44.53 ? 2008 HOH A O     1 
HETATM 428 O  O     . HOH D 3 .  ? -10.523 7.035   -1.861  1.00   42.25 ? 2009 HOH A O     1 
HETATM 429 O  O     . HOH D 3 .  ? -7.950  6.017   -2.745  1.00   43.81 ? 2010 HOH A O     1 
HETATM 430 O  O     . HOH D 3 .  ? -5.520  5.003   -2.962  1.00   36.46 ? 2011 HOH A O     1 
HETATM 431 O  O     . HOH D 3 .  ? -13.983 7.445   -3.533  1.00   42.62 ? 2012 HOH A O     1 
HETATM 432 O  O     . HOH D 3 .  ? -10.906 7.109   -5.605  1.00   33.71 ? 2013 HOH A O     1 
HETATM 433 O  O     . HOH D 3 .  ? -3.798  12.920  -6.737  1.00   52.09 ? 2014 HOH A O     1 
HETATM 434 O  O     . HOH D 3 .  ? -1.867  12.627  -7.851  1.00   48.04 ? 2015 HOH A O     1 
HETATM 435 O  O     . HOH D 3 .  ? -11.804 8.262   -8.871  1.00   40.67 ? 2016 HOH A O     1 
HETATM 436 O  O     . HOH D 3 .  ? -10.769 4.623   -3.036  1.00   37.90 ? 2017 HOH A O     1 
HETATM 437 O  O     . HOH D 3 .  ? -9.339  1.680   -3.494  1.00   38.99 ? 2018 HOH A O     1 
HETATM 438 O  O     . HOH D 3 .  ? -11.996 2.802   -5.529  1.00   40.10 ? 2019 HOH A O     1 
HETATM 439 O  O     . HOH D 3 .  ? -13.972 5.739   -9.015  1.00   50.41 ? 2020 HOH A O     1 
HETATM 440 O  O     . HOH D 3 .  ? -13.431 4.852   -5.725  1.00   42.09 ? 2021 HOH A O     1 
HETATM 441 O  O     . HOH D 3 .  ? -12.608 6.838   -7.199  1.00   30.08 ? 2022 HOH A O     1 
HETATM 442 O  O     . HOH D 3 .  ? -8.113  3.540   -0.820  1.00   46.52 ? 2023 HOH A O     1 
# 
loop_
_atom_site_anisotrop.id 
_atom_site_anisotrop.type_symbol 
_atom_site_anisotrop.pdbx_label_atom_id 
_atom_site_anisotrop.pdbx_label_alt_id 
_atom_site_anisotrop.pdbx_label_comp_id 
_atom_site_anisotrop.pdbx_label_asym_id 
_atom_site_anisotrop.pdbx_label_seq_id 
_atom_site_anisotrop.pdbx_PDB_ins_code 
_atom_site_anisotrop.U[1][1] 
_atom_site_anisotrop.U[2][2] 
_atom_site_anisotrop.U[3][3] 
_atom_site_anisotrop.U[1][2] 
_atom_site_anisotrop.U[1][3] 
_atom_site_anisotrop.U[2][3] 
_atom_site_anisotrop.pdbx_auth_seq_id 
_atom_site_anisotrop.pdbx_auth_comp_id 
_atom_site_anisotrop.pdbx_auth_asym_id 
_atom_site_anisotrop.pdbx_auth_atom_id 
1   P P     . G A 1  ? 0.7501 0.6687 1.2934 -0.0908 0.0086  0.4045  1  G A P     
2   O OP1   . G A 1  ? 0.7881 0.7030 1.3347 -0.0771 0.0121  0.4069  1  G A OP1   
3   O OP2   . G A 1  ? 0.7007 0.6471 1.2421 -0.0904 0.0042  0.4141  1  G A OP2   
4   O "O5'" . G A 1  ? 0.7977 0.7084 1.3260 -0.0970 0.0053  0.3893  1  G A "O5'" 
5   C "C5'" . G A 1  ? 0.7628 0.6405 1.2891 -0.1022 0.0109  0.3767  1  G A "C5'" 
6   C "C4'" . G A 1  ? 0.7374 0.5954 1.2557 -0.1195 0.0081  0.3661  1  G A "C4'" 
7   O "O4'" . G A 1  ? 0.6869 0.5581 1.2173 -0.1280 0.0028  0.3745  1  G A "O4'" 
8   C "C3'" . G A 1  ? 0.7410 0.6010 1.2367 -0.1232 0.0021  0.3559  1  G A "C3'" 
9   O "O3'" . G A 1  ? 0.7394 0.5728 1.2202 -0.1216 0.0091  0.3426  1  G A "O3'" 
10  C "C2'" . G A 1  ? 0.7929 0.6438 1.2887 -0.1407 -0.0056 0.3521  1  G A "C2'" 
11  O "O2'" . G A 1  ? 0.8523 0.6616 1.3431 -0.1522 -0.0014 0.3393  1  G A "O2'" 
12  C "C1'" . G A 1  ? 0.6859 0.5561 1.2065 -0.1403 -0.0060 0.3668  1  G A "C1'" 
13  N N9    . G A 1  ? 0.6575 0.5649 1.1807 -0.1368 -0.0136 0.3768  1  G A N9    
14  C C8    . G A 1  ? 0.6389 0.5742 1.1693 -0.1242 -0.0112 0.3906  1  G A C8    
15  N N7    . G A 1  ? 0.6179 0.5814 1.1472 -0.1238 -0.0180 0.3961  1  G A N7    
16  C C5    . G A 1  ? 0.7059 0.6614 1.2299 -0.1370 -0.0268 0.3860  1  G A C5    
17  C C6    . G A 1  ? 0.6807 0.6572 1.2035 -0.1428 -0.0378 0.3863  1  G A C6    
18  O O6    . G A 1  ? 0.5831 0.5907 1.1096 -0.1367 -0.0403 0.3956  1  G A O6    
19  N N1    . G A 1  ? 0.6197 0.5745 1.1354 -0.1574 -0.0468 0.3736  1  G A N1    
20  C C2    . G A 1  ? 0.6483 0.5642 1.1557 -0.1652 -0.0439 0.3613  1  G A C2    
21  N N2    . G A 1  ? 0.6641 0.5587 1.1608 -0.1796 -0.0549 0.3487  1  G A N2    
22  N N3    . G A 1  ? 0.6631 0.5597 1.1714 -0.1595 -0.0317 0.3607  1  G A N3    
23  C C4    . G A 1  ? 0.6473 0.5666 1.1655 -0.1455 -0.0245 0.3738  1  G A C4    
24  P P     . G A 2  ? 0.7840 0.6264 1.2425 -0.1150 0.0075  0.3357  2  G A P     
25  O OP1   . G A 2  ? 0.7918 0.6042 1.2435 -0.1110 0.0195  0.3238  2  G A OP1   
26  O OP2   . G A 2  ? 0.6189 0.5045 1.0833 -0.1023 0.0014  0.3485  2  G A OP2   
27  O "O5'" . G A 2  ? 0.7201 0.5501 1.1570 -0.1306 -0.0013 0.3265  2  G A "O5'" 
28  C "C5'" . G A 2  ? 0.7293 0.5145 1.1520 -0.1449 0.0012  0.3120  2  G A "C5'" 
29  C "C4'" . G A 2  ? 0.7383 0.5164 1.1420 -0.1588 -0.0118 0.3052  2  G A "C4'" 
30  O "O4'" . G A 2  ? 0.7022 0.5055 1.1283 -0.1655 -0.0237 0.3159  2  G A "O4'" 
31  C "C3'" . G A 2  ? 0.7822 0.5786 1.1644 -0.1538 -0.0180 0.3040  2  G A "C3'" 
32  O "O3'" . G A 2  ? 0.8621 0.6258 1.2144 -0.1524 -0.0088 0.2897  2  G A "O3'" 
33  C "C2'" . G A 2  ? 0.7786 0.5810 1.1585 -0.1678 -0.0360 0.3040  2  G A "C2'" 
34  O "O2'" . G A 2  ? 0.8315 0.5852 1.1892 -0.1831 -0.0401 0.2877  2  G A "O2'" 
35  C "C1'" . G A 2  ? 0.7263 0.5489 1.1422 -0.1698 -0.0381 0.3164  2  G A "C1'" 
36  N N9    . G A 2  ? 0.6986 0.5714 1.1318 -0.1579 -0.0405 0.3328  2  G A N9    
37  C C8    . G A 2  ? 0.6293 0.5224 1.0789 -0.1437 -0.0309 0.3440  2  G A C8    
38  N N7    . G A 2  ? 0.5989 0.5318 1.0562 -0.1353 -0.0355 0.3559  2  G A N7    
39  C C5    . G A 2  ? 0.5906 0.5331 1.0388 -0.1442 -0.0484 0.3529  2  G A C5    
40  C C6    . G A 2  ? 0.6094 0.5903 1.0605 -0.1408 -0.0575 0.3613  2  G A C6    
41  O O6    . G A 2  ? 0.6294 0.6421 1.0888 -0.1289 -0.0549 0.3725  2  G A O6    
42  N N1    . G A 2  ? 0.5638 0.5410 1.0048 -0.1533 -0.0715 0.3546  2  G A N1    
43  C C2    . G A 2  ? 0.5936 0.5316 1.0205 -0.1676 -0.0772 0.3407  2  G A C2    
44  N N2    . G A 2  ? 0.5940 0.5322 1.0113 -0.1788 -0.0943 0.3355  2  G A N2    
45  N N3    . G A 2  ? 0.6233 0.5225 1.0441 -0.1707 -0.0677 0.3317  2  G A N3    
46  C C4    . G A 2  ? 0.6185 0.5240 1.0520 -0.1585 -0.0529 0.3389  2  G A C4    
47  P P     . C A 3  ? 0.7554 0.5413 1.0936 -0.1382 -0.0052 0.2904  3  C A P     
48  O OP1   . C A 3  ? 0.7972 0.5373 1.1054 -0.1398 0.0076  0.2733  3  C A OP1   
49  O OP2   . C A 3  ? 0.7243 0.5517 1.0908 -0.1219 -0.0022 0.3047  3  C A OP2   
50  O "O5'" . C A 3  ? 0.8397 0.6485 1.1633 -0.1440 -0.0229 0.2933  3  C A "O5'" 
51  C "C5'" . C A 3  ? 0.8550 0.6298 1.1522 -0.1602 -0.0333 0.2817  3  C A "C5'" 
52  C "C4'" . C A 3  ? 0.6493 0.4554 0.9413 -0.1643 -0.0530 0.2877  3  C A "C4'" 
53  O "O4'" . C A 3  ? 0.6414 0.4870 0.9698 -0.1650 -0.0618 0.3024  3  C A "O4'" 
54  C "C3'" . C A 3  ? 0.6108 0.4506 0.8902 -0.1510 -0.0524 0.2924  3  C A "C3'" 
55  O "O3'" . C A 3  ? 0.6530 0.4598 0.8922 -0.1518 -0.0481 0.2790  3  C A "O3'" 
56  C "C2'" . C A 3  ? 0.6431 0.5236 0.9335 -0.1550 -0.0719 0.3028  3  C A "C2'" 
57  O "O2'" . C A 3  ? 0.7167 0.5728 0.9809 -0.1704 -0.0894 0.2936  3  C A "O2'" 
58  C "C1'" . C A 3  ? 0.6282 0.5176 0.9569 -0.1598 -0.0729 0.3115  3  C A "C1'" 
59  N N1    . C A 3  ? 0.5599 0.4930 0.9153 -0.1445 -0.0658 0.3262  3  C A N1    
60  C C2    . C A 3  ? 0.5785 0.5565 0.9404 -0.1394 -0.0755 0.3361  3  C A C2    
61  O O2    . C A 3  ? 0.5223 0.5055 0.8713 -0.1480 -0.0901 0.3335  3  C A O2    
62  N N3    . C A 3  ? 0.5259 0.5385 0.9065 -0.1254 -0.0694 0.3476  3  C A N3    
63  C C4    . C A 3  ? 0.6054 0.6099 0.9987 -0.1171 -0.0566 0.3504  3  C A C4    
64  N N4    . C A 3  ? 0.4869 0.5222 0.8947 -0.1044 -0.0533 0.3611  3  C A N4    
65  C C5    . C A 3  ? 0.5393 0.5019 0.9296 -0.1217 -0.0473 0.3416  3  C A C5    
66  C C6    . C A 3  ? 0.5942 0.5220 0.9650 -0.1352 -0.0510 0.3292  3  C A C6    
67  P P     . G A 4  ? 0.6771 0.5027 0.9060 -0.1340 -0.0347 0.2793  4  G A P     
68  O OP1   . G A 4  ? 0.7308 0.5147 0.9149 -0.1382 -0.0306 0.2645  4  G A OP1   
69  O OP2   . G A 4  ? 0.6505 0.4854 0.9095 -0.1217 -0.0189 0.2840  4  G A OP2   
70  O "O5'" . G A 4  ? 0.6421 0.5268 0.8786 -0.1269 -0.0493 0.2918  4  G A "O5'" 
71  C "C5'" . G A 4  ? 0.6205 0.5105 0.8343 -0.1364 -0.0678 0.2905  4  G A "C5'" 
72  C "C4'" . G A 4  ? 0.5805 0.5300 0.8075 -0.1266 -0.0771 0.3018  4  G A "C4'" 
73  O "O4'" . G A 4  ? 0.5152 0.4921 0.7818 -0.1277 -0.0812 0.3142  4  G A "O4'" 
74  C "C3'" . G A 4  ? 0.4676 0.4482 0.6975 -0.1068 -0.0653 0.3033  4  G A "C3'" 
75  O "O3'" . G A 4  ? 0.4645 0.4348 0.6586 -0.1024 -0.0622 0.2931  4  G A "O3'" 
76  C "C2'" . G A 4  ? 0.4318 0.4659 0.6851 -0.1010 -0.0748 0.3142  4  G A "C2'" 
77  O "O2'" . G A 4  ? 0.4173 0.4706 0.6518 -0.1055 -0.0891 0.3119  4  G A "O2'" 
78  C "C1'" . G A 4  ? 0.4521 0.4780 0.7340 -0.1123 -0.0791 0.3226  4  G A "C1'" 
79  N N9    . G A 4  ? 0.4518 0.4816 0.7618 -0.1033 -0.0669 0.3292  4  G A N9    
80  C C8    . G A 4  ? 0.4778 0.4738 0.7949 -0.1037 -0.0546 0.3260  4  G A C8    
81  N N7    . G A 4  ? 0.4702 0.4809 0.8128 -0.0942 -0.0479 0.3344  4  G A N7    
82  C C5    . G A 4  ? 0.4391 0.4932 0.7894 -0.0871 -0.0549 0.3426  4  G A C5    
83  C C6    . G A 4  ? 0.4231 0.5047 0.7942 -0.0766 -0.0521 0.3525  4  G A C6    
84  O O6    . G A 4  ? 0.5881 0.6623 0.9760 -0.0710 -0.0444 0.3573  4  G A O6    
85  N N1    . G A 4  ? 0.3957 0.5146 0.7650 -0.0733 -0.0591 0.3557  4  G A N1    
86  C C2    . G A 4  ? 0.4855 0.6167 0.8384 -0.0790 -0.0686 0.3508  4  G A C2    
87  N N2    . G A 4  ? 0.4765 0.6441 0.8324 -0.0753 -0.0727 0.3533  4  G A N2    
88  N N3    . G A 4  ? 0.4489 0.5557 0.7822 -0.0886 -0.0734 0.3430  4  G A N3    
89  C C4    . G A 4  ? 0.4696 0.5373 0.8014 -0.0922 -0.0657 0.3390  4  G A C4    
90  P P     . A A 5  ? 0.5339 0.5647 0.7017 -0.0292 0.0047  0.2787  5  A A P     
91  O OP1   . A A 5  ? 0.4724 0.4637 0.6530 -0.0207 0.0414  0.2572  5  A A OP1   
92  O OP2   . A A 5  ? 0.4871 0.5668 0.7266 -0.0293 -0.0128 0.3220  5  A A OP2   
93  O "O5'" . A A 5  ? 0.5762 0.6181 0.6862 -0.0479 -0.0162 0.2707  5  A A "O5'" 
94  C "C5'" . A A 5  ? 0.4429 0.5049 0.5086 -0.0597 -0.0448 0.2782  5  A A "C5'" 
95  C "C4'" . A A 5  ? 0.4647 0.5217 0.4738 -0.0790 -0.0601 0.2703  5  A A "C4'" 
96  O "O4'" . A A 5  ? 0.4985 0.5529 0.4395 -0.0862 -0.0781 0.2633  5  A A "O4'" 
97  C "C3'" . A A 5  ? 0.4701 0.5701 0.5251 -0.1005 -0.0758 0.3042  5  A A "C3'" 
98  O "O3'" . A A 5  ? 0.4963 0.5720 0.4978 -0.1183 -0.0787 0.2878  5  A A "O3'" 
99  C "C2'" . A A 5  ? 0.5614 0.6891 0.5929 -0.1185 -0.1056 0.3232  5  A A "C2'" 
100 O "O2'" . A A 5  ? 0.6015 0.7568 0.6334 -0.1487 -0.1292 0.3393  5  A A "O2'" 
101 C "C1'" . A A 5  ? 0.5026 0.5853 0.4374 -0.1125 -0.1018 0.2844  5  A A "C1'" 
102 N N9    . A A 5  ? 0.5136 0.6101 0.4222 -0.1163 -0.1105 0.2790  5  A A N9    
103 C C8    . A A 5  ? 0.6337 0.7107 0.4662 -0.1297 -0.1174 0.2588  5  A A C8    
104 N N7    . A A 5  ? 0.5658 0.6600 0.3864 -0.1328 -0.1187 0.2589  5  A A N7    
105 C C5    . A A 5  ? 0.5260 0.6526 0.4185 -0.1224 -0.1162 0.2799  5  A A C5    
106 C C6    . A A 5  ? 0.5173 0.6716 0.4309 -0.1245 -0.1175 0.2903  5  A A C6    
107 N N6    . A A 5  ? 0.5961 0.7566 0.4607 -0.1385 -0.1194 0.2823  5  A A N6    
108 N N1    . A A 5  ? 0.5217 0.6921 0.5041 -0.1133 -0.1148 0.3093  5  A A N1    
109 C C2    . A A 5  ? 0.4627 0.6216 0.4914 -0.0982 -0.1068 0.3166  5  A A C2    
110 N N3    . A A 5  ? 0.4644 0.6033 0.4822 -0.0957 -0.1022 0.3098  5  A A N3    
111 C C4    . A A 5  ? 0.4945 0.6188 0.4415 -0.1098 -0.1098 0.2913  5  A A C4    
112 P P     . A A 6  ? 0.4977 0.6001 0.5563 -0.1323 -0.0706 0.3037  6  A A P     
113 O OP1   . A A 6  ? 0.4770 0.6490 0.6453 -0.1314 -0.0771 0.3500  6  A A OP1   
114 O OP2   . A A 6  ? 0.5391 0.6135 0.5124 -0.1629 -0.0888 0.2920  6  A A OP2   
115 O "O5'" . A A 6  ? 0.5328 0.5964 0.6027 -0.1096 -0.0309 0.2727  6  A A "O5'" 
116 C "C5'" . A A 6  ? 0.5117 0.5087 0.4913 -0.1094 -0.0240 0.2326  6  A A "C5'" 
117 C "C4'" . A A 6  ? 0.5195 0.4825 0.5137 -0.0920 0.0110  0.2103  6  A A "C4'" 
118 O "O4'" . A A 6  ? 0.5443 0.5361 0.6099 -0.0964 0.0373  0.2221  6  A A "O4'" 
119 C "C3'" . A A 6  ? 0.4862 0.4495 0.5150 -0.0676 0.0209  0.2125  6  A A "C3'" 
120 O "O3'" . A A 6  ? 0.5403 0.4461 0.5273 -0.0606 0.0412  0.1821  6  A A "O3'" 
121 C "C2'" . A A 6  ? 0.4828 0.4901 0.6167 -0.0584 0.0400  0.2402  6  A A "C2'" 
122 O "O2'" . A A 6  ? 0.5828 0.5670 0.7487 -0.0375 0.0645  0.2354  6  A A "O2'" 
123 C "C1'" . A A 6  ? 0.5299 0.5383 0.6757 -0.0717 0.0620  0.2330  6  A A "C1'" 
124 N N9    . A A 6  ? 0.5584 0.6368 0.8078 -0.0714 0.0670  0.2695  6  A A N9    
125 C C8    . A A 6  ? 0.5650 0.7035 0.8854 -0.0667 0.0420  0.3115  6  A A C8    
126 N N7    . A A 6  ? 0.5907 0.7927 1.0097 -0.0666 0.0495  0.3438  6  A A N7    
127 C C5    . A A 6  ? 0.6007 0.7853 1.0123 -0.0716 0.0869  0.3182  6  A A C5    
128 C C6    . A A 6  ? 0.6314 0.8682 1.1266 -0.0739 0.1158  0.3324  6  A A C6    
129 N N6    . A A 6  ? 0.6424 0.9674 1.2595 -0.0674 0.1081  0.3808  6  A A N6    
130 N N1    . A A 6  ? 0.6064 0.8059 1.0577 -0.0849 0.1530  0.2970  6  A A N1    
131 C C2    . A A 6  ? 0.6548 0.7671 0.9872 -0.0930 0.1546  0.2542  6  A A C2    
132 N N3    . A A 6  ? 0.5965 0.6582 0.8522 -0.0882 0.1271  0.2401  6  A A N3    
133 C C4    . A A 6  ? 0.4936 0.5974 0.7949 -0.0771 0.0963  0.2724  6  A A C4    
134 P P     . G A 7  ? 0.6070 0.4704 0.5069 -0.0585 0.0226  0.1582  7  G A P     
135 O OP1   . G A 7  ? 0.6830 0.5027 0.5670 -0.0537 0.0411  0.1404  7  G A OP1   
136 O OP2   . G A 7  ? 0.6009 0.4420 0.4373 -0.0730 0.0061  0.1467  7  G A OP2   
137 O "O5'" . G A 7  ? 0.4891 0.3931 0.4001 -0.0487 -0.0002 0.1756  7  G A "O5'" 
138 C "C5'" . G A 7  ? 0.4708 0.3905 0.4186 -0.0373 0.0043  0.1863  7  G A "C5'" 
139 C "C4'" . G A 7  ? 0.4726 0.4163 0.3934 -0.0330 -0.0170 0.1899  7  G A "C4'" 
140 O "O4'" . G A 7  ? 0.4684 0.4408 0.3791 -0.0431 -0.0351 0.2028  7  G A "O4'" 
141 C "C3'" . G A 7  ? 0.4778 0.3915 0.3349 -0.0257 -0.0226 0.1641  7  G A "C3'" 
142 O "O3'" . G A 7  ? 0.4935 0.4394 0.3523 -0.0179 -0.0305 0.1701  7  G A "O3'" 
143 C "C2'" . G A 7  ? 0.5151 0.4182 0.3245 -0.0301 -0.0354 0.1555  7  G A "C2'" 
144 O "O2'" . G A 7  ? 0.5808 0.4672 0.3364 -0.0172 -0.0445 0.1376  7  G A "O2'" 
145 C "C1'" . G A 7  ? 0.5004 0.4506 0.3393 -0.0406 -0.0452 0.1812  7  G A "C1'" 
146 N N9    . G A 7  ? 0.5417 0.4838 0.3472 -0.0577 -0.0573 0.1829  7  G A N9    
147 C C8    . G A 7  ? 0.6016 0.5196 0.3987 -0.0714 -0.0552 0.1788  7  G A C8    
148 N N7    . G A 7  ? 0.5650 0.4784 0.3215 -0.0916 -0.0719 0.1834  7  G A N7    
149 C C5    . G A 7  ? 0.5745 0.5046 0.3061 -0.0900 -0.0831 0.1878  7  G A C5    
150 C C6    . G A 7  ? 0.6774 0.6029 0.3582 -0.1083 -0.0981 0.1867  7  G A C6    
151 O O6    . G A 7  ? 0.7895 0.6953 0.4405 -0.1306 -0.1079 0.1824  7  G A O6    
152 N N1    . G A 7  ? 0.6495 0.5958 0.3216 -0.0992 -0.0965 0.1846  7  G A N1    
153 C C2    . G A 7  ? 0.6372 0.6111 0.3414 -0.0798 -0.0876 0.1906  7  G A C2    
154 N N2    . G A 7  ? 0.6032 0.5994 0.2907 -0.0781 -0.0857 0.1887  7  G A N2    
155 N N3    . G A 7  ? 0.5538 0.5318 0.3086 -0.0633 -0.0764 0.1912  7  G A N3    
156 C C4    . G A 7  ? 0.5948 0.5470 0.3593 -0.0685 -0.0732 0.1875  7  G A C4    
157 P P     . A A 8  ? 0.4941 0.4292 0.3366 -0.0098 -0.0300 0.1585  8  A A P     
158 O OP1   . A A 8  ? 0.4818 0.3701 0.3233 -0.0179 -0.0180 0.1503  8  A A OP1   
159 O OP2   . A A 8  ? 0.5295 0.4641 0.3286 0.0045  -0.0402 0.1429  8  A A OP2   
160 O "O5'" . A A 8  ? 0.4511 0.4343 0.3300 -0.0130 -0.0319 0.1797  8  A A "O5'" 
161 C "C5'" . A A 8  ? 0.4431 0.4245 0.3651 -0.0227 -0.0244 0.1980  8  A A "C5'" 
162 C "C4'" . A A 8  ? 0.4593 0.4840 0.4003 -0.0291 -0.0321 0.2183  8  A A "C4'" 
163 O "O4'" . A A 8  ? 0.4275 0.4925 0.3787 -0.0331 -0.0418 0.2352  8  A A "O4'" 
164 C "C3'" . A A 8  ? 0.4966 0.5500 0.4136 -0.0260 -0.0384 0.2103  8  A A "C3'" 
165 O "O3'" . A A 8  ? 0.5563 0.5879 0.4717 -0.0351 -0.0372 0.2097  8  A A "O3'" 
166 C "C2'" . A A 8  ? 0.4642 0.5759 0.3931 -0.0335 -0.0450 0.2295  8  A A "C2'" 
167 O "O2'" . A A 8  ? 0.4994 0.6150 0.4551 -0.0507 -0.0475 0.2523  8  A A "O2'" 
168 C "C1'" . A A 8  ? 0.4613 0.5709 0.3930 -0.0351 -0.0480 0.2365  8  A A "C1'" 
169 N N9    . A A 8  ? 0.4698 0.5807 0.3602 -0.0247 -0.0483 0.2171  8  A A N9    
170 C C8    . A A 8  ? 0.4815 0.5524 0.3511 -0.0187 -0.0475 0.2019  8  A A C8    
171 N N7    . A A 8  ? 0.5208 0.5875 0.3439 -0.0118 -0.0490 0.1858  8  A A N7    
172 C C5    . A A 8  ? 0.5566 0.6681 0.3740 -0.0102 -0.0460 0.1887  8  A A C5    
173 C C6    . A A 8  ? 0.6343 0.7595 0.4082 -0.0013 -0.0391 0.1735  8  A A C6    
174 N N6    . A A 8  ? 0.6392 0.7225 0.3605 0.0079  -0.0375 0.1520  8  A A N6    
175 N N1    . A A 8  ? 0.6423 0.8219 0.4246 -0.0035 -0.0312 0.1803  8  A A N1    
176 C C2    . A A 8  ? 0.5898 0.8035 0.4174 -0.0176 -0.0357 0.2033  8  A A C2    
177 N N3    . A A 8  ? 0.5398 0.7343 0.4050 -0.0267 -0.0445 0.2190  8  A A N3    
178 C C4    . A A 8  ? 0.5294 0.6732 0.3889 -0.0205 -0.0469 0.2094  8  A A C4    
179 P P     . A A 9  ? 0.5389 0.6065 0.5279 0.0572  -0.0062 0.2132  9  A A P     
180 O OP1   . A A 9  ? 0.6980 0.7234 0.6742 0.0804  0.0243  0.2117  9  A A OP1   
181 O OP2   . A A 9  ? 0.4979 0.5931 0.5144 0.0429  -0.0272 0.2070  9  A A OP2   
182 O "O5'" . A A 9  ? 0.5402 0.5824 0.4896 0.0330  -0.0076 0.1805  9  A A "O5'" 
183 C "C5'" . A A 9  ? 0.4678 0.4767 0.3792 0.0344  0.0115  0.1817  9  A A "C5'" 
184 C "C4'" . A A 9  ? 0.5423 0.5398 0.4204 0.0080  0.0091  0.1568  9  A A "C4'" 
185 O "O4'" . A A 9  ? 0.5058 0.5245 0.3730 -0.0046 -0.0188 0.1724  9  A A "O4'" 
186 C "C3'" . A A 9  ? 0.5705 0.5695 0.4592 -0.0057 0.0117  0.1151  9  A A "C3'" 
187 O "O3'" . A A 9  ? 0.6084 0.5906 0.4983 -0.0072 0.0354  0.0935  9  A A "O3'" 
188 C "C2'" . A A 9  ? 0.5657 0.5577 0.4179 -0.0263 0.0057  0.1037  9  A A "C2'" 
189 O "O2'" . A A 9  ? 0.6116 0.5765 0.4265 -0.0361 0.0300  0.0979  9  A A "O2'" 
190 C "C1'" . A A 9  ? 0.5179 0.5239 0.3600 -0.0277 -0.0224 0.1399  9  A A "C1'" 
191 N N9    . A A 9  ? 0.5915 0.6175 0.4498 -0.0374 -0.0498 0.1386  9  A A N9    
192 C C8    . A A 9  ? 0.5102 0.5690 0.4123 -0.0300 -0.0662 0.1593  9  A A C8    
193 N N7    . A A 9  ? 0.5417 0.6014 0.4379 -0.0495 -0.0882 0.1512  9  A A N7    
194 C C5    . A A 9  ? 0.6037 0.6232 0.4444 -0.0661 -0.0850 0.1229  9  A A C5    
195 C C6    . A A 9  ? 0.6415 0.6254 0.4352 -0.0884 -0.0977 0.1015  9  A A C6    
196 N N6    . A A 9  ? 0.6674 0.6487 0.4611 -0.1042 -0.1211 0.1052  9  A A N6    
197 N N1    . A A 9  ? 0.6828 0.6236 0.4199 -0.0951 -0.0813 0.0761  9  A A N1    
198 C C2    . A A 9  ? 0.6701 0.6115 0.4046 -0.0852 -0.0553 0.0729  9  A A C2    
199 N N3    . A A 9  ? 0.6550 0.6240 0.4271 -0.0695 -0.0439 0.0911  9  A A N3    
200 C C4    . A A 9  ? 0.6039 0.6084 0.4259 -0.0584 -0.0600 0.1154  9  A A C4    
201 P P     . C A 10 ? 0.5439 0.5396 0.4701 -0.0032 0.0335  0.0659  10 C A P     
202 O OP1   . C A 10 ? 0.6428 0.6267 0.5646 -0.0155 0.0544  0.0482  10 C A OP1   
203 O OP2   . C A 10 ? 0.4959 0.4944 0.4419 0.0154  0.0201  0.0825  10 C A OP2   
204 O "O5'" . C A 10 ? 0.4213 0.4364 0.3556 -0.0094 0.0238  0.0415  10 C A "O5'" 
205 C "C5'" . C A 10 ? 0.4973 0.5129 0.4144 -0.0236 0.0401  0.0224  10 C A "C5'" 
206 C "C4'" . C A 10 ? 0.4988 0.5140 0.4066 -0.0217 0.0310  0.0068  10 C A "C4'" 
207 O "O4'" . C A 10 ? 0.5304 0.5276 0.4049 -0.0288 0.0093  0.0291  10 C A "O4'" 
208 C "C3'" . C A 10 ? 0.4969 0.5232 0.4368 -0.0037 0.0178  -0.0073 10 C A "C3'" 
209 O "O3'" . C A 10 ? 0.4960 0.5497 0.4708 0.0053  0.0318  -0.0325 10 C A "O3'" 
210 C "C2'" . C A 10 ? 0.4660 0.4645 0.3684 -0.0064 0.0039  -0.0089 10 C A "C2'" 
211 O "O2'" . C A 10 ? 0.5874 0.5724 0.4632 -0.0074 0.0237  -0.0322 10 C A "O2'" 
212 C "C1'" . C A 10 ? 0.5196 0.5083 0.3917 -0.0250 -0.0086 0.0206  10 C A "C1'" 
213 N N1    . C A 10 ? 0.4821 0.4818 0.3755 -0.0221 -0.0314 0.0466  10 C A N1    
214 C C2    . C A 10 ? 0.5422 0.5273 0.4206 -0.0306 -0.0535 0.0491  10 C A C2    
215 O O2    . C A 10 ? 0.6414 0.5926 0.4786 -0.0384 -0.0544 0.0285  10 C A O2    
216 N N3    . C A 10 ? 0.4779 0.4808 0.3819 -0.0313 -0.0699 0.0746  10 C A N3    
217 C C4    . C A 10 ? 0.4719 0.5024 0.4126 -0.0172 -0.0621 0.0968  10 C A C4    
218 N N4    . C A 10 ? 0.4029 0.4534 0.3711 -0.0151 -0.0716 0.1227  10 C A N4    
219 C C5    . C A 10 ? 0.5114 0.5431 0.4562 -0.0057 -0.0401 0.0937  10 C A C5    
220 C C6    . C A 10 ? 0.5106 0.5286 0.4327 -0.0120 -0.0271 0.0685  10 C A C6    
221 P P     . C A 11 ? 0.5094 0.5805 0.5246 0.0257  0.0156  -0.0401 11 C A P     
222 O OP1   . C A 11 ? 0.5160 0.6332 0.5760 0.0285  0.0272  -0.0604 11 C A OP1   
223 O OP2   . C A 11 ? 0.4602 0.5142 0.4707 0.0244  0.0024  -0.0176 11 C A OP2   
224 O "O5'" . C A 11 ? 0.5353 0.5809 0.5317 0.0435  0.0019  -0.0471 11 C A "O5'" 
225 C "C5'" . C A 11 ? 0.5392 0.5766 0.5186 0.0522  0.0165  -0.0662 11 C A "C5'" 
226 C "C4'" . C A 11 ? 0.4847 0.4754 0.4297 0.0681  0.0017  -0.0701 11 C A "C4'" 
227 O "O4'" . C A 11 ? 0.5620 0.5114 0.4579 0.0433  -0.0133 -0.0518 11 C A "O4'" 
228 C "C3'" . C A 11 ? 0.4773 0.4668 0.4444 0.0890  -0.0193 -0.0677 11 C A "C3'" 
229 O "O3'" . C A 11 ? 0.4709 0.4938 0.4784 0.1197  -0.0154 -0.0849 11 C A "O3'" 
230 C "C2'" . C A 11 ? 0.5318 0.4554 0.4411 0.0854  -0.0332 -0.0623 11 C A "C2'" 
231 O "O2'" . C A 11 ? 0.6510 0.5347 0.5238 0.1063  -0.0221 -0.0823 11 C A "O2'" 
232 C "C1'" . C A 11 ? 0.5928 0.5082 0.4725 0.0492  -0.0341 -0.0461 11 C A "C1'" 
233 N N1    . C A 11 ? 0.5502 0.4818 0.4488 0.0332  -0.0498 -0.0183 11 C A N1    
234 C C2    . C A 11 ? 0.6084 0.5095 0.4868 0.0250  -0.0678 -0.0051 11 C A C2    
235 O O2    . C A 11 ? 0.6652 0.5152 0.5008 0.0282  -0.0725 -0.0181 11 C A O2    
236 N N3    . C A 11 ? 0.5657 0.4891 0.4681 0.0143  -0.0757 0.0224  11 C A N3    
237 C C4    . C A 11 ? 0.4998 0.4632 0.4361 0.0162  -0.0665 0.0363  11 C A C4    
238 N N4    . C A 11 ? 0.4520 0.4332 0.4095 0.0129  -0.0688 0.0652  11 C A N4    
239 C C5    . C A 11 ? 0.4568 0.4388 0.4027 0.0214  -0.0506 0.0222  11 C A C5    
240 C C6    . C A 11 ? 0.4813 0.4525 0.4126 0.0275  -0.0427 -0.0047 11 C A C6    
241 P P     . G A 12 ? 0.5294 0.5762 0.5747 0.1337  -0.0380 -0.0806 12 G A P     
242 O OP1   . G A 12 ? 0.6243 0.7234 0.7193 0.1633  -0.0358 -0.0971 12 G A OP1   
243 O OP2   . G A 12 ? 0.4813 0.5399 0.5353 0.1066  -0.0415 -0.0651 12 G A OP2   
244 O "O5'" . G A 12 ? 0.5287 0.5078 0.5259 0.1461  -0.0571 -0.0729 12 G A "O5'" 
245 C "C5'" . G A 12 ? 0.5874 0.5227 0.5501 0.1729  -0.0550 -0.0847 12 G A "C5'" 
246 C "C4'" . G A 12 ? 0.6569 0.5172 0.5631 0.1713  -0.0715 -0.0743 12 G A "C4'" 
247 O "O4'" . G A 12 ? 0.7006 0.5326 0.5714 0.1309  -0.0706 -0.0600 12 G A "O4'" 
248 C "C3'" . G A 12 ? 0.5862 0.4432 0.5013 0.1751  -0.0915 -0.0614 12 G A "C3'" 
249 O "O3'" . G A 12 ? 0.6045 0.4692 0.5350 0.2142  -0.1047 -0.0703 12 G A "O3'" 
250 C "C2'" . G A 12 ? 0.6745 0.4602 0.5304 0.1551  -0.0969 -0.0474 12 G A "C2'" 
251 O "O2'" . G A 12 ? 0.7534 0.4681 0.5538 0.1775  -0.0992 -0.0578 12 G A "O2'" 
252 C "C1'" . G A 12 ? 0.6445 0.4428 0.4950 0.1191  -0.0857 -0.0422 12 G A "C1'" 
253 N N9    . G A 12 ? 0.5545 0.3973 0.4400 0.0948  -0.0854 -0.0212 12 G A N9    
254 C C8    . G A 12 ? 0.4866 0.3853 0.4137 0.0882  -0.0757 -0.0190 12 G A C8    
255 N N7    . G A 12 ? 0.5300 0.4433 0.4707 0.0738  -0.0750 0.0038  12 G A N7    
256 C C5    . G A 12 ? 0.5163 0.3918 0.4321 0.0692  -0.0836 0.0172  12 G A C5    
257 C C6    . G A 12 ? 0.5019 0.3789 0.4238 0.0580  -0.0810 0.0445  12 G A C6    
258 O O6    . G A 12 ? 0.5012 0.4092 0.4492 0.0556  -0.0702 0.0630  12 G A O6    
259 N N1    . G A 12 ? 0.5234 0.3557 0.4132 0.0516  -0.0879 0.0505  12 G A N1    
260 C C2    . G A 12 ? 0.5834 0.3619 0.4292 0.0569  -0.0974 0.0323  12 G A C2    
261 N N2    . G A 12 ? 0.6087 0.3361 0.4167 0.0450  -0.1013 0.0423  12 G A N2    
262 N N3    . G A 12 ? 0.5684 0.3398 0.4047 0.0745  -0.0990 0.0072  12 G A N3    
263 C C4    . G A 12 ? 0.5235 0.3513 0.4015 0.0789  -0.0912 0.0015  12 G A C4    
264 P P     . G A 13 ? 0.6003 0.4870 0.5534 0.2169  -0.1258 -0.0621 13 G A P     
265 O OP1   . G A 13 ? 0.6061 0.5087 0.5761 0.2592  -0.1449 -0.0714 13 G A OP1   
266 O OP2   . G A 13 ? 0.5133 0.4524 0.5040 0.1856  -0.1175 -0.0571 13 G A OP2   
267 O "O5'" . G A 13 ? 0.6512 0.4591 0.5430 0.2067  -0.1327 -0.0452 13 G A "O5'" 
268 C "C5'" . G A 13 ? 0.7078 0.4403 0.5421 0.2275  -0.1394 -0.0461 13 G A "C5'" 
269 C "C4'" . G A 13 ? 0.7423 0.4122 0.5267 0.2023  -0.1378 -0.0272 13 G A "C4'" 
270 O "O4'" . G A 13 ? 0.7403 0.4327 0.5383 0.1614  -0.1220 -0.0161 13 G A "O4'" 
271 C "C3'" . G A 13 ? 0.7749 0.4411 0.5566 0.2000  -0.1452 -0.0142 13 G A "C3'" 
272 O "O3'" . G A 13 ? 0.8601 0.4981 0.6120 0.2208  -0.1589 -0.0186 13 G A "O3'" 
273 C "C2'" . G A 13 ? 0.7820 0.4186 0.5404 0.1652  -0.1288 0.0072  13 G A "C2'" 
274 O "O2'" . G A 13 ? 0.9281 0.4841 0.6231 0.1645  -0.1307 0.0118  13 G A "O2'" 
275 C "C1'" . G A 13 ? 0.7118 0.3953 0.5044 0.1402  -0.1172 0.0062  13 G A "C1'" 
276 N N9    . G A 13 ? 0.6288 0.3777 0.4720 0.1262  -0.1067 0.0147  13 G A N9    
277 C C8    . G A 13 ? 0.5422 0.3485 0.4281 0.1282  -0.1039 0.0033  13 G A C8    
278 N N7    . G A 13 ? 0.5341 0.3712 0.4436 0.1138  -0.0919 0.0173  13 G A N7    
279 C C5    . G A 13 ? 0.5096 0.3165 0.3985 0.1060  -0.0845 0.0398  13 G A C5    
280 C C6    . G A 13 ? 0.4741 0.2922 0.3737 0.0980  -0.0658 0.0641  13 G A C6    
281 O O6    . G A 13 ? 0.4449 0.2923 0.3662 0.0962  -0.0532 0.0708  13 G A O6    
282 N N1    . G A 13 ? 0.4928 0.2780 0.3704 0.0937  -0.0576 0.0837  13 G A N1    
283 C C2    . G A 13 ? 0.5367 0.2750 0.3781 0.0916  -0.0679 0.0796  13 G A C2    
284 N N2    . G A 13 ? 0.6458 0.3570 0.4691 0.0819  -0.0538 0.1017  13 G A N2    
285 N N3    . G A 13 ? 0.7112 0.4258 0.5317 0.1006  -0.0870 0.0568  13 G A N3    
286 C C4    . G A 13 ? 0.5995 0.3546 0.4493 0.1100  -0.0935 0.0382  13 G A C4    
287 P P     . G A 14 ? 0.8271 0.5826 0.5184 0.1203  -0.2357 0.0730  14 G A P     
288 O OP1   . G A 14 ? 0.8815 0.6183 0.5099 0.1182  -0.2443 0.1136  14 G A OP1   
289 O OP2   . G A 14 ? 0.7662 0.5845 0.5050 0.1351  -0.2231 0.0281  14 G A OP2   
290 O "O5'" . G A 14 ? 0.7724 0.5461 0.4532 0.0862  -0.2034 0.0703  14 G A "O5'" 
291 C "C5'" . G A 14 ? 0.8677 0.6099 0.5294 0.0472  -0.1807 0.1040  14 G A "C5'" 
292 C "C4'" . G A 14 ? 0.7904 0.5886 0.4821 0.0115  -0.1316 0.0789  14 G A "C4'" 
293 O "O4'" . G A 14 ? 0.6870 0.5022 0.4588 0.0241  -0.1243 0.0408  14 G A "O4'" 
294 C "C3'" . G A 14 ? 0.7501 0.6241 0.4139 0.0058  -0.1098 0.0541  14 G A "C3'" 
295 O "O3'" . G A 14 ? 0.8702 0.7574 0.4622 -0.0194 -0.0981 0.0852  14 G A "O3'" 
296 C "C2'" . G A 14 ? 0.7217 0.6406 0.4531 -0.0100 -0.0707 0.0127  14 G A "C2'" 
297 O "O2'" . G A 14 ? 0.6731 0.6032 0.4014 -0.0523 -0.0368 0.0232  14 G A "O2'" 
298 C "C1'" . G A 14 ? 0.6582 0.5392 0.4531 0.0145  -0.0889 0.0052  14 G A "C1'" 
299 N N9    . G A 14 ? 0.6172 0.5189 0.4479 0.0515  -0.1006 -0.0259 14 G A N9    
300 C C8    . G A 14 ? 0.6623 0.5423 0.4837 0.0871  -0.1406 -0.0225 14 G A C8    
301 N N7    . G A 14 ? 0.5735 0.4816 0.4336 0.1116  -0.1388 -0.0522 14 G A N7    
302 C C5    . G A 14 ? 0.5328 0.4746 0.4308 0.0941  -0.0955 -0.0741 14 G A C5    
303 C C6    . G A 14 ? 0.5097 0.4809 0.4581 0.1089  -0.0719 -0.1037 14 G A C6    
304 O O6    . G A 14 ? 0.4821 0.4586 0.4490 0.1368  -0.0829 -0.1154 14 G A O6    
305 N N1    . G A 14 ? 0.3994 0.3947 0.3771 0.0880  -0.0302 -0.1190 14 G A N1    
306 C C2    . G A 14 ? 0.4596 0.4606 0.4208 0.0541  -0.0131 -0.1108 14 G A C2    
307 N N2    . G A 14 ? 0.3580 0.3910 0.3567 0.0408  0.0265  -0.1341 14 G A N2    
308 N N3    . G A 14 ? 0.4719 0.4481 0.3843 0.0355  -0.0319 -0.0809 14 G A N3    
309 C C4    . G A 14 ? 0.5485 0.4911 0.4311 0.0582  -0.0730 -0.0619 14 G A C4    
310 P P     . G A 15 ? 0.8430 0.7670 0.3591 0.0016  -0.1193 0.0928  15 G A P     
311 O OP1   . G A 15 ? 1.0330 0.9287 0.4706 -0.0155 -0.1199 0.1522  15 G A OP1   
312 O OP2   . G A 15 ? 0.8941 0.8045 0.4235 0.0476  -0.1601 0.0762  15 G A OP2   
313 O "O5'" . G A 15 ? 0.8048 0.8287 0.3331 -0.0170 -0.0817 0.0419  15 G A "O5'" 
314 C "C5'" . G A 15 ? 0.8623 0.9201 0.4111 -0.0584 -0.0367 0.0312  15 G A "C5'" 
315 C "C4'" . G A 15 ? 0.7155 0.8416 0.3239 -0.0622 -0.0067 -0.0338 15 G A "C4'" 
316 O "O4'" . G A 15 ? 0.6423 0.7325 0.3190 -0.0348 -0.0185 -0.0557 15 G A "O4'" 
317 C "C3'" . G A 15 ? 0.7183 0.9225 0.2981 -0.0536 -0.0066 -0.0697 15 G A "C3'" 
318 O "O3'" . G A 15 ? 0.7241 0.9978 0.3493 -0.0765 0.0361  -0.1237 15 G A "O3'" 
319 C "C2'" . G A 15 ? 0.6654 0.8463 0.2776 -0.0154 -0.0353 -0.0900 15 G A "C2'" 
320 O "O2'" . G A 15 ? 0.6908 0.9419 0.3208 -0.0091 -0.0255 -0.1457 15 G A "O2'" 
321 C "C1'" . G A 15 ? 0.6014 0.7316 0.2904 -0.0133 -0.0240 -0.0956 15 G A "C1'" 
322 N N9    . G A 15 ? 0.6257 0.7090 0.3390 0.0231  -0.0575 -0.0915 15 G A N9    
323 C C8    . G A 15 ? 0.6914 0.7406 0.3605 0.0497  -0.1024 -0.0624 15 G A C8    
324 N N7    . G A 15 ? 0.6695 0.6929 0.3770 0.0797  -0.1243 -0.0723 15 G A N7    
325 C C5    . G A 15 ? 0.5327 0.5714 0.3094 0.0734  -0.0907 -0.1043 15 G A C5    
326 C C6    . G A 15 ? 0.5098 0.5375 0.3450 0.0977  -0.0922 -0.1221 15 G A C6    
327 O O6    . G A 15 ? 0.5871 0.5951 0.4268 0.1278  -0.1251 -0.1174 15 G A O6    
328 N N1    . G A 15 ? 0.4431 0.4879 0.3343 0.0861  -0.0498 -0.1464 15 G A N1    
329 C C2    . G A 15 ? 0.4491 0.5215 0.3444 0.0551  -0.0127 -0.1590 15 G A C2    
330 N N2    . G A 15 ? 0.3732 0.4554 0.3289 0.0535  0.0237  -0.1831 15 G A N2    
331 N N3    . G A 15 ? 0.5371 0.6291 0.3799 0.0293  -0.0108 -0.1477 15 G A N3    
332 C C4    . G A 15 ? 0.5672 0.6395 0.3500 0.0402  -0.0500 -0.1174 15 G A C4    
333 P P     . A A 16 ? 0.7440 1.1077 0.3273 -0.1049 0.0618  -0.1373 16 A A P     
334 O OP1   . A A 16 ? 0.8537 1.1992 0.3630 -0.1268 0.0604  -0.0755 16 A A OP1   
335 O OP2   . A A 16 ? 0.7515 1.1532 0.3476 -0.0814 0.0462  -0.1619 16 A A OP2   
336 O "O5'" . A A 16 ? 0.7373 1.1331 0.4094 -0.1268 0.1052  -0.1857 16 A A "O5'" 
337 C "C5'" . A A 16 ? 0.6696 1.0450 0.3589 -0.1507 0.1301  -0.1772 16 A A "C5'" 
338 C "C4'" . A A 16 ? 0.6075 0.9976 0.3993 -0.1509 0.1573  -0.2261 16 A A "C4'" 
339 O "O4'" . A A 16 ? 0.5459 0.8813 0.3902 -0.1212 0.1496  -0.2372 16 A A "O4'" 
340 C "C3'" . A A 16 ? 0.6035 1.0488 0.4406 -0.1514 0.1616  -0.2646 16 A A "C3'" 
341 O "O3'" . A A 16 ? 0.6427 1.1045 0.5459 -0.1659 0.1843  -0.2924 16 A A "O3'" 
342 C "C2'" . A A 16 ? 0.6439 1.0556 0.5257 -0.1221 0.1469  -0.2806 16 A A "C2'" 
343 O "O2'" . A A 16 ? 0.5854 1.0229 0.5377 -0.1250 0.1555  -0.3183 16 A A "O2'" 
344 C "C1'" . A A 16 ? 0.5151 0.8597 0.4249 -0.1069 0.1493  -0.2678 16 A A "C1'" 
345 N N9    . A A 16 ? 0.4784 0.7765 0.4003 -0.0760 0.1285  -0.2623 16 A A N9    
346 C C8    . A A 16 ? 0.6364 0.9205 0.5004 -0.0593 0.0985  -0.2453 16 A A C8    
347 N N7    . A A 16 ? 0.4533 0.6985 0.3526 -0.0325 0.0846  -0.2459 16 A A N7    
348 C C5    . A A 16 ? 0.4348 0.6636 0.4121 -0.0330 0.1079  -0.2563 16 A A C5    
349 C C6    . A A 16 ? 0.4517 0.6394 0.4831 -0.0141 0.1072  -0.2494 16 A A C6    
350 N N6    . A A 16 ? 0.3600 0.5225 0.3859 0.0070  0.0867  -0.2375 16 A A N6    
351 N N1    . A A 16 ? 0.4605 0.6344 0.5422 -0.0185 0.1261  -0.2508 16 A A N1    
352 C C2    . A A 16 ? 0.3847 0.5875 0.4746 -0.0394 0.1437  -0.2659 16 A A C2    
353 N N3    . A A 16 ? 0.4754 0.7238 0.5270 -0.0609 0.1490  -0.2767 16 A A N3    
354 C C4    . A A 16 ? 0.4314 0.6899 0.4229 -0.0572 0.1315  -0.2677 16 A A C4    
355 P P     . G A 17 ? 0.7077 1.2253 0.5874 -0.1998 0.2022  -0.2912 17 G A P     
356 O OP1   . G A 17 ? 0.7297 1.2792 0.5173 -0.2107 0.1929  -0.2561 17 G A OP1   
357 O OP2   . G A 17 ? 0.6461 1.2028 0.5939 -0.2069 0.2122  -0.3381 17 G A OP2   
358 O "O5'" . G A 17 ? 0.6217 1.0978 0.5081 -0.2080 0.2151  -0.2703 17 G A "O5'" 
359 C "C5'" . G A 17 ? 0.5875 1.0407 0.5513 -0.1982 0.2241  -0.2948 17 G A "C5'" 
360 C "C4'" . G A 17 ? 0.5697 0.9557 0.5590 -0.1688 0.2157  -0.2809 17 G A "C4'" 
361 O "O4'" . G A 17 ? 0.5706 0.9318 0.5651 -0.1433 0.1988  -0.2844 17 G A "O4'" 
362 C "C3'" . G A 17 ? 0.4907 0.8478 0.5531 -0.1497 0.2195  -0.2952 17 G A "C3'" 
363 O "O3'" . G A 17 ? 0.6251 0.9890 0.6928 -0.1627 0.2303  -0.2883 17 G A "O3'" 
364 C "C2'" . G A 17 ? 0.4477 0.7461 0.5314 -0.1126 0.2036  -0.2817 17 G A "C2'" 
365 O "O2'" . G A 17 ? 0.5453 0.8198 0.6056 -0.1061 0.1990  -0.2584 17 G A "O2'" 
366 C "C1'" . G A 17 ? 0.4858 0.7962 0.5414 -0.1137 0.1940  -0.2871 17 G A "C1'" 
367 N N9    . G A 17 ? 0.5081 0.8286 0.6089 -0.1138 0.1973  -0.3137 17 G A N9    
368 C C8    . G A 17 ? 0.5338 0.9114 0.6316 -0.1379 0.2042  -0.3417 17 G A C8    
369 N N7    . G A 17 ? 0.5675 0.9410 0.7160 -0.1359 0.2082  -0.3664 17 G A N7    
370 C C5    . G A 17 ? 0.4562 0.7635 0.6344 -0.1088 0.2045  -0.3464 17 G A C5    
371 C C6    . G A 17 ? 0.5443 0.8167 0.7711 -0.0972 0.2092  -0.3526 17 G A C6    
372 O O6    . G A 17 ? 0.5377 0.8292 0.7996 -0.1112 0.2194  -0.3838 17 G A O6    
373 N N1    . G A 17 ? 0.4260 0.6400 0.6572 -0.0674 0.2021  -0.3178 17 G A N1    
374 C C2    . G A 17 ? 0.4364 0.6313 0.6384 -0.0509 0.1899  -0.2878 17 G A C2    
375 N N2    . G A 17 ? 0.4556 0.6035 0.6652 -0.0211 0.1814  -0.2573 17 G A N2    
376 N N3    . G A 17 ? 0.4270 0.6504 0.5921 -0.0638 0.1873  -0.2874 17 G A N3    
377 C C4    . G A 17 ? 0.4355 0.7131 0.5864 -0.0929 0.1958  -0.3145 17 G A C4    
378 P P     . C A 18 ? 0.5797 0.9583 0.7015 -0.1606 0.2382  -0.3131 18 C A P     
379 O OP1   . C A 18 ? 0.5848 0.9838 0.6988 -0.1826 0.2491  -0.3057 18 C A OP1   
380 O OP2   . C A 18 ? 0.5186 0.9348 0.6500 -0.1731 0.2434  -0.3431 18 C A OP2   
381 O "O5'" . C A 18 ? 0.4698 0.7922 0.6409 -0.1158 0.2249  -0.3061 18 C A "O5'" 
382 C "C5'" . C A 18 ? 0.4453 0.7325 0.6212 -0.0931 0.2143  -0.2820 18 C A "C5'" 
383 C "C4'" . C A 18 ? 0.4823 0.7245 0.6918 -0.0505 0.2000  -0.2688 18 C A "C4'" 
384 O "O4'" . C A 18 ? 0.4892 0.7044 0.6911 -0.0407 0.1935  -0.2632 18 C A "O4'" 
385 C "C3'" . C A 18 ? 0.4991 0.7489 0.7424 -0.0404 0.2059  -0.2817 18 C A "C3'" 
386 O "O3'" . C A 18 ? 0.5249 0.7915 0.7850 -0.0336 0.2056  -0.2825 18 C A "O3'" 
387 C "C2'" . C A 18 ? 0.5061 0.7082 0.7578 -0.0067 0.1967  -0.2612 18 C A "C2'" 
388 O "O2'" . C A 18 ? 0.5539 0.7277 0.8001 0.0268  0.1809  -0.2292 18 C A "O2'" 
389 C "C1'" . C A 18 ? 0.5012 0.6931 0.7311 -0.0195 0.1937  -0.2608 18 C A "C1'" 
390 N N1    . C A 18 ? 0.5095 0.7232 0.7503 -0.0420 0.2064  -0.2907 18 C A N1    
391 C C2    . C A 18 ? 0.4810 0.6708 0.7518 -0.0288 0.2117  -0.2944 18 C A C2    
392 O O2    . C A 18 ? 0.4732 0.6283 0.7588 -0.0024 0.2081  -0.2743 18 C A O2    
393 N N3    . C A 18 ? 0.4891 0.7021 0.7816 -0.0514 0.2244  -0.3286 18 C A N3    
394 C C4    . C A 18 ? 0.5127 0.7757 0.7886 -0.0819 0.2279  -0.3542 18 C A C4    
395 N N4    . C A 18 ? 0.5372 0.8297 0.8370 -0.1021 0.2380  -0.3904 18 C A N4    
396 C C5    . C A 18 ? 0.4879 0.7783 0.7229 -0.0953 0.2233  -0.3461 18 C A C5    
397 C C6    . C A 18 ? 0.4726 0.7343 0.6946 -0.0762 0.2144  -0.3155 18 C A C6    
398 P P     . C A 19 ? 0.5422 0.8472 0.8293 -0.0414 0.2180  -0.3106 19 C A P     
399 O OP1   . C A 19 ? 0.6387 0.9664 0.9392 -0.0373 0.2149  -0.3115 19 C A OP1   
400 O OP2   . C A 19 ? 0.4570 0.8010 0.7331 -0.0810 0.2327  -0.3395 19 C A OP2   
401 O "O5'" . C A 19 ? 0.4606 0.7304 0.7672 -0.0039 0.2153  -0.3001 19 C A "O5'" 
402 C "C5'" . C A 19 ? 0.4254 0.6629 0.7382 0.0343  0.2040  -0.2743 19 C A "C5'" 
403 C "C4'" . C A 19 ? 0.4790 0.6909 0.8163 0.0566  0.2119  -0.2763 19 C A "C4'" 
404 O "O4'" . C A 19 ? 0.5442 0.7316 0.8768 0.0417  0.2162  -0.2783 19 C A "O4'" 
405 C "C3'" . C A 19 ? 0.4897 0.7289 0.8622 0.0545  0.2281  -0.3089 19 C A "C3'" 
406 O "O3'" . C A 19 ? 0.6375 0.8965 1.0244 0.0808  0.2263  -0.3085 19 C A "O3'" 
407 C "C2'" . C A 19 ? 0.5163 0.7187 0.9091 0.0646  0.2392  -0.3106 19 C A "C2'" 
408 O "O2'" . C A 19 ? 0.7114 0.8803 1.1058 0.1077  0.2368  -0.2822 19 C A "O2'" 
409 C "C1'" . C A 19 ? 0.5733 0.7549 0.9414 0.0429  0.2330  -0.3001 19 C A "C1'" 
410 N N1    . C A 19 ? 0.5756 0.7843 0.9500 0.0046  0.2428  -0.3341 19 C A N1    
411 C C2    . C A 19 ? 0.5295 0.7296 0.9411 -0.0030 0.2589  -0.3591 19 C A C2    
412 O O2    . C A 19 ? 0.5530 0.7168 0.9902 0.0226  0.2671  -0.3488 19 C A O2    
413 N N3    . C A 19 ? 0.5394 0.7740 0.9586 -0.0375 0.2661  -0.3947 19 C A N3    
414 C C4    . C A 19 ? 0.5234 0.7988 0.9068 -0.0616 0.2586  -0.4009 19 C A C4    
415 N N4    . C A 19 ? 0.5404 0.8581 0.9272 -0.0929 0.2649  -0.4361 19 C A N4    
416 C C5    . C A 19 ? 0.4953 0.7734 0.8386 -0.0547 0.2456  -0.3718 19 C A C5    
417 C C6    . C A 19 ? 0.5109 0.7556 0.8554 -0.0230 0.2378  -0.3419 19 C A C6    
# 
loop_
_pdbx_poly_seq_scheme.asym_id 
_pdbx_poly_seq_scheme.entity_id 
_pdbx_poly_seq_scheme.seq_id 
_pdbx_poly_seq_scheme.mon_id 
_pdbx_poly_seq_scheme.ndb_seq_num 
_pdbx_poly_seq_scheme.pdb_seq_num 
_pdbx_poly_seq_scheme.auth_seq_num 
_pdbx_poly_seq_scheme.pdb_mon_id 
_pdbx_poly_seq_scheme.auth_mon_id 
_pdbx_poly_seq_scheme.pdb_strand_id 
_pdbx_poly_seq_scheme.pdb_ins_code 
_pdbx_poly_seq_scheme.hetero 
A 1 1  G 1  1  1  G G A . n 
A 1 2  G 2  2  2  G G A . n 
A 1 3  C 3  3  3  C C A . n 
A 1 4  G 4  4  4  G G A . n 
A 1 5  A 5  5  5  A A A . n 
A 1 6  A 6  6  6  A A A . n 
A 1 7  G 7  7  7  G G A . n 
A 1 8  A 8  8  8  A A A . n 
A 1 9  A 9  9  9  A A A . n 
A 1 10 C 10 10 10 C C A . n 
A 1 11 C 11 11 11 C C A . n 
A 1 12 G 12 12 12 G G A . n 
A 1 13 G 13 13 13 G G A . n 
A 1 14 G 14 14 14 G G A . n 
A 1 15 G 15 15 15 G G A . n 
A 1 16 A 16 16 16 A A A . n 
A 1 17 G 17 17 17 G G A . n 
A 1 18 C 18 18 18 C C A . n 
A 1 19 C 19 19 19 C C A . n 
# 
loop_
_pdbx_nonpoly_scheme.asym_id 
_pdbx_nonpoly_scheme.entity_id 
_pdbx_nonpoly_scheme.mon_id 
_pdbx_nonpoly_scheme.ndb_seq_num 
_pdbx_nonpoly_scheme.pdb_seq_num 
_pdbx_nonpoly_scheme.auth_seq_num 
_pdbx_nonpoly_scheme.pdb_mon_id 
_pdbx_nonpoly_scheme.auth_mon_id 
_pdbx_nonpoly_scheme.pdb_strand_id 
_pdbx_nonpoly_scheme.pdb_ins_code 
B 2 MG  1  101  101  MG  MG  A . 
C 2 MG  1  102  102  MG  MG  A . 
D 3 HOH 1  2001 2001 HOH HOH A . 
D 3 HOH 2  2002 2002 HOH HOH A . 
D 3 HOH 3  2003 2003 HOH HOH A . 
D 3 HOH 4  2004 2004 HOH HOH A . 
D 3 HOH 5  2005 2005 HOH HOH A . 
D 3 HOH 6  2006 2006 HOH HOH A . 
D 3 HOH 7  2007 2007 HOH HOH A . 
D 3 HOH 8  2008 2008 HOH HOH A . 
D 3 HOH 9  2009 2009 HOH HOH A . 
D 3 HOH 10 2010 2010 HOH HOH A . 
D 3 HOH 11 2011 2011 HOH HOH A . 
D 3 HOH 12 2012 2012 HOH HOH A . 
D 3 HOH 13 2013 2013 HOH HOH A . 
D 3 HOH 14 2014 2014 HOH HOH A . 
D 3 HOH 15 2015 2015 HOH HOH A . 
D 3 HOH 16 2016 2016 HOH HOH A . 
D 3 HOH 17 2017 2017 HOH HOH A . 
D 3 HOH 18 2018 2018 HOH HOH A . 
D 3 HOH 19 2019 2019 HOH HOH A . 
D 3 HOH 20 2020 2020 HOH HOH A . 
D 3 HOH 21 2021 2021 HOH HOH A . 
D 3 HOH 22 2022 2022 HOH HOH A . 
D 3 HOH 23 2023 2023 HOH HOH A . 
# 
_pdbx_struct_assembly.id                   1 
_pdbx_struct_assembly.details              author_and_software_defined_assembly 
_pdbx_struct_assembly.method_details       PISA 
_pdbx_struct_assembly.oligomeric_details   dimeric 
_pdbx_struct_assembly.oligomeric_count     2 
# 
_pdbx_struct_assembly_gen.assembly_id       1 
_pdbx_struct_assembly_gen.oper_expression   1,2 
_pdbx_struct_assembly_gen.asym_id_list      A,B,C,D 
# 
loop_
_pdbx_struct_oper_list.id 
_pdbx_struct_oper_list.type 
_pdbx_struct_oper_list.name 
_pdbx_struct_oper_list.symmetry_operation 
_pdbx_struct_oper_list.matrix[1][1] 
_pdbx_struct_oper_list.matrix[1][2] 
_pdbx_struct_oper_list.matrix[1][3] 
_pdbx_struct_oper_list.vector[1] 
_pdbx_struct_oper_list.matrix[2][1] 
_pdbx_struct_oper_list.matrix[2][2] 
_pdbx_struct_oper_list.matrix[2][3] 
_pdbx_struct_oper_list.vector[2] 
_pdbx_struct_oper_list.matrix[3][1] 
_pdbx_struct_oper_list.matrix[3][2] 
_pdbx_struct_oper_list.matrix[3][3] 
_pdbx_struct_oper_list.vector[3] 
1 'identity operation'         1_555 x,y,z            1.0000000000  0.0000000000  0.0000000000  0.0000000000  0.0000000000  1.0000000000 0.0000000000 0.0000000000  0.0000000000  0.0000000000 1.0000000000  0.0000000000  
2 'crystal symmetry operation' 9_769 -x+2,-x+y+1,-z+4 -0.8438152516 -0.5361652113 -0.0224206909 -2.4626678950 -0.5361652113 0.8405967083 0.0769677870 -0.6583884505 -0.0224206909 0.0769677870 -0.9967814567 -1.4105802536 
# 
_pdbx_struct_special_symmetry.id              1 
_pdbx_struct_special_symmetry.PDB_model_num   1 
_pdbx_struct_special_symmetry.auth_asym_id    A 
_pdbx_struct_special_symmetry.auth_comp_id    HOH 
_pdbx_struct_special_symmetry.auth_seq_id     2001 
_pdbx_struct_special_symmetry.PDB_ins_code    ? 
_pdbx_struct_special_symmetry.label_asym_id   D 
_pdbx_struct_special_symmetry.label_comp_id   HOH 
_pdbx_struct_special_symmetry.label_seq_id    . 
# 
loop_
_pdbx_struct_conn_angle.id 
_pdbx_struct_conn_angle.ptnr1_label_atom_id 
_pdbx_struct_conn_angle.ptnr1_label_alt_id 
_pdbx_struct_conn_angle.ptnr1_label_asym_id 
_pdbx_struct_conn_angle.ptnr1_label_comp_id 
_pdbx_struct_conn_angle.ptnr1_label_seq_id 
_pdbx_struct_conn_angle.ptnr1_auth_atom_id 
_pdbx_struct_conn_angle.ptnr1_auth_asym_id 
_pdbx_struct_conn_angle.ptnr1_auth_comp_id 
_pdbx_struct_conn_angle.ptnr1_auth_seq_id 
_pdbx_struct_conn_angle.ptnr1_PDB_ins_code 
_pdbx_struct_conn_angle.ptnr1_symmetry 
_pdbx_struct_conn_angle.ptnr2_label_atom_id 
_pdbx_struct_conn_angle.ptnr2_label_alt_id 
_pdbx_struct_conn_angle.ptnr2_label_asym_id 
_pdbx_struct_conn_angle.ptnr2_label_comp_id 
_pdbx_struct_conn_angle.ptnr2_label_seq_id 
_pdbx_struct_conn_angle.ptnr2_auth_atom_id 
_pdbx_struct_conn_angle.ptnr2_auth_asym_id 
_pdbx_struct_conn_angle.ptnr2_auth_comp_id 
_pdbx_struct_conn_angle.ptnr2_auth_seq_id 
_pdbx_struct_conn_angle.ptnr2_PDB_ins_code 
_pdbx_struct_conn_angle.ptnr2_symmetry 
_pdbx_struct_conn_angle.ptnr3_label_atom_id 
_pdbx_struct_conn_angle.ptnr3_label_alt_id 
_pdbx_struct_conn_angle.ptnr3_label_asym_id 
_pdbx_struct_conn_angle.ptnr3_label_comp_id 
_pdbx_struct_conn_angle.ptnr3_label_seq_id 
_pdbx_struct_conn_angle.ptnr3_auth_atom_id 
_pdbx_struct_conn_angle.ptnr3_auth_asym_id 
_pdbx_struct_conn_angle.ptnr3_auth_comp_id 
_pdbx_struct_conn_angle.ptnr3_auth_seq_id 
_pdbx_struct_conn_angle.ptnr3_PDB_ins_code 
_pdbx_struct_conn_angle.ptnr3_symmetry 
_pdbx_struct_conn_angle.value 
_pdbx_struct_conn_angle.value_esd 
1  O6 ? A G   14 ? A G   14   ? 1_555 MG ? B MG . ? A MG 101 ? 1_555 O6 ? A G   15 ? A G   15   ? 1_555 88.7  ? 
2  O6 ? A G   14 ? A G   14   ? 1_555 MG ? B MG . ? A MG 101 ? 1_555 O  ? D HOH .  ? A HOH 2013 ? 1_555 95.9  ? 
3  O6 ? A G   15 ? A G   15   ? 1_555 MG ? B MG . ? A MG 101 ? 1_555 O  ? D HOH .  ? A HOH 2013 ? 1_555 77.3  ? 
4  O6 ? A G   14 ? A G   14   ? 1_555 MG ? B MG . ? A MG 101 ? 1_555 O  ? D HOH .  ? A HOH 2017 ? 1_555 84.8  ? 
5  O6 ? A G   15 ? A G   15   ? 1_555 MG ? B MG . ? A MG 101 ? 1_555 O  ? D HOH .  ? A HOH 2017 ? 1_555 172.9 ? 
6  O  ? D HOH .  ? A HOH 2013 ? 1_555 MG ? B MG . ? A MG 101 ? 1_555 O  ? D HOH .  ? A HOH 2017 ? 1_555 100.6 ? 
7  O6 ? A G   14 ? A G   14   ? 1_555 MG ? B MG . ? A MG 101 ? 1_555 O  ? D HOH .  ? A HOH 2019 ? 1_555 105.2 ? 
8  O6 ? A G   15 ? A G   15   ? 1_555 MG ? B MG . ? A MG 101 ? 1_555 O  ? D HOH .  ? A HOH 2019 ? 1_555 92.7  ? 
9  O  ? D HOH .  ? A HOH 2013 ? 1_555 MG ? B MG . ? A MG 101 ? 1_555 O  ? D HOH .  ? A HOH 2019 ? 1_555 156.5 ? 
10 O  ? D HOH .  ? A HOH 2017 ? 1_555 MG ? B MG . ? A MG 101 ? 1_555 O  ? D HOH .  ? A HOH 2019 ? 1_555 91.7  ? 
11 O6 ? A G   14 ? A G   14   ? 1_555 MG ? B MG . ? A MG 101 ? 1_555 O  ? D HOH .  ? A HOH 2021 ? 1_555 166.0 ? 
12 O6 ? A G   15 ? A G   15   ? 1_555 MG ? B MG . ? A MG 101 ? 1_555 O  ? D HOH .  ? A HOH 2021 ? 1_555 82.1  ? 
13 O  ? D HOH .  ? A HOH 2013 ? 1_555 MG ? B MG . ? A MG 101 ? 1_555 O  ? D HOH .  ? A HOH 2021 ? 1_555 92.4  ? 
14 O  ? D HOH .  ? A HOH 2017 ? 1_555 MG ? B MG . ? A MG 101 ? 1_555 O  ? D HOH .  ? A HOH 2021 ? 1_555 104.8 ? 
15 O  ? D HOH .  ? A HOH 2019 ? 1_555 MG ? B MG . ? A MG 101 ? 1_555 O  ? D HOH .  ? A HOH 2021 ? 1_555 64.9  ? 
16 O6 ? A G   14 ? A G   14   ? 1_555 MG ? C MG . ? A MG 102 ? 1_555 O  ? D HOH .  ? A HOH 2010 ? 1_555 88.9  ? 
17 O6 ? A G   14 ? A G   14   ? 1_555 MG ? C MG . ? A MG 102 ? 1_555 O  ? D HOH .  ? A HOH 2017 ? 1_555 84.3  ? 
18 O  ? D HOH .  ? A HOH 2010 ? 1_555 MG ? C MG . ? A MG 102 ? 1_555 O  ? D HOH .  ? A HOH 2017 ? 1_555 85.7  ? 
19 O6 ? A G   14 ? A G   14   ? 1_555 MG ? C MG . ? A MG 102 ? 1_555 O  ? D HOH .  ? A HOH 2018 ? 1_555 92.0  ? 
20 O  ? D HOH .  ? A HOH 2010 ? 1_555 MG ? C MG . ? A MG 102 ? 1_555 O  ? D HOH .  ? A HOH 2018 ? 1_555 171.4 ? 
21 O  ? D HOH .  ? A HOH 2017 ? 1_555 MG ? C MG . ? A MG 102 ? 1_555 O  ? D HOH .  ? A HOH 2018 ? 1_555 85.9  ? 
22 O6 ? A G   14 ? A G   14   ? 1_555 MG ? C MG . ? A MG 102 ? 1_555 O  ? D HOH .  ? A HOH 2023 ? 1_555 174.6 ? 
23 O  ? D HOH .  ? A HOH 2010 ? 1_555 MG ? C MG . ? A MG 102 ? 1_555 O  ? D HOH .  ? A HOH 2023 ? 1_555 86.4  ? 
24 O  ? D HOH .  ? A HOH 2017 ? 1_555 MG ? C MG . ? A MG 102 ? 1_555 O  ? D HOH .  ? A HOH 2023 ? 1_555 97.9  ? 
25 O  ? D HOH .  ? A HOH 2018 ? 1_555 MG ? C MG . ? A MG 102 ? 1_555 O  ? D HOH .  ? A HOH 2023 ? 1_555 93.1  ? 
# 
loop_
_pdbx_audit_revision_history.ordinal 
_pdbx_audit_revision_history.data_content_type 
_pdbx_audit_revision_history.major_revision 
_pdbx_audit_revision_history.minor_revision 
_pdbx_audit_revision_history.revision_date 
1 'Structure model' 1 0 2014-11-19 
2 'Structure model' 1 1 2023-12-20 
# 
_pdbx_audit_revision_details.ordinal             1 
_pdbx_audit_revision_details.revision_ordinal    1 
_pdbx_audit_revision_details.data_content_type   'Structure model' 
_pdbx_audit_revision_details.provider            repository 
_pdbx_audit_revision_details.type                'Initial release' 
_pdbx_audit_revision_details.description         ? 
_pdbx_audit_revision_details.details             ? 
# 
loop_
_pdbx_audit_revision_group.ordinal 
_pdbx_audit_revision_group.revision_ordinal 
_pdbx_audit_revision_group.data_content_type 
_pdbx_audit_revision_group.group 
1 2 'Structure model' 'Data collection'        
2 2 'Structure model' 'Database references'    
3 2 'Structure model' 'Derived calculations'   
4 2 'Structure model' Other                    
5 2 'Structure model' 'Refinement description' 
# 
loop_
_pdbx_audit_revision_category.ordinal 
_pdbx_audit_revision_category.revision_ordinal 
_pdbx_audit_revision_category.data_content_type 
_pdbx_audit_revision_category.category 
1 2 'Structure model' chem_comp_atom                
2 2 'Structure model' chem_comp_bond                
3 2 'Structure model' database_2                    
4 2 'Structure model' pdbx_database_status          
5 2 'Structure model' pdbx_initial_refinement_model 
6 2 'Structure model' pdbx_struct_conn_angle        
7 2 'Structure model' struct_conn                   
8 2 'Structure model' struct_site                   
# 
loop_
_pdbx_audit_revision_item.ordinal 
_pdbx_audit_revision_item.revision_ordinal 
_pdbx_audit_revision_item.data_content_type 
_pdbx_audit_revision_item.item 
1  2 'Structure model' '_database_2.pdbx_DOI'                        
2  2 'Structure model' '_database_2.pdbx_database_accession'         
3  2 'Structure model' '_pdbx_database_status.status_code_sf'        
4  2 'Structure model' '_pdbx_struct_conn_angle.ptnr1_auth_comp_id'  
5  2 'Structure model' '_pdbx_struct_conn_angle.ptnr1_auth_seq_id'   
6  2 'Structure model' '_pdbx_struct_conn_angle.ptnr1_label_asym_id' 
7  2 'Structure model' '_pdbx_struct_conn_angle.ptnr1_label_atom_id' 
8  2 'Structure model' '_pdbx_struct_conn_angle.ptnr1_label_comp_id' 
9  2 'Structure model' '_pdbx_struct_conn_angle.ptnr1_label_seq_id'  
10 2 'Structure model' '_pdbx_struct_conn_angle.ptnr3_auth_comp_id'  
11 2 'Structure model' '_pdbx_struct_conn_angle.ptnr3_auth_seq_id'   
12 2 'Structure model' '_pdbx_struct_conn_angle.ptnr3_label_asym_id' 
13 2 'Structure model' '_pdbx_struct_conn_angle.ptnr3_label_atom_id' 
14 2 'Structure model' '_pdbx_struct_conn_angle.ptnr3_label_comp_id' 
15 2 'Structure model' '_pdbx_struct_conn_angle.ptnr3_label_seq_id'  
16 2 'Structure model' '_pdbx_struct_conn_angle.value'               
17 2 'Structure model' '_struct_conn.pdbx_dist_value'                
18 2 'Structure model' '_struct_conn.ptnr1_auth_comp_id'             
19 2 'Structure model' '_struct_conn.ptnr1_auth_seq_id'              
20 2 'Structure model' '_struct_conn.ptnr1_label_asym_id'            
21 2 'Structure model' '_struct_conn.ptnr1_label_atom_id'            
22 2 'Structure model' '_struct_conn.ptnr1_label_comp_id'            
23 2 'Structure model' '_struct_conn.ptnr1_label_seq_id'             
24 2 'Structure model' '_struct_conn.ptnr2_auth_comp_id'             
25 2 'Structure model' '_struct_conn.ptnr2_auth_seq_id'              
26 2 'Structure model' '_struct_conn.ptnr2_label_asym_id'            
27 2 'Structure model' '_struct_conn.ptnr2_label_atom_id'            
28 2 'Structure model' '_struct_conn.ptnr2_label_comp_id'            
29 2 'Structure model' '_struct_conn.ptnr2_label_seq_id'             
30 2 'Structure model' '_struct_site.pdbx_auth_asym_id'              
31 2 'Structure model' '_struct_site.pdbx_auth_comp_id'              
32 2 'Structure model' '_struct_site.pdbx_auth_seq_id'               
# 
loop_
_pdbx_refine_tls.pdbx_refine_id 
_pdbx_refine_tls.id 
_pdbx_refine_tls.details 
_pdbx_refine_tls.method 
_pdbx_refine_tls.origin_x 
_pdbx_refine_tls.origin_y 
_pdbx_refine_tls.origin_z 
_pdbx_refine_tls.T[1][1] 
_pdbx_refine_tls.T[2][2] 
_pdbx_refine_tls.T[3][3] 
_pdbx_refine_tls.T[1][2] 
_pdbx_refine_tls.T[1][3] 
_pdbx_refine_tls.T[2][3] 
_pdbx_refine_tls.L[1][1] 
_pdbx_refine_tls.L[2][2] 
_pdbx_refine_tls.L[3][3] 
_pdbx_refine_tls.L[1][2] 
_pdbx_refine_tls.L[1][3] 
_pdbx_refine_tls.L[2][3] 
_pdbx_refine_tls.S[1][1] 
_pdbx_refine_tls.S[1][2] 
_pdbx_refine_tls.S[1][3] 
_pdbx_refine_tls.S[2][1] 
_pdbx_refine_tls.S[2][2] 
_pdbx_refine_tls.S[2][3] 
_pdbx_refine_tls.S[3][1] 
_pdbx_refine_tls.S[3][2] 
_pdbx_refine_tls.S[3][3] 
'X-RAY DIFFRACTION' 1 ? refined 6.7246  -10.7906 8.3293   0.5701 0.4488 1.0426 -0.1664 -0.0384 0.4131  0.0234 3.5090 0.2927 -0.2465 -0.0806 0.3127  -0.1787 -0.1328 -1.0956 -0.5502 0.1653  0.1405  0.5392  -0.3138 0.0625 
'X-RAY DIFFRACTION' 2 ? refined 8.0788  2.2734   6.6778   0.4624 0.4657 0.4109 -0.0540 -0.0422 0.2268  3.3513 6.4693 7.1174 3.8278  0.3866  -2.2440 0.0802  -0.7799 -0.8837 0.0135  -0.3810 -0.8685 -0.4746 0.3300  0.3714 
'X-RAY DIFFRACTION' 3 ? refined -7.1928 5.9315   2.2018   0.3988 0.3773 0.3620 0.0425  -0.0507 0.0087  1.5491 7.8530 9.7572 0.6808  -1.3896 -1.9373 0.1143  -0.4113 0.1318  0.3611  -0.5768 0.2268  -0.6024 -0.1684 0.5197 
'X-RAY DIFFRACTION' 4 ? refined -2.9787 0.2463   -12.0826 0.4273 0.6679 0.4243 -0.0768 0.1703  -0.2503 8.7787 1.8865 5.6060 -1.4208 -1.3395 3.2064  -0.2697 2.1825  -0.4529 -0.7050 0.5428  -0.5434 -0.5704 0.2888  0.4072  
# 
loop_
_pdbx_refine_tls_group.pdbx_refine_id 
_pdbx_refine_tls_group.id 
_pdbx_refine_tls_group.refine_tls_id 
_pdbx_refine_tls_group.beg_auth_asym_id 
_pdbx_refine_tls_group.beg_auth_seq_id 
_pdbx_refine_tls_group.beg_label_asym_id 
_pdbx_refine_tls_group.beg_label_seq_id 
_pdbx_refine_tls_group.end_auth_asym_id 
_pdbx_refine_tls_group.end_auth_seq_id 
_pdbx_refine_tls_group.end_label_asym_id 
_pdbx_refine_tls_group.end_label_seq_id 
_pdbx_refine_tls_group.selection 
_pdbx_refine_tls_group.selection_details 
'X-RAY DIFFRACTION' 1 1 ? ? ? ? ? ? ? ? ? '(CHAIN A AND RESID 1:4)'   
'X-RAY DIFFRACTION' 2 2 ? ? ? ? ? ? ? ? ? '(CHAIN A AND RESID 5:8)'   
'X-RAY DIFFRACTION' 3 3 ? ? ? ? ? ? ? ? ? '(CHAIN A AND RESID 9:13)'  
'X-RAY DIFFRACTION' 4 4 ? ? ? ? ? ? ? ? ? '(CHAIN A AND RESID 14:19)' 
# 
loop_
_software.name 
_software.classification 
_software.version 
_software.citation_id 
_software.pdbx_ordinal 
PHENIX  refinement       '(PHENIX.REFINE)' ? 1 
XDS     'data reduction' .                 ? 2 
Aimless 'data scaling'   .                 ? 3 
PHASER  phasing          .                 ? 4 
# 
_pdbx_validate_close_contact.id               1 
_pdbx_validate_close_contact.PDB_model_num    1 
_pdbx_validate_close_contact.auth_atom_id_1   O 
_pdbx_validate_close_contact.auth_asym_id_1   A 
_pdbx_validate_close_contact.auth_comp_id_1   HOH 
_pdbx_validate_close_contact.auth_seq_id_1    2008 
_pdbx_validate_close_contact.PDB_ins_code_1   ? 
_pdbx_validate_close_contact.label_alt_id_1   ? 
_pdbx_validate_close_contact.auth_atom_id_2   O 
_pdbx_validate_close_contact.auth_asym_id_2   A 
_pdbx_validate_close_contact.auth_comp_id_2   HOH 
_pdbx_validate_close_contact.auth_seq_id_2    2011 
_pdbx_validate_close_contact.PDB_ins_code_2   ? 
_pdbx_validate_close_contact.label_alt_id_2   ? 
_pdbx_validate_close_contact.dist             2.13 
# 
_pdbx_unobs_or_zero_occ_atoms.id               1 
_pdbx_unobs_or_zero_occ_atoms.PDB_model_num    1 
_pdbx_unobs_or_zero_occ_atoms.polymer_flag     Y 
_pdbx_unobs_or_zero_occ_atoms.occupancy_flag   0 
_pdbx_unobs_or_zero_occ_atoms.auth_asym_id     A 
_pdbx_unobs_or_zero_occ_atoms.auth_comp_id     G 
_pdbx_unobs_or_zero_occ_atoms.auth_seq_id      1 
_pdbx_unobs_or_zero_occ_atoms.PDB_ins_code     ? 
_pdbx_unobs_or_zero_occ_atoms.auth_atom_id     P 
_pdbx_unobs_or_zero_occ_atoms.label_alt_id     ? 
_pdbx_unobs_or_zero_occ_atoms.label_asym_id    A 
_pdbx_unobs_or_zero_occ_atoms.label_comp_id    G 
_pdbx_unobs_or_zero_occ_atoms.label_seq_id     1 
_pdbx_unobs_or_zero_occ_atoms.label_atom_id    P 
# 
loop_
_chem_comp_atom.comp_id 
_chem_comp_atom.atom_id 
_chem_comp_atom.type_symbol 
_chem_comp_atom.pdbx_aromatic_flag 
_chem_comp_atom.pdbx_stereo_config 
_chem_comp_atom.pdbx_ordinal 
A   OP3    O  N N 1   
A   P      P  N N 2   
A   OP1    O  N N 3   
A   OP2    O  N N 4   
A   "O5'"  O  N N 5   
A   "C5'"  C  N N 6   
A   "C4'"  C  N R 7   
A   "O4'"  O  N N 8   
A   "C3'"  C  N S 9   
A   "O3'"  O  N N 10  
A   "C2'"  C  N R 11  
A   "O2'"  O  N N 12  
A   "C1'"  C  N R 13  
A   N9     N  Y N 14  
A   C8     C  Y N 15  
A   N7     N  Y N 16  
A   C5     C  Y N 17  
A   C6     C  Y N 18  
A   N6     N  N N 19  
A   N1     N  Y N 20  
A   C2     C  Y N 21  
A   N3     N  Y N 22  
A   C4     C  Y N 23  
A   HOP3   H  N N 24  
A   HOP2   H  N N 25  
A   "H5'"  H  N N 26  
A   "H5''" H  N N 27  
A   "H4'"  H  N N 28  
A   "H3'"  H  N N 29  
A   "HO3'" H  N N 30  
A   "H2'"  H  N N 31  
A   "HO2'" H  N N 32  
A   "H1'"  H  N N 33  
A   H8     H  N N 34  
A   H61    H  N N 35  
A   H62    H  N N 36  
A   H2     H  N N 37  
C   OP3    O  N N 38  
C   P      P  N N 39  
C   OP1    O  N N 40  
C   OP2    O  N N 41  
C   "O5'"  O  N N 42  
C   "C5'"  C  N N 43  
C   "C4'"  C  N R 44  
C   "O4'"  O  N N 45  
C   "C3'"  C  N S 46  
C   "O3'"  O  N N 47  
C   "C2'"  C  N R 48  
C   "O2'"  O  N N 49  
C   "C1'"  C  N R 50  
C   N1     N  N N 51  
C   C2     C  N N 52  
C   O2     O  N N 53  
C   N3     N  N N 54  
C   C4     C  N N 55  
C   N4     N  N N 56  
C   C5     C  N N 57  
C   C6     C  N N 58  
C   HOP3   H  N N 59  
C   HOP2   H  N N 60  
C   "H5'"  H  N N 61  
C   "H5''" H  N N 62  
C   "H4'"  H  N N 63  
C   "H3'"  H  N N 64  
C   "HO3'" H  N N 65  
C   "H2'"  H  N N 66  
C   "HO2'" H  N N 67  
C   "H1'"  H  N N 68  
C   H41    H  N N 69  
C   H42    H  N N 70  
C   H5     H  N N 71  
C   H6     H  N N 72  
G   OP3    O  N N 73  
G   P      P  N N 74  
G   OP1    O  N N 75  
G   OP2    O  N N 76  
G   "O5'"  O  N N 77  
G   "C5'"  C  N N 78  
G   "C4'"  C  N R 79  
G   "O4'"  O  N N 80  
G   "C3'"  C  N S 81  
G   "O3'"  O  N N 82  
G   "C2'"  C  N R 83  
G   "O2'"  O  N N 84  
G   "C1'"  C  N R 85  
G   N9     N  Y N 86  
G   C8     C  Y N 87  
G   N7     N  Y N 88  
G   C5     C  Y N 89  
G   C6     C  N N 90  
G   O6     O  N N 91  
G   N1     N  N N 92  
G   C2     C  N N 93  
G   N2     N  N N 94  
G   N3     N  N N 95  
G   C4     C  Y N 96  
G   HOP3   H  N N 97  
G   HOP2   H  N N 98  
G   "H5'"  H  N N 99  
G   "H5''" H  N N 100 
G   "H4'"  H  N N 101 
G   "H3'"  H  N N 102 
G   "HO3'" H  N N 103 
G   "H2'"  H  N N 104 
G   "HO2'" H  N N 105 
G   "H1'"  H  N N 106 
G   H8     H  N N 107 
G   H1     H  N N 108 
G   H21    H  N N 109 
G   H22    H  N N 110 
HOH O      O  N N 111 
HOH H1     H  N N 112 
HOH H2     H  N N 113 
MG  MG     MG N N 114 
# 
loop_
_chem_comp_bond.comp_id 
_chem_comp_bond.atom_id_1 
_chem_comp_bond.atom_id_2 
_chem_comp_bond.value_order 
_chem_comp_bond.pdbx_aromatic_flag 
_chem_comp_bond.pdbx_stereo_config 
_chem_comp_bond.pdbx_ordinal 
A   OP3   P      sing N N 1   
A   OP3   HOP3   sing N N 2   
A   P     OP1    doub N N 3   
A   P     OP2    sing N N 4   
A   P     "O5'"  sing N N 5   
A   OP2   HOP2   sing N N 6   
A   "O5'" "C5'"  sing N N 7   
A   "C5'" "C4'"  sing N N 8   
A   "C5'" "H5'"  sing N N 9   
A   "C5'" "H5''" sing N N 10  
A   "C4'" "O4'"  sing N N 11  
A   "C4'" "C3'"  sing N N 12  
A   "C4'" "H4'"  sing N N 13  
A   "O4'" "C1'"  sing N N 14  
A   "C3'" "O3'"  sing N N 15  
A   "C3'" "C2'"  sing N N 16  
A   "C3'" "H3'"  sing N N 17  
A   "O3'" "HO3'" sing N N 18  
A   "C2'" "O2'"  sing N N 19  
A   "C2'" "C1'"  sing N N 20  
A   "C2'" "H2'"  sing N N 21  
A   "O2'" "HO2'" sing N N 22  
A   "C1'" N9     sing N N 23  
A   "C1'" "H1'"  sing N N 24  
A   N9    C8     sing Y N 25  
A   N9    C4     sing Y N 26  
A   C8    N7     doub Y N 27  
A   C8    H8     sing N N 28  
A   N7    C5     sing Y N 29  
A   C5    C6     sing Y N 30  
A   C5    C4     doub Y N 31  
A   C6    N6     sing N N 32  
A   C6    N1     doub Y N 33  
A   N6    H61    sing N N 34  
A   N6    H62    sing N N 35  
A   N1    C2     sing Y N 36  
A   C2    N3     doub Y N 37  
A   C2    H2     sing N N 38  
A   N3    C4     sing Y N 39  
C   OP3   P      sing N N 40  
C   OP3   HOP3   sing N N 41  
C   P     OP1    doub N N 42  
C   P     OP2    sing N N 43  
C   P     "O5'"  sing N N 44  
C   OP2   HOP2   sing N N 45  
C   "O5'" "C5'"  sing N N 46  
C   "C5'" "C4'"  sing N N 47  
C   "C5'" "H5'"  sing N N 48  
C   "C5'" "H5''" sing N N 49  
C   "C4'" "O4'"  sing N N 50  
C   "C4'" "C3'"  sing N N 51  
C   "C4'" "H4'"  sing N N 52  
C   "O4'" "C1'"  sing N N 53  
C   "C3'" "O3'"  sing N N 54  
C   "C3'" "C2'"  sing N N 55  
C   "C3'" "H3'"  sing N N 56  
C   "O3'" "HO3'" sing N N 57  
C   "C2'" "O2'"  sing N N 58  
C   "C2'" "C1'"  sing N N 59  
C   "C2'" "H2'"  sing N N 60  
C   "O2'" "HO2'" sing N N 61  
C   "C1'" N1     sing N N 62  
C   "C1'" "H1'"  sing N N 63  
C   N1    C2     sing N N 64  
C   N1    C6     sing N N 65  
C   C2    O2     doub N N 66  
C   C2    N3     sing N N 67  
C   N3    C4     doub N N 68  
C   C4    N4     sing N N 69  
C   C4    C5     sing N N 70  
C   N4    H41    sing N N 71  
C   N4    H42    sing N N 72  
C   C5    C6     doub N N 73  
C   C5    H5     sing N N 74  
C   C6    H6     sing N N 75  
G   OP3   P      sing N N 76  
G   OP3   HOP3   sing N N 77  
G   P     OP1    doub N N 78  
G   P     OP2    sing N N 79  
G   P     "O5'"  sing N N 80  
G   OP2   HOP2   sing N N 81  
G   "O5'" "C5'"  sing N N 82  
G   "C5'" "C4'"  sing N N 83  
G   "C5'" "H5'"  sing N N 84  
G   "C5'" "H5''" sing N N 85  
G   "C4'" "O4'"  sing N N 86  
G   "C4'" "C3'"  sing N N 87  
G   "C4'" "H4'"  sing N N 88  
G   "O4'" "C1'"  sing N N 89  
G   "C3'" "O3'"  sing N N 90  
G   "C3'" "C2'"  sing N N 91  
G   "C3'" "H3'"  sing N N 92  
G   "O3'" "HO3'" sing N N 93  
G   "C2'" "O2'"  sing N N 94  
G   "C2'" "C1'"  sing N N 95  
G   "C2'" "H2'"  sing N N 96  
G   "O2'" "HO2'" sing N N 97  
G   "C1'" N9     sing N N 98  
G   "C1'" "H1'"  sing N N 99  
G   N9    C8     sing Y N 100 
G   N9    C4     sing Y N 101 
G   C8    N7     doub Y N 102 
G   C8    H8     sing N N 103 
G   N7    C5     sing Y N 104 
G   C5    C6     sing N N 105 
G   C5    C4     doub Y N 106 
G   C6    O6     doub N N 107 
G   C6    N1     sing N N 108 
G   N1    C2     sing N N 109 
G   N1    H1     sing N N 110 
G   C2    N2     sing N N 111 
G   C2    N3     doub N N 112 
G   N2    H21    sing N N 113 
G   N2    H22    sing N N 114 
G   N3    C4     sing N N 115 
HOH O     H1     sing N N 116 
HOH O     H2     sing N N 117 
# 
loop_
_ndb_struct_conf_na.entry_id 
_ndb_struct_conf_na.feature 
4CS1 'double helix'        
4CS1 'a-form double helix' 
4CS1 'internal loop'       
4CS1 'quadruple helix'     
# 
loop_
_ndb_struct_na_base_pair.model_number 
_ndb_struct_na_base_pair.i_label_asym_id 
_ndb_struct_na_base_pair.i_label_comp_id 
_ndb_struct_na_base_pair.i_label_seq_id 
_ndb_struct_na_base_pair.i_symmetry 
_ndb_struct_na_base_pair.j_label_asym_id 
_ndb_struct_na_base_pair.j_label_comp_id 
_ndb_struct_na_base_pair.j_label_seq_id 
_ndb_struct_na_base_pair.j_symmetry 
_ndb_struct_na_base_pair.shear 
_ndb_struct_na_base_pair.stretch 
_ndb_struct_na_base_pair.stagger 
_ndb_struct_na_base_pair.buckle 
_ndb_struct_na_base_pair.propeller 
_ndb_struct_na_base_pair.opening 
_ndb_struct_na_base_pair.pair_number 
_ndb_struct_na_base_pair.pair_name 
_ndb_struct_na_base_pair.i_auth_asym_id 
_ndb_struct_na_base_pair.i_auth_seq_id 
_ndb_struct_na_base_pair.i_PDB_ins_code 
_ndb_struct_na_base_pair.j_auth_asym_id 
_ndb_struct_na_base_pair.j_auth_seq_id 
_ndb_struct_na_base_pair.j_PDB_ins_code 
_ndb_struct_na_base_pair.hbond_type_28 
_ndb_struct_na_base_pair.hbond_type_12 
1 A G 1  1_555 A C 19 9_769 0.171  -0.089 -0.104 0.022   2.020   -0.440 1  A_G1:C19_A  A 1  ? A 19 ? 19 1  
1 A G 2  1_555 A C 18 9_769 -0.104 -0.207 0.036  0.595   -4.689  3.639  2  A_G2:C18_A  A 2  ? A 18 ? 19 1  
1 A C 3  1_555 A G 17 9_769 0.257  -0.445 0.142  -0.145  -6.212  -0.009 3  A_C3:G17_A  A 3  ? A 17 ? 19 1  
1 A G 1  9_769 A C 19 1_555 0.171  -0.089 -0.104 0.022   2.020   -0.440 4  A_G1:C19_A  A 1  ? A 19 ? 19 1  
1 A G 2  9_769 A C 18 1_555 -0.104 -0.207 0.036  0.595   -4.689  3.639  5  A_G2:C18_A  A 2  ? A 18 ? 19 1  
1 A C 3  9_769 A G 17 1_555 0.257  -0.445 0.142  -0.145  -6.212  -0.009 6  A_C3:G17_A  A 3  ? A 17 ? 19 1  
1 A G 7  1_555 A A 16 9_769 6.353  -4.314 0.547  19.229  23.296  7.820  7  A_G7:A16_A  A 7  ? A 16 ? 11 9  
1 A A 8  1_555 A G 15 9_769 -6.405 -4.650 0.655  -22.788 16.037  1.102  8  A_A8:G15_A  A 8  ? A 15 ? 11 10 
1 A A 9  1_555 A G 14 9_769 -6.765 -4.170 0.135  7.495   0.139   -1.846 9  A_A9:G14_A  A 9  ? A 14 ? 11 9  
1 A C 10 1_555 A G 13 9_769 0.073  -0.145 -0.381 14.143  -11.206 1.612  10 A_C10:G13_A A 10 ? A 13 ? 19 1  
1 A C 11 1_555 A G 12 9_769 0.019  -0.228 -0.161 4.851   -3.520  0.092  11 A_C11:G12_A A 11 ? A 12 ? 19 1  
1 A G 12 1_555 A C 11 9_769 -0.019 -0.228 -0.161 -4.851  -3.520  0.092  12 A_G12:C11_A A 12 ? A 11 ? 19 1  
1 A G 13 1_555 A C 10 9_769 -0.073 -0.145 -0.381 -14.143 -11.206 1.612  13 A_G13:C10_A A 13 ? A 10 ? 19 1  
1 A G 14 1_555 A A 9  9_769 6.765  -4.170 0.135  -7.495  0.139   -1.846 14 A_G14:A9_A  A 14 ? A 9  ? 11 9  
1 A G 15 1_555 A A 8  9_769 6.405  -4.650 0.655  22.788  16.037  1.102  15 A_G15:A8_A  A 15 ? A 8  ? 11 10 
1 A A 16 1_555 A G 7  9_769 -6.353 -4.314 0.547  -19.229 23.296  7.820  16 A_A16:G7_A  A 16 ? A 7  ? 11 9  
# 
loop_
_ndb_struct_na_base_pair_step.model_number 
_ndb_struct_na_base_pair_step.i_label_asym_id_1 
_ndb_struct_na_base_pair_step.i_label_comp_id_1 
_ndb_struct_na_base_pair_step.i_label_seq_id_1 
_ndb_struct_na_base_pair_step.i_symmetry_1 
_ndb_struct_na_base_pair_step.j_label_asym_id_1 
_ndb_struct_na_base_pair_step.j_label_comp_id_1 
_ndb_struct_na_base_pair_step.j_label_seq_id_1 
_ndb_struct_na_base_pair_step.j_symmetry_1 
_ndb_struct_na_base_pair_step.i_label_asym_id_2 
_ndb_struct_na_base_pair_step.i_label_comp_id_2 
_ndb_struct_na_base_pair_step.i_label_seq_id_2 
_ndb_struct_na_base_pair_step.i_symmetry_2 
_ndb_struct_na_base_pair_step.j_label_asym_id_2 
_ndb_struct_na_base_pair_step.j_label_comp_id_2 
_ndb_struct_na_base_pair_step.j_label_seq_id_2 
_ndb_struct_na_base_pair_step.j_symmetry_2 
_ndb_struct_na_base_pair_step.shift 
_ndb_struct_na_base_pair_step.slide 
_ndb_struct_na_base_pair_step.rise 
_ndb_struct_na_base_pair_step.tilt 
_ndb_struct_na_base_pair_step.roll 
_ndb_struct_na_base_pair_step.twist 
_ndb_struct_na_base_pair_step.x_displacement 
_ndb_struct_na_base_pair_step.y_displacement 
_ndb_struct_na_base_pair_step.helical_rise 
_ndb_struct_na_base_pair_step.inclination 
_ndb_struct_na_base_pair_step.tip 
_ndb_struct_na_base_pair_step.helical_twist 
_ndb_struct_na_base_pair_step.step_number 
_ndb_struct_na_base_pair_step.step_name 
_ndb_struct_na_base_pair_step.i_auth_asym_id_1 
_ndb_struct_na_base_pair_step.i_auth_seq_id_1 
_ndb_struct_na_base_pair_step.i_PDB_ins_code_1 
_ndb_struct_na_base_pair_step.j_auth_asym_id_1 
_ndb_struct_na_base_pair_step.j_auth_seq_id_1 
_ndb_struct_na_base_pair_step.j_PDB_ins_code_1 
_ndb_struct_na_base_pair_step.i_auth_asym_id_2 
_ndb_struct_na_base_pair_step.i_auth_seq_id_2 
_ndb_struct_na_base_pair_step.i_PDB_ins_code_2 
_ndb_struct_na_base_pair_step.j_auth_asym_id_2 
_ndb_struct_na_base_pair_step.j_auth_seq_id_2 
_ndb_struct_na_base_pair_step.j_PDB_ins_code_2 
1 A G 1  1_555 A C 19 9_769 A G 2  1_555 A C 18 9_769 -0.451 -2.019 3.261 -3.498  1.902   33.172 -3.824 0.214  3.173 3.316  6.099 
33.404  1  AA_G1G2:C18C19_AA   A 1  ? A 19 ? A 2  ? A 18 ? 
1 A G 2  1_555 A C 18 9_769 A C 3  1_555 A G 17 9_769 0.209  -2.307 3.222 -0.145  4.976   32.016 -4.954 -0.398 2.840 8.955  0.262 
32.391  2  AA_G2C3:G17C18_AA   A 2  ? A 18 ? A 3  ? A 17 ? 
1 A G 1  9_769 A C 19 1_555 A G 2  9_769 A C 18 1_555 -0.451 -2.019 3.261 -3.498  1.902   33.172 -3.824 0.214  3.173 3.316  6.099 
33.404  3  AA_G1G2:C18C19_AA   A 1  ? A 19 ? A 2  ? A 18 ? 
1 A G 2  9_769 A C 18 1_555 A C 3  9_769 A G 17 1_555 0.209  -2.307 3.222 -0.145  4.976   32.016 -4.954 -0.398 2.840 8.955  0.262 
32.391  4  AA_G2C3:G17C18_AA   A 2  ? A 18 ? A 3  ? A 17 ? 
1 A G 7  1_555 A A 16 9_769 A A 8  1_555 A G 15 9_769 -1.180 -1.811 4.814 -10.164 -14.631 -8.633 12.713 -8.605 0.168 52.847 
-36.713 -19.781 5  AA_G7A8:G15A16_AA   A 7  ? A 16 ? A 8  ? A 15 ? 
1 A A 8  1_555 A G 15 9_769 A A 9  1_555 A G 14 9_769 -0.752 -0.360 2.923 -10.651 6.641   29.229 -1.784 -0.432 2.869 12.460 19.984 
31.756  6  AA_A8A9:G14G15_AA   A 8  ? A 15 ? A 9  ? A 14 ? 
1 A A 9  1_555 A G 14 9_769 A C 10 1_555 A G 13 9_769 0.122  -0.768 3.198 -1.959  8.301   64.169 -1.055 -0.194 3.084 7.778  1.836 
64.673  7  AA_A9C10:G13G14_AA  A 9  ? A 14 ? A 10 ? A 13 ? 
1 A C 10 1_555 A G 13 9_769 A C 11 1_555 A G 12 9_769 -0.576 -2.172 3.496 -3.459  9.702   30.021 -5.724 0.431  2.727 18.073 6.444 
31.701  8  AA_C10C11:G12G13_AA A 10 ? A 13 ? A 11 ? A 12 ? 
1 A C 11 1_555 A G 12 9_769 A G 12 1_555 A C 11 9_769 0.000  -2.026 3.533 0.000   7.188   27.573 -5.769 0.000  2.921 14.765 0.000 
28.477  9  AA_C11G12:C11G12_AA A 11 ? A 12 ? A 12 ? A 11 ? 
1 A G 12 1_555 A C 11 9_769 A G 13 1_555 A C 10 9_769 0.576  -2.172 3.496 3.459   9.702   30.021 -5.724 -0.431 2.727 18.073 -6.444 
31.701  10 AA_G12G13:C10C11_AA A 12 ? A 11 ? A 13 ? A 10 ? 
1 A G 13 1_555 A C 10 9_769 A G 14 1_555 A A 9  9_769 -0.122 -0.768 3.198 1.959   8.301   64.169 -1.055 0.194  3.084 7.778  -1.836 
64.673  11 AA_G13G14:A9C10_AA  A 13 ? A 10 ? A 14 ? A 9  ? 
1 A G 14 1_555 A A 9  9_769 A G 15 1_555 A A 8  9_769 0.752  -0.360 2.923 10.651  6.641   29.229 -1.784 0.432  2.869 12.460 
-19.984 31.756  12 AA_G14G15:A8A9_AA   A 14 ? A 9  ? A 15 ? A 8  ? 
1 A G 15 1_555 A A 8  9_769 A A 16 1_555 A G 7  9_769 1.180  -1.811 4.814 10.164  -14.631 -8.633 12.713 8.605  0.168 52.847 36.713 
-19.781 13 AA_G15A16:G7A8_AA   A 15 ? A 8  ? A 16 ? A 7  ? 
# 
loop_
_pdbx_entity_nonpoly.entity_id 
_pdbx_entity_nonpoly.name 
_pdbx_entity_nonpoly.comp_id 
2 'MAGNESIUM ION' MG  
3 water           HOH 
# 
_pdbx_initial_refinement_model.id               1 
_pdbx_initial_refinement_model.entity_id_list   ? 
_pdbx_initial_refinement_model.type             'experimental model' 
_pdbx_initial_refinement_model.source_name      PDB 
_pdbx_initial_refinement_model.accession_code   4C40 
_pdbx_initial_refinement_model.details          'PDB ENTRY 4C40' 
# 
